data_2QTD
# 
_entry.id   2QTD 
# 
_audit_conform.dict_name       mmcif_pdbx.dic 
_audit_conform.dict_version    5.398 
_audit_conform.dict_location   http://mmcif.pdb.org/dictionaries/ascii/mmcif_pdbx.dic 
# 
loop_
_database_2.database_id 
_database_2.database_code 
_database_2.pdbx_database_accession 
_database_2.pdbx_DOI 
PDB   2QTD         pdb_00002qtd 10.2210/pdb2qtd/pdb 
RCSB  RCSB044030   ?            ?                   
WWPDB D_1000044030 ?            ?                   
# 
loop_
_pdbx_audit_revision_history.ordinal 
_pdbx_audit_revision_history.data_content_type 
_pdbx_audit_revision_history.major_revision 
_pdbx_audit_revision_history.minor_revision 
_pdbx_audit_revision_history.revision_date 
1 'Structure model' 1 0 2007-08-21 
2 'Structure model' 1 1 2011-07-13 
3 'Structure model' 1 2 2017-10-25 
4 'Structure model' 1 3 2019-07-24 
5 'Structure model' 1 4 2023-01-25 
6 'Structure model' 1 5 2024-10-30 
# 
_pdbx_audit_revision_details.ordinal             1 
_pdbx_audit_revision_details.revision_ordinal    1 
_pdbx_audit_revision_details.data_content_type   'Structure model' 
_pdbx_audit_revision_details.provider            repository 
_pdbx_audit_revision_details.type                'Initial release' 
_pdbx_audit_revision_details.description         ? 
_pdbx_audit_revision_details.details             ? 
# 
loop_
_pdbx_audit_revision_group.ordinal 
_pdbx_audit_revision_group.revision_ordinal 
_pdbx_audit_revision_group.data_content_type 
_pdbx_audit_revision_group.group 
1  2 'Structure model' Advisory                     
2  2 'Structure model' 'Version format compliance'  
3  3 'Structure model' 'Author supporting evidence' 
4  3 'Structure model' 'Refinement description'     
5  4 'Structure model' 'Data collection'            
6  4 'Structure model' 'Derived calculations'       
7  4 'Structure model' 'Refinement description'     
8  5 'Structure model' 'Database references'        
9  5 'Structure model' 'Derived calculations'       
10 6 'Structure model' 'Data collection'            
11 6 'Structure model' 'Structure summary'          
# 
loop_
_pdbx_audit_revision_category.ordinal 
_pdbx_audit_revision_category.revision_ordinal 
_pdbx_audit_revision_category.data_content_type 
_pdbx_audit_revision_category.category 
1  3 'Structure model' pdbx_struct_assembly_auth_evidence 
2  3 'Structure model' software                           
3  4 'Structure model' software                           
4  4 'Structure model' struct_conn                        
5  5 'Structure model' database_2                         
6  5 'Structure model' struct_ref_seq_dif                 
7  5 'Structure model' struct_site                        
8  6 'Structure model' chem_comp_atom                     
9  6 'Structure model' chem_comp_bond                     
10 6 'Structure model' pdbx_entry_details                 
11 6 'Structure model' pdbx_modification_feature          
# 
loop_
_pdbx_audit_revision_item.ordinal 
_pdbx_audit_revision_item.revision_ordinal 
_pdbx_audit_revision_item.data_content_type 
_pdbx_audit_revision_item.item 
1  3 'Structure model' '_software.classification'            
2  3 'Structure model' '_software.name'                      
3  4 'Structure model' '_software.classification'            
4  4 'Structure model' '_software.contact_author'            
5  4 'Structure model' '_software.contact_author_email'      
6  4 'Structure model' '_software.language'                  
7  4 'Structure model' '_software.location'                  
8  4 'Structure model' '_software.name'                      
9  4 'Structure model' '_software.type'                      
10 4 'Structure model' '_software.version'                   
11 4 'Structure model' '_struct_conn.pdbx_leaving_atom_flag' 
12 5 'Structure model' '_database_2.pdbx_DOI'                
13 5 'Structure model' '_database_2.pdbx_database_accession' 
14 5 'Structure model' '_struct_ref_seq_dif.details'         
15 5 'Structure model' '_struct_site.pdbx_auth_asym_id'      
16 5 'Structure model' '_struct_site.pdbx_auth_comp_id'      
17 5 'Structure model' '_struct_site.pdbx_auth_seq_id'       
# 
_pdbx_database_status.SG_entry                        Y 
_pdbx_database_status.entry_id                        2QTD 
_pdbx_database_status.deposit_site                    RCSB 
_pdbx_database_status.process_site                    RCSB 
_pdbx_database_status.recvd_initial_deposition_date   2007-08-01 
_pdbx_database_status.status_code                     REL 
_pdbx_database_status.status_code_sf                  REL 
_pdbx_database_status.status_code_mr                  ? 
_pdbx_database_status.status_code_cs                  ? 
_pdbx_database_status.pdb_format_compatible           Y 
_pdbx_database_status.methods_development_category    ? 
_pdbx_database_status.status_code_nmr_data            ? 
# 
_pdbx_database_related.db_name        TargetDB 
_pdbx_database_related.db_id          376479 
_pdbx_database_related.details        . 
_pdbx_database_related.content_type   unspecified 
# 
_audit_author.name           'Joint Center for Structural Genomics (JCSG)' 
_audit_author.pdbx_ordinal   1 
# 
_citation.id                        primary 
_citation.title                     'NMR structure of the protein NP_247299.1: comparison with the crystal structure.' 
_citation.journal_abbrev            'Acta Crystallogr.,Sect.F' 
_citation.journal_volume            66 
_citation.page_first                1367 
_citation.page_last                 1380 
_citation.year                      2010 
_citation.journal_id_ASTM           ? 
_citation.country                   DK 
_citation.journal_id_ISSN           1744-3091 
_citation.journal_id_CSD            ? 
_citation.book_publisher            ? 
_citation.pdbx_database_id_PubMed   20944234 
_citation.pdbx_database_id_DOI      10.1107/S1744309110005890 
# 
loop_
_citation_author.citation_id 
_citation_author.name 
_citation_author.ordinal 
_citation_author.identifier_ORCID 
primary 'Jaudzems, K.'   1 ? 
primary 'Geralt, M.'     2 ? 
primary 'Serrano, P.'    3 ? 
primary 'Mohanty, B.'    4 ? 
primary 'Horst, R.'      5 ? 
primary 'Pedrini, B.'    6 ? 
primary 'Elsliger, M.A.' 7 ? 
primary 'Wilson, I.A.'   8 ? 
primary 'Wuthrich, K.'   9 ? 
# 
loop_
_entity.id 
_entity.type 
_entity.src_method 
_entity.pdbx_description 
_entity.formula_weight 
_entity.pdbx_number_of_molecules 
_entity.pdbx_ec 
_entity.pdbx_mutation 
_entity.pdbx_fragment 
_entity.details 
1 polymer     man 'Uncharacterized protein MJ0327'         12112.358 1  ? ? ? ? 
2 non-polymer syn 2-AMINO-2-HYDROXYMETHYL-PROPANE-1,3-DIOL 122.143   1  ? ? ? ? 
3 non-polymer syn 'TETRAETHYLENE GLYCOL'                   194.226   7  ? ? ? ? 
4 water       nat water                                    18.015    65 ? ? ? ? 
# 
_entity_poly.entity_id                      1 
_entity_poly.type                           'polypeptide(L)' 
_entity_poly.nstd_linkage                   no 
_entity_poly.nstd_monomer                   yes 
_entity_poly.pdbx_seq_one_letter_code       
;G(MSE)IN(MSE)KVAIS(MSE)DVDKISNSFEDCKYFLIVRIDDNEVKSTKVIFNDESGKKSIVKENVNAIICKNISEE
NYKKFSKKIEIYHAEGDDVDKNISLFIEGELSKISNP
;
_entity_poly.pdbx_seq_one_letter_code_can   
;GMINMKVAISMDVDKISNSFEDCKYFLIVRIDDNEVKSTKVIFNDESGKKSIVKENVNAIICKNISEENYKKFSKKIEIY
HAEGDDVDKNISLFIEGELSKISNP
;
_entity_poly.pdbx_strand_id                 A 
_entity_poly.pdbx_target_identifier         376479 
# 
loop_
_pdbx_entity_nonpoly.entity_id 
_pdbx_entity_nonpoly.name 
_pdbx_entity_nonpoly.comp_id 
2 2-AMINO-2-HYDROXYMETHYL-PROPANE-1,3-DIOL TRS 
3 'TETRAETHYLENE GLYCOL'                   PG4 
4 water                                    HOH 
# 
loop_
_entity_poly_seq.entity_id 
_entity_poly_seq.num 
_entity_poly_seq.mon_id 
_entity_poly_seq.hetero 
1 1   GLY n 
1 2   MSE n 
1 3   ILE n 
1 4   ASN n 
1 5   MSE n 
1 6   LYS n 
1 7   VAL n 
1 8   ALA n 
1 9   ILE n 
1 10  SER n 
1 11  MSE n 
1 12  ASP n 
1 13  VAL n 
1 14  ASP n 
1 15  LYS n 
1 16  ILE n 
1 17  SER n 
1 18  ASN n 
1 19  SER n 
1 20  PHE n 
1 21  GLU n 
1 22  ASP n 
1 23  CYS n 
1 24  LYS n 
1 25  TYR n 
1 26  PHE n 
1 27  LEU n 
1 28  ILE n 
1 29  VAL n 
1 30  ARG n 
1 31  ILE n 
1 32  ASP n 
1 33  ASP n 
1 34  ASN n 
1 35  GLU n 
1 36  VAL n 
1 37  LYS n 
1 38  SER n 
1 39  THR n 
1 40  LYS n 
1 41  VAL n 
1 42  ILE n 
1 43  PHE n 
1 44  ASN n 
1 45  ASP n 
1 46  GLU n 
1 47  SER n 
1 48  GLY n 
1 49  LYS n 
1 50  LYS n 
1 51  SER n 
1 52  ILE n 
1 53  VAL n 
1 54  LYS n 
1 55  GLU n 
1 56  ASN n 
1 57  VAL n 
1 58  ASN n 
1 59  ALA n 
1 60  ILE n 
1 61  ILE n 
1 62  CYS n 
1 63  LYS n 
1 64  ASN n 
1 65  ILE n 
1 66  SER n 
1 67  GLU n 
1 68  GLU n 
1 69  ASN n 
1 70  TYR n 
1 71  LYS n 
1 72  LYS n 
1 73  PHE n 
1 74  SER n 
1 75  LYS n 
1 76  LYS n 
1 77  ILE n 
1 78  GLU n 
1 79  ILE n 
1 80  TYR n 
1 81  HIS n 
1 82  ALA n 
1 83  GLU n 
1 84  GLY n 
1 85  ASP n 
1 86  ASP n 
1 87  VAL n 
1 88  ASP n 
1 89  LYS n 
1 90  ASN n 
1 91  ILE n 
1 92  SER n 
1 93  LEU n 
1 94  PHE n 
1 95  ILE n 
1 96  GLU n 
1 97  GLY n 
1 98  GLU n 
1 99  LEU n 
1 100 SER n 
1 101 LYS n 
1 102 ILE n 
1 103 SER n 
1 104 ASN n 
1 105 PRO n 
# 
_entity_src_gen.entity_id                          1 
_entity_src_gen.pdbx_src_id                        1 
_entity_src_gen.pdbx_alt_source_flag               sample 
_entity_src_gen.pdbx_seq_type                      ? 
_entity_src_gen.pdbx_beg_seq_num                   ? 
_entity_src_gen.pdbx_end_seq_num                   ? 
_entity_src_gen.gene_src_common_name               ? 
_entity_src_gen.gene_src_genus                     Methanocaldococcus 
_entity_src_gen.pdbx_gene_src_gene                 'NP_247299.1, MJ0327' 
_entity_src_gen.gene_src_species                   'Methanocaldococcus jannaschii' 
_entity_src_gen.gene_src_strain                    'DSM 2661, JAL-1, JCM 10045, NBRC 100440' 
_entity_src_gen.gene_src_tissue                    ? 
_entity_src_gen.gene_src_tissue_fraction           ? 
_entity_src_gen.gene_src_details                   ? 
_entity_src_gen.pdbx_gene_src_fragment             ? 
_entity_src_gen.pdbx_gene_src_scientific_name      'Methanocaldococcus jannaschii DSM 2661' 
_entity_src_gen.pdbx_gene_src_ncbi_taxonomy_id     243232 
_entity_src_gen.pdbx_gene_src_variant              ? 
_entity_src_gen.pdbx_gene_src_cell_line            ? 
_entity_src_gen.pdbx_gene_src_atcc                 43067 
_entity_src_gen.pdbx_gene_src_organ                ? 
_entity_src_gen.pdbx_gene_src_organelle            ? 
_entity_src_gen.pdbx_gene_src_cell                 ? 
_entity_src_gen.pdbx_gene_src_cellular_location    ? 
_entity_src_gen.host_org_common_name               ? 
_entity_src_gen.pdbx_host_org_scientific_name      'Escherichia coli' 
_entity_src_gen.pdbx_host_org_ncbi_taxonomy_id     562 
_entity_src_gen.host_org_genus                     Escherichia 
_entity_src_gen.pdbx_host_org_gene                 ? 
_entity_src_gen.pdbx_host_org_organ                ? 
_entity_src_gen.host_org_species                   ? 
_entity_src_gen.pdbx_host_org_tissue               ? 
_entity_src_gen.pdbx_host_org_tissue_fraction      ? 
_entity_src_gen.pdbx_host_org_strain               HK100 
_entity_src_gen.pdbx_host_org_variant              ? 
_entity_src_gen.pdbx_host_org_cell_line            ? 
_entity_src_gen.pdbx_host_org_atcc                 ? 
_entity_src_gen.pdbx_host_org_culture_collection   ? 
_entity_src_gen.pdbx_host_org_cell                 ? 
_entity_src_gen.pdbx_host_org_organelle            ? 
_entity_src_gen.pdbx_host_org_cellular_location    ? 
_entity_src_gen.pdbx_host_org_vector_type          Plasmid 
_entity_src_gen.pdbx_host_org_vector               ? 
_entity_src_gen.host_org_details                   ? 
_entity_src_gen.expression_system_id               ? 
_entity_src_gen.plasmid_name                       speedET 
_entity_src_gen.plasmid_details                    ? 
_entity_src_gen.pdbx_description                   ? 
# 
loop_
_chem_comp.id 
_chem_comp.type 
_chem_comp.mon_nstd_flag 
_chem_comp.name 
_chem_comp.pdbx_synonyms 
_chem_comp.formula 
_chem_comp.formula_weight 
ALA 'L-peptide linking' y ALANINE                                  ?             'C3 H7 N O2'     89.093  
ARG 'L-peptide linking' y ARGININE                                 ?             'C6 H15 N4 O2 1' 175.209 
ASN 'L-peptide linking' y ASPARAGINE                               ?             'C4 H8 N2 O3'    132.118 
ASP 'L-peptide linking' y 'ASPARTIC ACID'                          ?             'C4 H7 N O4'     133.103 
CYS 'L-peptide linking' y CYSTEINE                                 ?             'C3 H7 N O2 S'   121.158 
GLU 'L-peptide linking' y 'GLUTAMIC ACID'                          ?             'C5 H9 N O4'     147.129 
GLY 'peptide linking'   y GLYCINE                                  ?             'C2 H5 N O2'     75.067  
HIS 'L-peptide linking' y HISTIDINE                                ?             'C6 H10 N3 O2 1' 156.162 
HOH non-polymer         . WATER                                    ?             'H2 O'           18.015  
ILE 'L-peptide linking' y ISOLEUCINE                               ?             'C6 H13 N O2'    131.173 
LEU 'L-peptide linking' y LEUCINE                                  ?             'C6 H13 N O2'    131.173 
LYS 'L-peptide linking' y LYSINE                                   ?             'C6 H15 N2 O2 1' 147.195 
MSE 'L-peptide linking' n SELENOMETHIONINE                         ?             'C5 H11 N O2 Se' 196.106 
PG4 non-polymer         . 'TETRAETHYLENE GLYCOL'                   ?             'C8 H18 O5'      194.226 
PHE 'L-peptide linking' y PHENYLALANINE                            ?             'C9 H11 N O2'    165.189 
PRO 'L-peptide linking' y PROLINE                                  ?             'C5 H9 N O2'     115.130 
SER 'L-peptide linking' y SERINE                                   ?             'C3 H7 N O3'     105.093 
THR 'L-peptide linking' y THREONINE                                ?             'C4 H9 N O3'     119.119 
TRS non-polymer         . 2-AMINO-2-HYDROXYMETHYL-PROPANE-1,3-DIOL 'TRIS BUFFER' 'C4 H12 N O3 1'  122.143 
TYR 'L-peptide linking' y TYROSINE                                 ?             'C9 H11 N O3'    181.189 
VAL 'L-peptide linking' y VALINE                                   ?             'C5 H11 N O2'    117.146 
# 
loop_
_pdbx_poly_seq_scheme.asym_id 
_pdbx_poly_seq_scheme.entity_id 
_pdbx_poly_seq_scheme.seq_id 
_pdbx_poly_seq_scheme.mon_id 
_pdbx_poly_seq_scheme.ndb_seq_num 
_pdbx_poly_seq_scheme.pdb_seq_num 
_pdbx_poly_seq_scheme.auth_seq_num 
_pdbx_poly_seq_scheme.pdb_mon_id 
_pdbx_poly_seq_scheme.auth_mon_id 
_pdbx_poly_seq_scheme.pdb_strand_id 
_pdbx_poly_seq_scheme.pdb_ins_code 
_pdbx_poly_seq_scheme.hetero 
A 1 1   GLY 1   0   ?   ?   ?   A . n 
A 1 2   MSE 2   1   1   MSE MSE A . n 
A 1 3   ILE 3   2   2   ILE ILE A . n 
A 1 4   ASN 4   3   3   ASN ASN A . n 
A 1 5   MSE 5   4   4   MSE MSE A . n 
A 1 6   LYS 6   5   5   LYS LYS A . n 
A 1 7   VAL 7   6   6   VAL VAL A . n 
A 1 8   ALA 8   7   7   ALA ALA A . n 
A 1 9   ILE 9   8   8   ILE ILE A . n 
A 1 10  SER 10  9   9   SER SER A . n 
A 1 11  MSE 11  10  10  MSE MSE A . n 
A 1 12  ASP 12  11  11  ASP ASP A . n 
A 1 13  VAL 13  12  12  VAL VAL A . n 
A 1 14  ASP 14  13  13  ASP ASP A . n 
A 1 15  LYS 15  14  14  LYS LYS A . n 
A 1 16  ILE 16  15  15  ILE ILE A . n 
A 1 17  SER 17  16  16  SER SER A . n 
A 1 18  ASN 18  17  17  ASN ASN A . n 
A 1 19  SER 19  18  18  SER SER A . n 
A 1 20  PHE 20  19  19  PHE PHE A . n 
A 1 21  GLU 21  20  20  GLU GLU A . n 
A 1 22  ASP 22  21  21  ASP ASP A . n 
A 1 23  CYS 23  22  22  CYS CYS A . n 
A 1 24  LYS 24  23  23  LYS LYS A . n 
A 1 25  TYR 25  24  24  TYR TYR A . n 
A 1 26  PHE 26  25  25  PHE PHE A . n 
A 1 27  LEU 27  26  26  LEU LEU A . n 
A 1 28  ILE 28  27  27  ILE ILE A . n 
A 1 29  VAL 29  28  28  VAL VAL A . n 
A 1 30  ARG 30  29  29  ARG ARG A . n 
A 1 31  ILE 31  30  30  ILE ILE A . n 
A 1 32  ASP 32  31  31  ASP ASP A . n 
A 1 33  ASP 33  32  32  ASP ASP A . n 
A 1 34  ASN 34  33  33  ASN ASN A . n 
A 1 35  GLU 35  34  34  GLU GLU A . n 
A 1 36  VAL 36  35  35  VAL VAL A . n 
A 1 37  LYS 37  36  36  LYS LYS A . n 
A 1 38  SER 38  37  37  SER SER A . n 
A 1 39  THR 39  38  38  THR THR A . n 
A 1 40  LYS 40  39  39  LYS LYS A . n 
A 1 41  VAL 41  40  40  VAL VAL A . n 
A 1 42  ILE 42  41  41  ILE ILE A . n 
A 1 43  PHE 43  42  42  PHE PHE A . n 
A 1 44  ASN 44  43  43  ASN ASN A . n 
A 1 45  ASP 45  44  44  ASP ASP A . n 
A 1 46  GLU 46  45  45  GLU GLU A . n 
A 1 47  SER 47  46  46  SER SER A . n 
A 1 48  GLY 48  47  47  GLY GLY A . n 
A 1 49  LYS 49  48  48  LYS LYS A . n 
A 1 50  LYS 50  49  49  LYS LYS A . n 
A 1 51  SER 51  50  50  SER SER A . n 
A 1 52  ILE 52  51  51  ILE ILE A . n 
A 1 53  VAL 53  52  52  VAL VAL A . n 
A 1 54  LYS 54  53  53  LYS LYS A . n 
A 1 55  GLU 55  54  54  GLU GLU A . n 
A 1 56  ASN 56  55  55  ASN ASN A . n 
A 1 57  VAL 57  56  56  VAL VAL A . n 
A 1 58  ASN 58  57  57  ASN ASN A . n 
A 1 59  ALA 59  58  58  ALA ALA A . n 
A 1 60  ILE 60  59  59  ILE ILE A . n 
A 1 61  ILE 61  60  60  ILE ILE A . n 
A 1 62  CYS 62  61  61  CYS CYS A . n 
A 1 63  LYS 63  62  62  LYS LYS A . n 
A 1 64  ASN 64  63  63  ASN ASN A . n 
A 1 65  ILE 65  64  64  ILE ILE A . n 
A 1 66  SER 66  65  65  SER SER A . n 
A 1 67  GLU 67  66  66  GLU GLU A . n 
A 1 68  GLU 68  67  67  GLU GLU A . n 
A 1 69  ASN 69  68  68  ASN ASN A . n 
A 1 70  TYR 70  69  69  TYR TYR A . n 
A 1 71  LYS 71  70  70  LYS LYS A . n 
A 1 72  LYS 72  71  71  LYS LYS A . n 
A 1 73  PHE 73  72  72  PHE PHE A . n 
A 1 74  SER 74  73  73  SER SER A . n 
A 1 75  LYS 75  74  74  LYS LYS A . n 
A 1 76  LYS 76  75  75  LYS LYS A . n 
A 1 77  ILE 77  76  76  ILE ILE A . n 
A 1 78  GLU 78  77  77  GLU GLU A . n 
A 1 79  ILE 79  78  78  ILE ILE A . n 
A 1 80  TYR 80  79  79  TYR TYR A . n 
A 1 81  HIS 81  80  80  HIS HIS A . n 
A 1 82  ALA 82  81  81  ALA ALA A . n 
A 1 83  GLU 83  82  82  GLU GLU A . n 
A 1 84  GLY 84  83  83  GLY GLY A . n 
A 1 85  ASP 85  84  84  ASP ASP A . n 
A 1 86  ASP 86  85  85  ASP ASP A . n 
A 1 87  VAL 87  86  86  VAL VAL A . n 
A 1 88  ASP 88  87  87  ASP ASP A . n 
A 1 89  LYS 89  88  88  LYS LYS A . n 
A 1 90  ASN 90  89  89  ASN ASN A . n 
A 1 91  ILE 91  90  90  ILE ILE A . n 
A 1 92  SER 92  91  91  SER SER A . n 
A 1 93  LEU 93  92  92  LEU LEU A . n 
A 1 94  PHE 94  93  93  PHE PHE A . n 
A 1 95  ILE 95  94  94  ILE ILE A . n 
A 1 96  GLU 96  95  95  GLU GLU A . n 
A 1 97  GLY 97  96  96  GLY GLY A . n 
A 1 98  GLU 98  97  97  GLU GLU A . n 
A 1 99  LEU 99  98  98  LEU LEU A . n 
A 1 100 SER 100 99  99  SER SER A . n 
A 1 101 LYS 101 100 100 LYS LYS A . n 
A 1 102 ILE 102 101 101 ILE ILE A . n 
A 1 103 SER 103 102 102 SER SER A . n 
A 1 104 ASN 104 103 103 ASN ASN A . n 
A 1 105 PRO 105 104 104 PRO PRO A . n 
# 
loop_
_pdbx_nonpoly_scheme.asym_id 
_pdbx_nonpoly_scheme.entity_id 
_pdbx_nonpoly_scheme.mon_id 
_pdbx_nonpoly_scheme.ndb_seq_num 
_pdbx_nonpoly_scheme.pdb_seq_num 
_pdbx_nonpoly_scheme.auth_seq_num 
_pdbx_nonpoly_scheme.pdb_mon_id 
_pdbx_nonpoly_scheme.auth_mon_id 
_pdbx_nonpoly_scheme.pdb_strand_id 
_pdbx_nonpoly_scheme.pdb_ins_code 
B 2 TRS 1  105 1  TRS TRS A . 
C 3 PG4 1  106 2  PG4 PG4 A . 
D 3 PG4 1  107 3  PG4 PG4 A . 
E 3 PG4 1  108 4  PG4 PG4 A . 
F 3 PG4 1  109 5  PG4 PG4 A . 
G 3 PG4 1  110 6  PG4 PG4 A . 
H 3 PG4 1  111 7  PG4 PG4 A . 
I 3 PG4 1  112 8  PG4 PG4 A . 
J 4 HOH 1  113 9  HOH HOH A . 
J 4 HOH 2  114 10 HOH HOH A . 
J 4 HOH 3  115 11 HOH HOH A . 
J 4 HOH 4  116 12 HOH HOH A . 
J 4 HOH 5  117 13 HOH HOH A . 
J 4 HOH 6  118 14 HOH HOH A . 
J 4 HOH 7  119 15 HOH HOH A . 
J 4 HOH 8  120 16 HOH HOH A . 
J 4 HOH 9  121 17 HOH HOH A . 
J 4 HOH 10 122 18 HOH HOH A . 
J 4 HOH 11 123 19 HOH HOH A . 
J 4 HOH 12 124 20 HOH HOH A . 
J 4 HOH 13 125 21 HOH HOH A . 
J 4 HOH 14 126 22 HOH HOH A . 
J 4 HOH 15 127 23 HOH HOH A . 
J 4 HOH 16 128 24 HOH HOH A . 
J 4 HOH 17 129 25 HOH HOH A . 
J 4 HOH 18 130 26 HOH HOH A . 
J 4 HOH 19 131 27 HOH HOH A . 
J 4 HOH 20 132 28 HOH HOH A . 
J 4 HOH 21 133 29 HOH HOH A . 
J 4 HOH 22 134 30 HOH HOH A . 
J 4 HOH 23 135 31 HOH HOH A . 
J 4 HOH 24 136 32 HOH HOH A . 
J 4 HOH 25 137 33 HOH HOH A . 
J 4 HOH 26 138 34 HOH HOH A . 
J 4 HOH 27 139 35 HOH HOH A . 
J 4 HOH 28 140 36 HOH HOH A . 
J 4 HOH 29 141 37 HOH HOH A . 
J 4 HOH 30 142 38 HOH HOH A . 
J 4 HOH 31 143 39 HOH HOH A . 
J 4 HOH 32 144 40 HOH HOH A . 
J 4 HOH 33 145 41 HOH HOH A . 
J 4 HOH 34 146 42 HOH HOH A . 
J 4 HOH 35 147 43 HOH HOH A . 
J 4 HOH 36 148 44 HOH HOH A . 
J 4 HOH 37 149 45 HOH HOH A . 
J 4 HOH 38 150 46 HOH HOH A . 
J 4 HOH 39 151 47 HOH HOH A . 
J 4 HOH 40 152 48 HOH HOH A . 
J 4 HOH 41 153 49 HOH HOH A . 
J 4 HOH 42 154 50 HOH HOH A . 
J 4 HOH 43 155 51 HOH HOH A . 
J 4 HOH 44 156 52 HOH HOH A . 
J 4 HOH 45 157 53 HOH HOH A . 
J 4 HOH 46 158 54 HOH HOH A . 
J 4 HOH 47 159 55 HOH HOH A . 
J 4 HOH 48 160 56 HOH HOH A . 
J 4 HOH 49 161 57 HOH HOH A . 
J 4 HOH 50 162 58 HOH HOH A . 
J 4 HOH 51 163 59 HOH HOH A . 
J 4 HOH 52 164 60 HOH HOH A . 
J 4 HOH 53 165 61 HOH HOH A . 
J 4 HOH 54 166 62 HOH HOH A . 
J 4 HOH 55 167 63 HOH HOH A . 
J 4 HOH 56 168 64 HOH HOH A . 
J 4 HOH 57 169 65 HOH HOH A . 
J 4 HOH 58 170 66 HOH HOH A . 
J 4 HOH 59 171 67 HOH HOH A . 
J 4 HOH 60 172 68 HOH HOH A . 
J 4 HOH 61 173 69 HOH HOH A . 
J 4 HOH 62 174 70 HOH HOH A . 
J 4 HOH 63 175 71 HOH HOH A . 
J 4 HOH 64 176 72 HOH HOH A . 
J 4 HOH 65 177 73 HOH HOH A . 
# 
loop_
_pdbx_unobs_or_zero_occ_atoms.id 
_pdbx_unobs_or_zero_occ_atoms.PDB_model_num 
_pdbx_unobs_or_zero_occ_atoms.polymer_flag 
_pdbx_unobs_or_zero_occ_atoms.occupancy_flag 
_pdbx_unobs_or_zero_occ_atoms.auth_asym_id 
_pdbx_unobs_or_zero_occ_atoms.auth_comp_id 
_pdbx_unobs_or_zero_occ_atoms.auth_seq_id 
_pdbx_unobs_or_zero_occ_atoms.PDB_ins_code 
_pdbx_unobs_or_zero_occ_atoms.auth_atom_id 
_pdbx_unobs_or_zero_occ_atoms.label_alt_id 
_pdbx_unobs_or_zero_occ_atoms.label_asym_id 
_pdbx_unobs_or_zero_occ_atoms.label_comp_id 
_pdbx_unobs_or_zero_occ_atoms.label_seq_id 
_pdbx_unobs_or_zero_occ_atoms.label_atom_id 
1  1 Y 1 A GLU 45  ? CG  ? A GLU 46 CG  
2  1 Y 1 A GLU 45  ? CD  ? A GLU 46 CD  
3  1 Y 1 A GLU 45  ? OE1 ? A GLU 46 OE1 
4  1 Y 1 A GLU 45  ? OE2 ? A GLU 46 OE2 
5  1 Y 1 A LYS 49  ? NZ  ? A LYS 50 NZ  
6  1 Y 1 A LYS 53  ? CE  ? A LYS 54 CE  
7  1 Y 1 A LYS 53  ? NZ  ? A LYS 54 NZ  
8  1 Y 1 A GLU 67  ? CG  ? A GLU 68 CG  
9  1 Y 1 A GLU 67  ? CD  ? A GLU 68 CD  
10 1 Y 1 A GLU 67  ? OE1 ? A GLU 68 OE1 
11 1 Y 1 A GLU 67  ? OE2 ? A GLU 68 OE2 
12 1 Y 1 A LYS 70  ? CD  ? A LYS 71 CD  
13 1 Y 1 A LYS 70  ? CE  ? A LYS 71 CE  
14 1 Y 1 A LYS 70  ? NZ  ? A LYS 71 NZ  
15 1 Y 1 A LYS 75  ? CE  ? A LYS 76 CE  
16 1 Y 1 A LYS 75  ? NZ  ? A LYS 76 NZ  
17 1 Y 1 A LYS 88  ? CD  ? A LYS 89 CD  
18 1 Y 1 A LYS 88  ? CE  ? A LYS 89 CE  
19 1 Y 1 A LYS 88  ? NZ  ? A LYS 89 NZ  
20 1 N 1 A PG4 106 ? O1  ? C PG4 1  O1  
21 1 N 1 A PG4 106 ? C1  ? C PG4 1  C1  
22 1 N 1 A PG4 107 ? O1  ? D PG4 1  O1  
23 1 N 1 A PG4 107 ? C1  ? D PG4 1  C1  
24 1 N 1 A PG4 107 ? C2  ? D PG4 1  C2  
25 1 N 1 A PG4 107 ? O2  ? D PG4 1  O2  
26 1 N 1 A PG4 107 ? C3  ? D PG4 1  C3  
27 1 N 1 A PG4 108 ? O1  ? E PG4 1  O1  
28 1 N 1 A PG4 108 ? C1  ? E PG4 1  C1  
29 1 N 1 A PG4 108 ? C2  ? E PG4 1  C2  
30 1 N 1 A PG4 108 ? O2  ? E PG4 1  O2  
31 1 N 1 A PG4 108 ? C3  ? E PG4 1  C3  
32 1 N 1 A PG4 108 ? O5  ? E PG4 1  O5  
33 1 N 1 A PG4 109 ? C5  ? F PG4 1  C5  
34 1 N 1 A PG4 109 ? C6  ? F PG4 1  C6  
35 1 N 1 A PG4 109 ? O4  ? F PG4 1  O4  
36 1 N 1 A PG4 109 ? C7  ? F PG4 1  C7  
37 1 N 1 A PG4 109 ? C8  ? F PG4 1  C8  
38 1 N 1 A PG4 109 ? O5  ? F PG4 1  O5  
39 1 N 1 A PG4 111 ? C4  ? H PG4 1  C4  
40 1 N 1 A PG4 111 ? O3  ? H PG4 1  O3  
41 1 N 1 A PG4 111 ? C5  ? H PG4 1  C5  
42 1 N 1 A PG4 111 ? C6  ? H PG4 1  C6  
43 1 N 1 A PG4 111 ? O4  ? H PG4 1  O4  
44 1 N 1 A PG4 111 ? C7  ? H PG4 1  C7  
45 1 N 1 A PG4 111 ? C8  ? H PG4 1  C8  
46 1 N 1 A PG4 111 ? O5  ? H PG4 1  O5  
47 1 N 1 A PG4 112 ? C6  ? I PG4 1  C6  
48 1 N 1 A PG4 112 ? O4  ? I PG4 1  O4  
49 1 N 1 A PG4 112 ? C7  ? I PG4 1  C7  
50 1 N 1 A PG4 112 ? C8  ? I PG4 1  C8  
51 1 N 1 A PG4 112 ? O5  ? I PG4 1  O5  
# 
loop_
_software.name 
_software.version 
_software.date 
_software.type 
_software.contact_author 
_software.contact_author_email 
_software.classification 
_software.location 
_software.language 
_software.citation_id 
_software.pdbx_ordinal 
REFMAC      5.2.0019 ?                 program 'Murshudov, G.N.'            ccp4@dl.ac.uk                        refinement        
http://www.ccp4.ac.uk/main.html                                    Fortran_77 ? 1 
PHENIX      .        ?                 package 'P.D. Adams'                 PDAdams@lbl.gov                      refinement        
http://www.phenix-online.org/                                      C++        ? 2 
SOLVE       .        ?                 package 'Tom Terwilliger'            terwilliger@LANL.gov                 phasing           
http://www.solve.lanl.gov/                                         ?          ? 3 
MolProbity  3beta29  ?                 package 'D.C. & J.S. Richardson lab' molprobity@kinemage.biochem.duke.edu 'model building'  
http://kinemage.biochem.duke.edu/molprobity/                       ?          ? 4 
XSCALE      .        ?                 package 'Wolfgang Kabsch'            ?                                    'data scaling'    
http://www.mpimf-heidelberg.mpg.de/~kabsch/xds/xscale_program.html ?          ? 5 
PDB_EXTRACT 3.00     'March. 27, 2007' package PDB                          sw-help@rcsb.rutgers.edu             'data extraction' 
http://pdb.rutgers.edu/software/                                   C++        ? 6 
MAR345      CCD      ?                 ?       ?                            ?                                    'data collection' 
?                                                                  ?          ? 7 
XDS         .        ?                 ?       ?                            ?                                    'data reduction'  
?                                                                  ?          ? 8 
# 
_cell.entry_id           2QTD 
_cell.length_a           35.860 
_cell.length_b           54.120 
_cell.length_c           56.530 
_cell.angle_alpha        90.000 
_cell.angle_beta         90.000 
_cell.angle_gamma        90.000 
_cell.pdbx_unique_axis   ? 
_cell.Z_PDB              4 
_cell.length_a_esd       ? 
_cell.length_b_esd       ? 
_cell.length_c_esd       ? 
_cell.angle_alpha_esd    ? 
_cell.angle_beta_esd     ? 
_cell.angle_gamma_esd    ? 
# 
_symmetry.entry_id                         2QTD 
_symmetry.Int_Tables_number                19 
_symmetry.space_group_name_H-M             'P 21 21 21' 
_symmetry.pdbx_full_space_group_name_H-M   ? 
_symmetry.cell_setting                     ? 
_symmetry.space_group_name_Hall            ? 
# 
_exptl.crystals_number   1 
_exptl.method            'X-RAY DIFFRACTION' 
_exptl.entry_id          2QTD 
# 
_exptl_crystal.id                    1 
_exptl_crystal.density_Matthews      2.26 
_exptl_crystal.density_meas          ? 
_exptl_crystal.density_percent_sol   45.68 
_exptl_crystal.description           ? 
_exptl_crystal.F_000                 ? 
_exptl_crystal.preparation           ? 
# 
_exptl_crystal_grow.crystal_id      1 
_exptl_crystal_grow.method          'VAPOR DIFFUSION, SITTING DROP' 
_exptl_crystal_grow.pH              7.0 
_exptl_crystal_grow.temp            277 
_exptl_crystal_grow.pdbx_details    
'NANODROP, 50.0% PEG 200, 0.1M Tris-HCl pH 7.0, VAPOR DIFFUSION, SITTING DROP, temperature 277K' 
_exptl_crystal_grow.temp_details    ? 
_exptl_crystal_grow.pdbx_pH_range   . 
# 
_diffrn.id                     1 
_diffrn.ambient_temp           100 
_diffrn.ambient_temp_details   ? 
_diffrn.crystal_id             1 
# 
_diffrn_detector.diffrn_id              1 
_diffrn_detector.detector               CCD 
_diffrn_detector.type                   'MARMOSAIC 325 mm CCD' 
_diffrn_detector.details                'Flat mirror (vertical focusing)' 
_diffrn_detector.pdbx_collection_date   2007-07-02 
# 
_diffrn_radiation.diffrn_id                        1 
_diffrn_radiation.pdbx_monochromatic_or_laue_m_l   M 
_diffrn_radiation.monochromator                    'Single crystal Si(111) bent (horizontal focusing)' 
_diffrn_radiation.pdbx_diffrn_protocol             MAD 
_diffrn_radiation.wavelength_id                    1 
_diffrn_radiation.pdbx_scattering_type             x-ray 
# 
loop_
_diffrn_radiation_wavelength.id 
_diffrn_radiation_wavelength.wavelength 
_diffrn_radiation_wavelength.wt 
1 0.91837 1.0 
2 0.97883 1.0 
3 0.97916 1.0 
# 
_diffrn_source.diffrn_id                   1 
_diffrn_source.source                      SYNCHROTRON 
_diffrn_source.pdbx_synchrotron_beamline   BL11-1 
_diffrn_source.type                        'SSRL BEAMLINE BL11-1' 
_diffrn_source.pdbx_wavelength_list        '0.91837, 0.97883, 0.97916' 
_diffrn_source.pdbx_wavelength             ? 
_diffrn_source.pdbx_synchrotron_site       SSRL 
# 
_reflns.entry_id                     2QTD 
_reflns.d_resolution_high            1.70 
_reflns.d_resolution_low             28.262 
_reflns.number_obs                   12524 
_reflns.pdbx_Rmerge_I_obs            0.036 
_reflns.pdbx_netI_over_sigmaI        17.570 
_reflns.percent_possible_obs         98.500 
_reflns.B_iso_Wilson_estimate        28.904 
_reflns.observed_criterion_sigma_I   -3.00 
_reflns.observed_criterion_sigma_F   ? 
_reflns.number_all                   ? 
_reflns.pdbx_Rsym_value              ? 
_reflns.pdbx_redundancy              ? 
_reflns.R_free_details               ? 
_reflns.limit_h_max                  ? 
_reflns.limit_h_min                  ? 
_reflns.limit_k_max                  ? 
_reflns.limit_k_min                  ? 
_reflns.limit_l_max                  ? 
_reflns.limit_l_min                  ? 
_reflns.observed_criterion_F_max     ? 
_reflns.observed_criterion_F_min     ? 
_reflns.pdbx_chi_squared             ? 
_reflns.pdbx_scaling_rejects         ? 
_reflns.pdbx_ordinal                 1 
_reflns.pdbx_diffrn_id               1 
# 
loop_
_reflns_shell.d_res_high 
_reflns_shell.d_res_low 
_reflns_shell.number_measured_obs 
_reflns_shell.number_measured_all 
_reflns_shell.number_unique_obs 
_reflns_shell.Rmerge_I_obs 
_reflns_shell.meanI_over_sigI_obs 
_reflns_shell.pdbx_Rsym_value 
_reflns_shell.pdbx_chi_squared 
_reflns_shell.pdbx_redundancy 
_reflns_shell.percent_possible_obs 
_reflns_shell.number_unique_all 
_reflns_shell.percent_possible_all 
_reflns_shell.pdbx_ordinal 
_reflns_shell.pdbx_diffrn_id 
1.70 1.76   5495 ? 2078 0.320 3.1  ? ? ? ? ? 90.20  1  1 
1.76 1.83   6840 ? 2326 0.278 3.9  ? ? ? ? ? 99.70  2  1 
1.83 1.91   6679 ? 2259 0.209 5.2  ? ? ? ? ? 99.50  3  1 
1.91 2.02   7481 ? 2530 0.151 7.4  ? ? ? ? ? 99.70  4  1 
2.02 2.14   6531 ? 2221 0.094 11.1 ? ? ? ? ? 100.00 5  1 
2.14 2.31   7062 ? 2398 0.065 14.9 ? ? ? ? ? 99.80  6  1 
2.31 2.54   6858 ? 2305 0.047 19.3 ? ? ? ? ? 99.70  7  1 
2.54 2.90   6758 ? 2292 0.035 25.5 ? ? ? ? ? 99.80  8  1 
2.90 3.66   6918 ? 2360 0.023 37.6 ? ? ? ? ? 99.60  9  1 
3.66 28.262 6674 ? 2301 0.019 46.6 ? ? ? ? ? 97.10  10 1 
# 
_refine.entry_id                                 2QTD 
_refine.ls_d_res_high                            1.700 
_refine.ls_d_res_low                             28.262 
_refine.pdbx_ls_sigma_F                          0.00 
_refine.ls_percent_reflns_obs                    99.300 
_refine.ls_number_reflns_obs                     12479 
_refine.pdbx_ls_cross_valid_method               THROUGHOUT 
_refine.pdbx_R_Free_selection_details            RANDOM 
_refine.details                                  
;1. HYDROGENS HAVE BEEN ADDED IN THE RIDING POSITIONS.
 2. A MET-INHIBITION PROTOCOL WAS USED FOR SELENOMETHIONINE
 INCORPORATION DURING PROTEIN EXPRESSION. THE OCCUPANCY
 OF THE SE ATOMS IN THE MSE RESIDUES WAS REDUCED TO
 0.75 TO ACCOUNT FOR THE REDUCED SCATTERING POWER DUE TO
 PARTIAL S-MET INCORPORATION.
 3. ATOM RECORD CONTAINS RESIDUAL B FACTORS ONLY.
 4. SEVEN PG4 AND ONE TRIS MOLECULE(S)
 HAVE BEEN MODELED IN THE SOLVENT STRUCTURE.
;
_refine.ls_R_factor_obs                          0.205 
_refine.ls_R_factor_R_work                       0.202 
_refine.ls_R_factor_R_free                       0.255 
_refine.ls_percent_reflns_R_free                 4.700 
_refine.ls_number_reflns_R_free                  584 
_refine.B_iso_mean                               21.164 
_refine.aniso_B[1][1]                            0.630 
_refine.aniso_B[2][2]                            -2.200 
_refine.aniso_B[3][3]                            1.580 
_refine.aniso_B[1][2]                            0.000 
_refine.aniso_B[1][3]                            0.000 
_refine.aniso_B[2][3]                            0.000 
_refine.correlation_coeff_Fo_to_Fc               0.949 
_refine.correlation_coeff_Fo_to_Fc_free          0.910 
_refine.pdbx_overall_ESU_R                       0.123 
_refine.pdbx_overall_ESU_R_Free                  0.127 
_refine.overall_SU_ML                            0.086 
_refine.overall_SU_B                             4.842 
_refine.solvent_model_details                    MASK 
_refine.pdbx_solvent_vdw_probe_radii             1.200 
_refine.pdbx_solvent_ion_probe_radii             0.800 
_refine.pdbx_solvent_shrinkage_radii             0.800 
_refine.pdbx_method_to_determine_struct          MAD 
_refine.pdbx_stereochemistry_target_values       'MAXIMUM LIKELIHOOD WITH PHASES' 
_refine.pdbx_ls_sigma_I                          ? 
_refine.ls_number_reflns_all                     ? 
_refine.ls_R_factor_all                          ? 
_refine.ls_redundancy_reflns_obs                 ? 
_refine.pdbx_data_cutoff_high_absF               ? 
_refine.pdbx_data_cutoff_low_absF                ? 
_refine.ls_number_parameters                     ? 
_refine.ls_number_restraints                     ? 
_refine.ls_R_factor_R_free_error                 ? 
_refine.ls_R_factor_R_free_error_details         ? 
_refine.pdbx_starting_model                      ? 
_refine.pdbx_stereochem_target_val_spec_case     ? 
_refine.solvent_model_param_bsol                 ? 
_refine.solvent_model_param_ksol                 ? 
_refine.occupancy_max                            ? 
_refine.occupancy_min                            ? 
_refine.pdbx_isotropic_thermal_model             ? 
_refine.B_iso_min                                ? 
_refine.B_iso_max                                ? 
_refine.overall_SU_R_Cruickshank_DPI             ? 
_refine.overall_SU_R_free                        ? 
_refine.pdbx_data_cutoff_high_rms_absF           ? 
_refine.ls_wR_factor_R_free                      ? 
_refine.ls_wR_factor_R_work                      ? 
_refine.overall_FOM_free_R_set                   ? 
_refine.overall_FOM_work_R_set                   ? 
_refine.pdbx_refine_id                           'X-RAY DIFFRACTION' 
_refine.pdbx_TLS_residual_ADP_flag               'LIKELY RESIDUAL' 
_refine.pdbx_diffrn_id                           1 
_refine.pdbx_overall_phase_error                 ? 
_refine.pdbx_overall_SU_R_free_Cruickshank_DPI   ? 
_refine.pdbx_overall_SU_R_Blow_DPI               ? 
_refine.pdbx_overall_SU_R_free_Blow_DPI          ? 
# 
_refine_hist.pdbx_refine_id                   'X-RAY DIFFRACTION' 
_refine_hist.cycle_id                         LAST 
_refine_hist.pdbx_number_atoms_protein        814 
_refine_hist.pdbx_number_atoms_nucleic_acid   0 
_refine_hist.pdbx_number_atoms_ligand         67 
_refine_hist.number_atoms_solvent             65 
_refine_hist.number_atoms_total               946 
_refine_hist.d_res_high                       1.700 
_refine_hist.d_res_low                        28.262 
# 
loop_
_refine_ls_restr.type 
_refine_ls_restr.number 
_refine_ls_restr.dev_ideal 
_refine_ls_restr.dev_ideal_target 
_refine_ls_restr.weight 
_refine_ls_restr.pdbx_refine_id 
_refine_ls_restr.pdbx_restraint_function 
r_bond_refined_d         923  0.016  0.022  ? 'X-RAY DIFFRACTION' ? 
r_bond_other_d           651  0.005  0.020  ? 'X-RAY DIFFRACTION' ? 
r_angle_refined_deg      1228 1.814  2.004  ? 'X-RAY DIFFRACTION' ? 
r_angle_other_deg        1622 1.278  3.000  ? 'X-RAY DIFFRACTION' ? 
r_dihedral_angle_1_deg   117  6.652  5.000  ? 'X-RAY DIFFRACTION' ? 
r_dihedral_angle_2_deg   39   40.205 27.179 ? 'X-RAY DIFFRACTION' ? 
r_dihedral_angle_3_deg   174  11.860 15.000 ? 'X-RAY DIFFRACTION' ? 
r_dihedral_angle_4_deg   1    0.679  15.000 ? 'X-RAY DIFFRACTION' ? 
r_chiral_restr           138  0.100  0.200  ? 'X-RAY DIFFRACTION' ? 
r_gen_planes_refined     968  0.006  0.020  ? 'X-RAY DIFFRACTION' ? 
r_gen_planes_other       153  0.002  0.020  ? 'X-RAY DIFFRACTION' ? 
r_nbd_refined            152  0.178  0.300  ? 'X-RAY DIFFRACTION' ? 
r_nbd_other              581  0.142  0.300  ? 'X-RAY DIFFRACTION' ? 
r_nbtor_refined          407  0.168  0.500  ? 'X-RAY DIFFRACTION' ? 
r_nbtor_other            487  0.083  0.500  ? 'X-RAY DIFFRACTION' ? 
r_xyhbond_nbd_refined    105  0.155  0.500  ? 'X-RAY DIFFRACTION' ? 
r_symmetry_vdw_refined   10   0.185  0.300  ? 'X-RAY DIFFRACTION' ? 
r_symmetry_vdw_other     28   0.190  0.300  ? 'X-RAY DIFFRACTION' ? 
r_symmetry_hbond_refined 8    0.327  0.500  ? 'X-RAY DIFFRACTION' ? 
r_mcbond_it              616  2.223  3.000  ? 'X-RAY DIFFRACTION' ? 
r_mcbond_other           217  0.587  3.000  ? 'X-RAY DIFFRACTION' ? 
r_mcangle_it             900  2.785  5.000  ? 'X-RAY DIFFRACTION' ? 
r_scbond_it              405  5.278  8.000  ? 'X-RAY DIFFRACTION' ? 
r_scangle_it             320  7.280  11.000 ? 'X-RAY DIFFRACTION' ? 
# 
_refine_ls_shell.d_res_high                       1.700 
_refine_ls_shell.d_res_low                        1.746 
_refine_ls_shell.pdbx_total_number_of_bins_used   20 
_refine_ls_shell.percent_reflns_obs               94.420 
_refine_ls_shell.number_reflns_R_work             806 
_refine_ls_shell.R_factor_all                     ? 
_refine_ls_shell.R_factor_R_work                  0.232 
_refine_ls_shell.R_factor_R_free                  0.313 
_refine_ls_shell.percent_reflns_R_free            ? 
_refine_ls_shell.number_reflns_R_free             40 
_refine_ls_shell.R_factor_R_free_error            ? 
_refine_ls_shell.number_reflns_all                ? 
_refine_ls_shell.number_reflns_obs                846 
_refine_ls_shell.redundancy_reflns_obs            ? 
_refine_ls_shell.pdbx_refine_id                   'X-RAY DIFFRACTION' 
# 
_struct.entry_id                  2QTD 
_struct.title                     
'Crystal structure of a putative dinitrogenase (mj0327) from methanocaldococcus jannaschii dsm at 1.70 A resolution' 
_struct.pdbx_model_details        ? 
_struct.pdbx_CASP_flag            ? 
_struct.pdbx_model_type_details   ? 
# 
_struct_keywords.text            
;Ribonuclease h-like motif fold, iron-molybdenum cofactor, structural genomics, Joint Center for Structural Genomics, JCSG, Protein Structure Initiative, PSI-2, oxidoreductase
;
_struct_keywords.pdbx_keywords   OXIDOREDUCTASE 
_struct_keywords.entry_id        2QTD 
# 
loop_
_struct_asym.id 
_struct_asym.pdbx_blank_PDB_chainid_flag 
_struct_asym.pdbx_modified 
_struct_asym.entity_id 
_struct_asym.details 
A N N 1 ? 
B N N 2 ? 
C N N 3 ? 
D N N 3 ? 
E N N 3 ? 
F N N 3 ? 
G N N 3 ? 
H N N 3 ? 
I N N 3 ? 
J N N 4 ? 
# 
_struct_ref.id                         1 
_struct_ref.db_name                    UNP 
_struct_ref.db_code                    Y327_METJA 
_struct_ref.pdbx_db_accession          Q57773 
_struct_ref.entity_id                  1 
_struct_ref.pdbx_seq_one_letter_code   
;MINMKVAISMDVDKISNSFEDCKYFLIVRIDDNEVKSTKVIFNDESGKKSIVKENVNAIICKNISEENYKKFSKKIEIYH
AEGDDVDKNISLFIEGELSKISNP
;
_struct_ref.pdbx_align_begin           1 
_struct_ref.pdbx_db_isoform            ? 
# 
_struct_ref_seq.align_id                      1 
_struct_ref_seq.ref_id                        1 
_struct_ref_seq.pdbx_PDB_id_code              2QTD 
_struct_ref_seq.pdbx_strand_id                A 
_struct_ref_seq.seq_align_beg                 2 
_struct_ref_seq.pdbx_seq_align_beg_ins_code   ? 
_struct_ref_seq.seq_align_end                 105 
_struct_ref_seq.pdbx_seq_align_end_ins_code   ? 
_struct_ref_seq.pdbx_db_accession             Q57773 
_struct_ref_seq.db_align_beg                  1 
_struct_ref_seq.pdbx_db_align_beg_ins_code    ? 
_struct_ref_seq.db_align_end                  104 
_struct_ref_seq.pdbx_db_align_end_ins_code    ? 
_struct_ref_seq.pdbx_auth_seq_align_beg       1 
_struct_ref_seq.pdbx_auth_seq_align_end       104 
# 
_struct_ref_seq_dif.align_id                     1 
_struct_ref_seq_dif.pdbx_pdb_id_code             2QTD 
_struct_ref_seq_dif.mon_id                       GLY 
_struct_ref_seq_dif.pdbx_pdb_strand_id           A 
_struct_ref_seq_dif.seq_num                      1 
_struct_ref_seq_dif.pdbx_pdb_ins_code            ? 
_struct_ref_seq_dif.pdbx_seq_db_name             UNP 
_struct_ref_seq_dif.pdbx_seq_db_accession_code   Q57773 
_struct_ref_seq_dif.db_mon_id                    ? 
_struct_ref_seq_dif.pdbx_seq_db_seq_num          ? 
_struct_ref_seq_dif.details                      'expression tag' 
_struct_ref_seq_dif.pdbx_auth_seq_num            0 
_struct_ref_seq_dif.pdbx_ordinal                 1 
# 
_pdbx_struct_assembly.id                   1 
_pdbx_struct_assembly.details              author_and_software_defined_assembly 
_pdbx_struct_assembly.method_details       PISA 
_pdbx_struct_assembly.oligomeric_details   monomeric 
_pdbx_struct_assembly.oligomeric_count     1 
# 
_pdbx_struct_assembly_gen.assembly_id       1 
_pdbx_struct_assembly_gen.oper_expression   1 
_pdbx_struct_assembly_gen.asym_id_list      A,B,C,D,E,F,G,H,I,J 
# 
_pdbx_struct_assembly_auth_evidence.id                     1 
_pdbx_struct_assembly_auth_evidence.assembly_id            1 
_pdbx_struct_assembly_auth_evidence.experimental_support   'gel filtration' 
_pdbx_struct_assembly_auth_evidence.details                ? 
# 
_pdbx_struct_oper_list.id                   1 
_pdbx_struct_oper_list.type                 'identity operation' 
_pdbx_struct_oper_list.name                 1_555 
_pdbx_struct_oper_list.symmetry_operation   x,y,z 
_pdbx_struct_oper_list.matrix[1][1]         1.0000000000 
_pdbx_struct_oper_list.matrix[1][2]         0.0000000000 
_pdbx_struct_oper_list.matrix[1][3]         0.0000000000 
_pdbx_struct_oper_list.vector[1]            0.0000000000 
_pdbx_struct_oper_list.matrix[2][1]         0.0000000000 
_pdbx_struct_oper_list.matrix[2][2]         1.0000000000 
_pdbx_struct_oper_list.matrix[2][3]         0.0000000000 
_pdbx_struct_oper_list.vector[2]            0.0000000000 
_pdbx_struct_oper_list.matrix[3][1]         0.0000000000 
_pdbx_struct_oper_list.matrix[3][2]         0.0000000000 
_pdbx_struct_oper_list.matrix[3][3]         1.0000000000 
_pdbx_struct_oper_list.vector[3]            0.0000000000 
# 
_struct_biol.id        1 
_struct_biol.details   
;SIZE EXCLUSION CHROMATOGRAPHY SUPPORTS THE ASSIGNMENT OF
A MONOMER AS THE SIGNIFICANT OLIGOMERIZATION STATE.
;
# 
loop_
_struct_conf.conf_type_id 
_struct_conf.id 
_struct_conf.pdbx_PDB_helix_id 
_struct_conf.beg_label_comp_id 
_struct_conf.beg_label_asym_id 
_struct_conf.beg_label_seq_id 
_struct_conf.pdbx_beg_PDB_ins_code 
_struct_conf.end_label_comp_id 
_struct_conf.end_label_asym_id 
_struct_conf.end_label_seq_id 
_struct_conf.pdbx_end_PDB_ins_code 
_struct_conf.beg_auth_comp_id 
_struct_conf.beg_auth_asym_id 
_struct_conf.beg_auth_seq_id 
_struct_conf.end_auth_comp_id 
_struct_conf.end_auth_asym_id 
_struct_conf.end_auth_seq_id 
_struct_conf.pdbx_PDB_helix_class 
_struct_conf.details 
_struct_conf.pdbx_PDB_helix_length 
HELX_P HELX_P1 1 ASP A 45 ? GLU A 55 ? ASP A 44 GLU A 54 1 ? 11 
HELX_P HELX_P2 2 SER A 66 ? LYS A 75 ? SER A 65 LYS A 74 1 ? 10 
HELX_P HELX_P3 3 ASP A 86 ? GLU A 96 ? ASP A 85 GLU A 95 1 ? 11 
# 
_struct_conf_type.id          HELX_P 
_struct_conf_type.criteria    ? 
_struct_conf_type.reference   ? 
# 
loop_
_struct_conn.id 
_struct_conn.conn_type_id 
_struct_conn.pdbx_leaving_atom_flag 
_struct_conn.pdbx_PDB_id 
_struct_conn.ptnr1_label_asym_id 
_struct_conn.ptnr1_label_comp_id 
_struct_conn.ptnr1_label_seq_id 
_struct_conn.ptnr1_label_atom_id 
_struct_conn.pdbx_ptnr1_label_alt_id 
_struct_conn.pdbx_ptnr1_PDB_ins_code 
_struct_conn.pdbx_ptnr1_standard_comp_id 
_struct_conn.ptnr1_symmetry 
_struct_conn.ptnr2_label_asym_id 
_struct_conn.ptnr2_label_comp_id 
_struct_conn.ptnr2_label_seq_id 
_struct_conn.ptnr2_label_atom_id 
_struct_conn.pdbx_ptnr2_label_alt_id 
_struct_conn.pdbx_ptnr2_PDB_ins_code 
_struct_conn.ptnr1_auth_asym_id 
_struct_conn.ptnr1_auth_comp_id 
_struct_conn.ptnr1_auth_seq_id 
_struct_conn.ptnr2_auth_asym_id 
_struct_conn.ptnr2_auth_comp_id 
_struct_conn.ptnr2_auth_seq_id 
_struct_conn.ptnr2_symmetry 
_struct_conn.pdbx_ptnr3_label_atom_id 
_struct_conn.pdbx_ptnr3_label_seq_id 
_struct_conn.pdbx_ptnr3_label_comp_id 
_struct_conn.pdbx_ptnr3_label_asym_id 
_struct_conn.pdbx_ptnr3_label_alt_id 
_struct_conn.pdbx_ptnr3_PDB_ins_code 
_struct_conn.details 
_struct_conn.pdbx_dist_value 
_struct_conn.pdbx_value_order 
_struct_conn.pdbx_role 
covale1 covale both ? A MSE 2  C ? ? ? 1_555 A ILE 3  N ? ? A MSE 1  A ILE 2  1_555 ? ? ? ? ? ? ? 1.334 ? ? 
covale2 covale both ? A ASN 4  C ? ? ? 1_555 A MSE 5  N ? ? A ASN 3  A MSE 4  1_555 ? ? ? ? ? ? ? 1.346 ? ? 
covale3 covale both ? A MSE 5  C ? ? ? 1_555 A LYS 6  N ? ? A MSE 4  A LYS 5  1_555 ? ? ? ? ? ? ? 1.330 ? ? 
covale4 covale both ? A SER 10 C ? ? ? 1_555 A MSE 11 N ? ? A SER 9  A MSE 10 1_555 ? ? ? ? ? ? ? 1.334 ? ? 
covale5 covale both ? A MSE 11 C ? ? ? 1_555 A ASP 12 N ? ? A MSE 10 A ASP 11 1_555 ? ? ? ? ? ? ? 1.335 ? ? 
# 
_struct_conn_type.id          covale 
_struct_conn_type.criteria    ? 
_struct_conn_type.reference   ? 
# 
loop_
_pdbx_modification_feature.ordinal 
_pdbx_modification_feature.label_comp_id 
_pdbx_modification_feature.label_asym_id 
_pdbx_modification_feature.label_seq_id 
_pdbx_modification_feature.label_alt_id 
_pdbx_modification_feature.modified_residue_label_comp_id 
_pdbx_modification_feature.modified_residue_label_asym_id 
_pdbx_modification_feature.modified_residue_label_seq_id 
_pdbx_modification_feature.modified_residue_label_alt_id 
_pdbx_modification_feature.auth_comp_id 
_pdbx_modification_feature.auth_asym_id 
_pdbx_modification_feature.auth_seq_id 
_pdbx_modification_feature.PDB_ins_code 
_pdbx_modification_feature.symmetry 
_pdbx_modification_feature.modified_residue_auth_comp_id 
_pdbx_modification_feature.modified_residue_auth_asym_id 
_pdbx_modification_feature.modified_residue_auth_seq_id 
_pdbx_modification_feature.modified_residue_PDB_ins_code 
_pdbx_modification_feature.modified_residue_symmetry 
_pdbx_modification_feature.comp_id_linking_atom 
_pdbx_modification_feature.modified_residue_id_linking_atom 
_pdbx_modification_feature.modified_residue_id 
_pdbx_modification_feature.ref_pcm_id 
_pdbx_modification_feature.ref_comp_id 
_pdbx_modification_feature.type 
_pdbx_modification_feature.category 
1 MSE A 2  ? . . . . MSE A 1  ? 1_555 . . . . . . . MET 1 MSE Selenomethionine 'Named protein modification' 
2 MSE A 5  ? . . . . MSE A 4  ? 1_555 . . . . . . . MET 1 MSE Selenomethionine 'Named protein modification' 
3 MSE A 11 ? . . . . MSE A 10 ? 1_555 . . . . . . . MET 1 MSE Selenomethionine 'Named protein modification' 
# 
_struct_sheet.id               A 
_struct_sheet.type             ? 
_struct_sheet.number_strands   5 
_struct_sheet.details          ? 
# 
loop_
_struct_sheet_order.sheet_id 
_struct_sheet_order.range_id_1 
_struct_sheet_order.range_id_2 
_struct_sheet_order.offset 
_struct_sheet_order.sense 
A 1 2 ? anti-parallel 
A 2 3 ? anti-parallel 
A 3 4 ? parallel      
A 4 5 ? parallel      
# 
loop_
_struct_sheet_range.sheet_id 
_struct_sheet_range.id 
_struct_sheet_range.beg_label_comp_id 
_struct_sheet_range.beg_label_asym_id 
_struct_sheet_range.beg_label_seq_id 
_struct_sheet_range.pdbx_beg_PDB_ins_code 
_struct_sheet_range.end_label_comp_id 
_struct_sheet_range.end_label_asym_id 
_struct_sheet_range.end_label_seq_id 
_struct_sheet_range.pdbx_end_PDB_ins_code 
_struct_sheet_range.beg_auth_comp_id 
_struct_sheet_range.beg_auth_asym_id 
_struct_sheet_range.beg_auth_seq_id 
_struct_sheet_range.end_auth_comp_id 
_struct_sheet_range.end_auth_asym_id 
_struct_sheet_range.end_auth_seq_id 
A 1 GLU A 35 ? PHE A 43 ? GLU A 34 PHE A 42 
A 2 TYR A 25 ? ASP A 32 ? TYR A 24 ASP A 31 
A 3 MSE A 5  ? MSE A 11 ? MSE A 4  MSE A 10 
A 4 ALA A 59 ? CYS A 62 ? ALA A 58 CYS A 61 
A 5 GLU A 78 ? HIS A 81 ? GLU A 77 HIS A 80 
# 
loop_
_pdbx_struct_sheet_hbond.sheet_id 
_pdbx_struct_sheet_hbond.range_id_1 
_pdbx_struct_sheet_hbond.range_id_2 
_pdbx_struct_sheet_hbond.range_1_label_atom_id 
_pdbx_struct_sheet_hbond.range_1_label_comp_id 
_pdbx_struct_sheet_hbond.range_1_label_asym_id 
_pdbx_struct_sheet_hbond.range_1_label_seq_id 
_pdbx_struct_sheet_hbond.range_1_PDB_ins_code 
_pdbx_struct_sheet_hbond.range_1_auth_atom_id 
_pdbx_struct_sheet_hbond.range_1_auth_comp_id 
_pdbx_struct_sheet_hbond.range_1_auth_asym_id 
_pdbx_struct_sheet_hbond.range_1_auth_seq_id 
_pdbx_struct_sheet_hbond.range_2_label_atom_id 
_pdbx_struct_sheet_hbond.range_2_label_comp_id 
_pdbx_struct_sheet_hbond.range_2_label_asym_id 
_pdbx_struct_sheet_hbond.range_2_label_seq_id 
_pdbx_struct_sheet_hbond.range_2_PDB_ins_code 
_pdbx_struct_sheet_hbond.range_2_auth_atom_id 
_pdbx_struct_sheet_hbond.range_2_auth_comp_id 
_pdbx_struct_sheet_hbond.range_2_auth_asym_id 
_pdbx_struct_sheet_hbond.range_2_auth_seq_id 
A 1 2 O GLU A 35 ? O GLU A 34 N ASP A 32 ? N ASP A 31 
A 2 3 O ILE A 31 ? O ILE A 30 N MSE A 5  ? N MSE A 4  
A 3 4 N ALA A 8  ? N ALA A 7  O ILE A 61 ? O ILE A 60 
A 4 5 N ILE A 60 ? N ILE A 59 O TYR A 80 ? O TYR A 79 
# 
loop_
_struct_site.id 
_struct_site.pdbx_evidence_code 
_struct_site.pdbx_auth_asym_id 
_struct_site.pdbx_auth_comp_id 
_struct_site.pdbx_auth_seq_id 
_struct_site.pdbx_auth_ins_code 
_struct_site.pdbx_num_residues 
_struct_site.details 
AC1 Software A TRS 105 ? 10 'BINDING SITE FOR RESIDUE TRS A 105' 
AC2 Software A PG4 106 ? 5  'BINDING SITE FOR RESIDUE PG4 A 106' 
AC3 Software A PG4 107 ? 7  'BINDING SITE FOR RESIDUE PG4 A 107' 
AC4 Software A PG4 108 ? 8  'BINDING SITE FOR RESIDUE PG4 A 108' 
AC5 Software A PG4 109 ? 6  'BINDING SITE FOR RESIDUE PG4 A 109' 
AC6 Software A PG4 110 ? 5  'BINDING SITE FOR RESIDUE PG4 A 110' 
AC7 Software A PG4 111 ? 2  'BINDING SITE FOR RESIDUE PG4 A 111' 
AC8 Software A PG4 112 ? 2  'BINDING SITE FOR RESIDUE PG4 A 112' 
# 
loop_
_struct_site_gen.id 
_struct_site_gen.site_id 
_struct_site_gen.pdbx_num_res 
_struct_site_gen.label_comp_id 
_struct_site_gen.label_asym_id 
_struct_site_gen.label_seq_id 
_struct_site_gen.pdbx_auth_ins_code 
_struct_site_gen.auth_comp_id 
_struct_site_gen.auth_asym_id 
_struct_site_gen.auth_seq_id 
_struct_site_gen.label_atom_id 
_struct_site_gen.label_alt_id 
_struct_site_gen.symmetry 
_struct_site_gen.details 
1  AC1 10 LYS A 6   ? LYS A 5   . ? 3_654 ? 
2  AC1 10 ILE A 28  ? ILE A 27  . ? 3_654 ? 
3  AC1 10 ARG A 30  ? ARG A 29  . ? 3_654 ? 
4  AC1 10 SER A 38  ? SER A 37  . ? 3_654 ? 
5  AC1 10 THR A 39  ? THR A 38  . ? 3_654 ? 
6  AC1 10 GLU A 55  ? GLU A 54  . ? 3_654 ? 
7  AC1 10 SER A 100 ? SER A 99  . ? 1_555 ? 
8  AC1 10 PG4 D .   ? PG4 A 107 . ? 3_654 ? 
9  AC1 10 HOH J .   ? HOH A 130 . ? 1_555 ? 
10 AC1 10 HOH J .   ? HOH A 167 . ? 1_555 ? 
11 AC2 5  ASP A 22  ? ASP A 21  . ? 1_555 ? 
12 AC2 5  ASN A 56  ? ASN A 55  . ? 2_554 ? 
13 AC2 5  VAL A 57  ? VAL A 56  . ? 2_554 ? 
14 AC2 5  ASN A 58  ? ASN A 57  . ? 2_554 ? 
15 AC2 5  LYS A 76  ? LYS A 75  . ? 2_554 ? 
16 AC3 7  LYS A 6   ? LYS A 5   . ? 1_555 ? 
17 AC3 7  ARG A 30  ? ARG A 29  . ? 1_555 ? 
18 AC3 7  GLU A 55  ? GLU A 54  . ? 1_555 ? 
19 AC3 7  GLU A 83  ? GLU A 82  . ? 3_644 ? 
20 AC3 7  TRS B .   ? TRS A 105 . ? 3_644 ? 
21 AC3 7  HOH J .   ? HOH A 120 . ? 3_644 ? 
22 AC3 7  HOH J .   ? HOH A 153 . ? 3_644 ? 
23 AC4 8  MSE A 5   ? MSE A 4   . ? 1_555 ? 
24 AC4 8  TYR A 80  ? TYR A 79  . ? 1_555 ? 
25 AC4 8  LEU A 93  ? LEU A 92  . ? 1_555 ? 
26 AC4 8  PHE A 94  ? PHE A 93  . ? 1_555 ? 
27 AC4 8  GLY A 97  ? GLY A 96  . ? 1_555 ? 
28 AC4 8  GLU A 98  ? GLU A 97  . ? 1_555 ? 
29 AC4 8  LEU A 99  ? LEU A 98  . ? 1_555 ? 
30 AC4 8  HOH J .   ? HOH A 155 . ? 1_555 ? 
31 AC5 6  ASP A 88  ? ASP A 87  . ? 1_555 ? 
32 AC5 6  ILE A 91  ? ILE A 90  . ? 1_555 ? 
33 AC5 6  SER A 92  ? SER A 91  . ? 1_555 ? 
34 AC5 6  ILE A 95  ? ILE A 94  . ? 1_555 ? 
35 AC5 6  GLU A 96  ? GLU A 95  . ? 1_555 ? 
36 AC5 6  HOH J .   ? HOH A 175 . ? 1_555 ? 
37 AC6 5  LYS A 24  ? LYS A 23  . ? 1_555 ? 
38 AC6 5  PHE A 43  ? PHE A 42  . ? 1_555 ? 
39 AC6 5  SER A 74  ? SER A 73  . ? 2_554 ? 
40 AC6 5  LYS A 75  ? LYS A 74  . ? 2_554 ? 
41 AC6 5  LYS A 76  ? LYS A 75  . ? 2_554 ? 
42 AC7 2  VAL A 13  ? VAL A 12  . ? 1_555 ? 
43 AC7 2  PHE A 43  ? PHE A 42  . ? 1_555 ? 
44 AC8 2  TYR A 25  ? TYR A 24  . ? 1_555 ? 
45 AC8 2  ASP A 88  ? ASP A 87  . ? 1_555 ? 
# 
_pdbx_entry_details.entry_id                   2QTD 
_pdbx_entry_details.compound_details           ? 
_pdbx_entry_details.source_details             ? 
_pdbx_entry_details.nonpolymer_details         ? 
_pdbx_entry_details.sequence_details           ? 
_pdbx_entry_details.has_ligand_of_interest     ? 
_pdbx_entry_details.has_protein_modification   Y 
# 
_pdbx_validate_symm_contact.id                1 
_pdbx_validate_symm_contact.PDB_model_num     1 
_pdbx_validate_symm_contact.auth_atom_id_1    OE1 
_pdbx_validate_symm_contact.auth_asym_id_1    A 
_pdbx_validate_symm_contact.auth_comp_id_1    GLU 
_pdbx_validate_symm_contact.auth_seq_id_1     54 
_pdbx_validate_symm_contact.PDB_ins_code_1    ? 
_pdbx_validate_symm_contact.label_alt_id_1    ? 
_pdbx_validate_symm_contact.site_symmetry_1   1_555 
_pdbx_validate_symm_contact.auth_atom_id_2    O3 
_pdbx_validate_symm_contact.auth_asym_id_2    A 
_pdbx_validate_symm_contact.auth_comp_id_2    TRS 
_pdbx_validate_symm_contact.auth_seq_id_2     105 
_pdbx_validate_symm_contact.PDB_ins_code_2    ? 
_pdbx_validate_symm_contact.label_alt_id_2    ? 
_pdbx_validate_symm_contact.site_symmetry_2   3_644 
_pdbx_validate_symm_contact.dist              2.16 
# 
_pdbx_SG_project.project_name          'PSI, Protein Structure Initiative' 
_pdbx_SG_project.full_name_of_center   'Joint Center for Structural Genomics' 
_pdbx_SG_project.id                    1 
_pdbx_SG_project.initial_of_center     JCSG 
# 
loop_
_pdbx_struct_mod_residue.id 
_pdbx_struct_mod_residue.label_asym_id 
_pdbx_struct_mod_residue.label_comp_id 
_pdbx_struct_mod_residue.label_seq_id 
_pdbx_struct_mod_residue.auth_asym_id 
_pdbx_struct_mod_residue.auth_comp_id 
_pdbx_struct_mod_residue.auth_seq_id 
_pdbx_struct_mod_residue.PDB_ins_code 
_pdbx_struct_mod_residue.parent_comp_id 
_pdbx_struct_mod_residue.details 
1 A MSE 2  A MSE 1  ? MET SELENOMETHIONINE 
2 A MSE 5  A MSE 4  ? MET SELENOMETHIONINE 
3 A MSE 11 A MSE 10 ? MET SELENOMETHIONINE 
# 
_pdbx_refine_tls.id               1 
_pdbx_refine_tls.details          ? 
_pdbx_refine_tls.method           refined 
_pdbx_refine_tls.origin_x         0.5548 
_pdbx_refine_tls.origin_y         -0.3890 
_pdbx_refine_tls.origin_z         0.7209 
_pdbx_refine_tls.T[1][1]          -0.0864 
_pdbx_refine_tls.T[2][2]          -0.0637 
_pdbx_refine_tls.T[3][3]          -0.0791 
_pdbx_refine_tls.T[1][2]          0.0190 
_pdbx_refine_tls.T[1][3]          -0.0035 
_pdbx_refine_tls.T[2][3]          0.0020 
_pdbx_refine_tls.L[1][1]          1.9567 
_pdbx_refine_tls.L[2][2]          6.0973 
_pdbx_refine_tls.L[3][3]          2.6369 
_pdbx_refine_tls.L[1][2]          2.5877 
_pdbx_refine_tls.L[1][3]          1.0367 
_pdbx_refine_tls.L[2][3]          1.2115 
_pdbx_refine_tls.S[1][1]          -0.0099 
_pdbx_refine_tls.S[2][2]          0.0085 
_pdbx_refine_tls.S[3][3]          0.0013 
_pdbx_refine_tls.S[1][2]          -0.0487 
_pdbx_refine_tls.S[1][3]          -0.0535 
_pdbx_refine_tls.S[2][3]          0.0271 
_pdbx_refine_tls.S[2][1]          0.0636 
_pdbx_refine_tls.S[3][1]          0.0486 
_pdbx_refine_tls.S[3][2]          0.0289 
_pdbx_refine_tls.pdbx_refine_id   'X-RAY DIFFRACTION' 
# 
_pdbx_refine_tls_group.id                  1 
_pdbx_refine_tls_group.refine_tls_id       1 
_pdbx_refine_tls_group.beg_label_asym_id   A 
_pdbx_refine_tls_group.beg_label_seq_id    8 
_pdbx_refine_tls_group.end_label_asym_id   F 
_pdbx_refine_tls_group.end_label_seq_id    1 
_pdbx_refine_tls_group.selection           ? 
_pdbx_refine_tls_group.beg_auth_asym_id    A 
_pdbx_refine_tls_group.beg_auth_seq_id     7 
_pdbx_refine_tls_group.end_auth_asym_id    A 
_pdbx_refine_tls_group.end_auth_seq_id     109 
_pdbx_refine_tls_group.pdbx_refine_id      'X-RAY DIFFRACTION' 
_pdbx_refine_tls_group.selection_details   ? 
# 
_phasing.method   MAD 
# 
loop_
_pdbx_database_remark.id 
_pdbx_database_remark.text 
300 
;
BIOMOLECULE: 1
SEE REMARK 350 FOR THE AUTHOR PROVIDED AND PROGRAM
GENERATED ASSEMBLY INFORMATION FOR THE STRUCTURE IN
THIS ENTRY. SIZE EXCLUSION CHROMATOGRAPHY SUPPORTS
THE ASSIGNMENT OF A MONOMER AS THE SIGNIFICANT
OLIGOMERIZATION STATE.
;
999 
;
SEQUENCE
THE CONSTRUCT WAS EXPRESSED WITH A PURIFICATION TAG
MGSDKIHHHHHHENLYFQG. THE TAG WAS REMOVED WITH TEV PROTEASE
LEAVING ONLY A GLYCINE FOLLOWED BY THE TARGET SEQUENCE.
;
# 
_pdbx_unobs_or_zero_occ_residues.id               1 
_pdbx_unobs_or_zero_occ_residues.PDB_model_num    1 
_pdbx_unobs_or_zero_occ_residues.polymer_flag     Y 
_pdbx_unobs_or_zero_occ_residues.occupancy_flag   1 
_pdbx_unobs_or_zero_occ_residues.auth_asym_id     A 
_pdbx_unobs_or_zero_occ_residues.auth_comp_id     GLY 
_pdbx_unobs_or_zero_occ_residues.auth_seq_id      0 
_pdbx_unobs_or_zero_occ_residues.PDB_ins_code     ? 
_pdbx_unobs_or_zero_occ_residues.label_asym_id    A 
_pdbx_unobs_or_zero_occ_residues.label_comp_id    GLY 
_pdbx_unobs_or_zero_occ_residues.label_seq_id     1 
# 
loop_
_chem_comp_atom.comp_id 
_chem_comp_atom.atom_id 
_chem_comp_atom.type_symbol 
_chem_comp_atom.pdbx_aromatic_flag 
_chem_comp_atom.pdbx_stereo_config 
_chem_comp_atom.pdbx_ordinal 
ALA N    N  N N 1   
ALA CA   C  N S 2   
ALA C    C  N N 3   
ALA O    O  N N 4   
ALA CB   C  N N 5   
ALA OXT  O  N N 6   
ALA H    H  N N 7   
ALA H2   H  N N 8   
ALA HA   H  N N 9   
ALA HB1  H  N N 10  
ALA HB2  H  N N 11  
ALA HB3  H  N N 12  
ALA HXT  H  N N 13  
ARG N    N  N N 14  
ARG CA   C  N S 15  
ARG C    C  N N 16  
ARG O    O  N N 17  
ARG CB   C  N N 18  
ARG CG   C  N N 19  
ARG CD   C  N N 20  
ARG NE   N  N N 21  
ARG CZ   C  N N 22  
ARG NH1  N  N N 23  
ARG NH2  N  N N 24  
ARG OXT  O  N N 25  
ARG H    H  N N 26  
ARG H2   H  N N 27  
ARG HA   H  N N 28  
ARG HB2  H  N N 29  
ARG HB3  H  N N 30  
ARG HG2  H  N N 31  
ARG HG3  H  N N 32  
ARG HD2  H  N N 33  
ARG HD3  H  N N 34  
ARG HE   H  N N 35  
ARG HH11 H  N N 36  
ARG HH12 H  N N 37  
ARG HH21 H  N N 38  
ARG HH22 H  N N 39  
ARG HXT  H  N N 40  
ASN N    N  N N 41  
ASN CA   C  N S 42  
ASN C    C  N N 43  
ASN O    O  N N 44  
ASN CB   C  N N 45  
ASN CG   C  N N 46  
ASN OD1  O  N N 47  
ASN ND2  N  N N 48  
ASN OXT  O  N N 49  
ASN H    H  N N 50  
ASN H2   H  N N 51  
ASN HA   H  N N 52  
ASN HB2  H  N N 53  
ASN HB3  H  N N 54  
ASN HD21 H  N N 55  
ASN HD22 H  N N 56  
ASN HXT  H  N N 57  
ASP N    N  N N 58  
ASP CA   C  N S 59  
ASP C    C  N N 60  
ASP O    O  N N 61  
ASP CB   C  N N 62  
ASP CG   C  N N 63  
ASP OD1  O  N N 64  
ASP OD2  O  N N 65  
ASP OXT  O  N N 66  
ASP H    H  N N 67  
ASP H2   H  N N 68  
ASP HA   H  N N 69  
ASP HB2  H  N N 70  
ASP HB3  H  N N 71  
ASP HD2  H  N N 72  
ASP HXT  H  N N 73  
CYS N    N  N N 74  
CYS CA   C  N R 75  
CYS C    C  N N 76  
CYS O    O  N N 77  
CYS CB   C  N N 78  
CYS SG   S  N N 79  
CYS OXT  O  N N 80  
CYS H    H  N N 81  
CYS H2   H  N N 82  
CYS HA   H  N N 83  
CYS HB2  H  N N 84  
CYS HB3  H  N N 85  
CYS HG   H  N N 86  
CYS HXT  H  N N 87  
GLU N    N  N N 88  
GLU CA   C  N S 89  
GLU C    C  N N 90  
GLU O    O  N N 91  
GLU CB   C  N N 92  
GLU CG   C  N N 93  
GLU CD   C  N N 94  
GLU OE1  O  N N 95  
GLU OE2  O  N N 96  
GLU OXT  O  N N 97  
GLU H    H  N N 98  
GLU H2   H  N N 99  
GLU HA   H  N N 100 
GLU HB2  H  N N 101 
GLU HB3  H  N N 102 
GLU HG2  H  N N 103 
GLU HG3  H  N N 104 
GLU HE2  H  N N 105 
GLU HXT  H  N N 106 
GLY N    N  N N 107 
GLY CA   C  N N 108 
GLY C    C  N N 109 
GLY O    O  N N 110 
GLY OXT  O  N N 111 
GLY H    H  N N 112 
GLY H2   H  N N 113 
GLY HA2  H  N N 114 
GLY HA3  H  N N 115 
GLY HXT  H  N N 116 
HIS N    N  N N 117 
HIS CA   C  N S 118 
HIS C    C  N N 119 
HIS O    O  N N 120 
HIS CB   C  N N 121 
HIS CG   C  Y N 122 
HIS ND1  N  Y N 123 
HIS CD2  C  Y N 124 
HIS CE1  C  Y N 125 
HIS NE2  N  Y N 126 
HIS OXT  O  N N 127 
HIS H    H  N N 128 
HIS H2   H  N N 129 
HIS HA   H  N N 130 
HIS HB2  H  N N 131 
HIS HB3  H  N N 132 
HIS HD1  H  N N 133 
HIS HD2  H  N N 134 
HIS HE1  H  N N 135 
HIS HE2  H  N N 136 
HIS HXT  H  N N 137 
HOH O    O  N N 138 
HOH H1   H  N N 139 
HOH H2   H  N N 140 
ILE N    N  N N 141 
ILE CA   C  N S 142 
ILE C    C  N N 143 
ILE O    O  N N 144 
ILE CB   C  N S 145 
ILE CG1  C  N N 146 
ILE CG2  C  N N 147 
ILE CD1  C  N N 148 
ILE OXT  O  N N 149 
ILE H    H  N N 150 
ILE H2   H  N N 151 
ILE HA   H  N N 152 
ILE HB   H  N N 153 
ILE HG12 H  N N 154 
ILE HG13 H  N N 155 
ILE HG21 H  N N 156 
ILE HG22 H  N N 157 
ILE HG23 H  N N 158 
ILE HD11 H  N N 159 
ILE HD12 H  N N 160 
ILE HD13 H  N N 161 
ILE HXT  H  N N 162 
LEU N    N  N N 163 
LEU CA   C  N S 164 
LEU C    C  N N 165 
LEU O    O  N N 166 
LEU CB   C  N N 167 
LEU CG   C  N N 168 
LEU CD1  C  N N 169 
LEU CD2  C  N N 170 
LEU OXT  O  N N 171 
LEU H    H  N N 172 
LEU H2   H  N N 173 
LEU HA   H  N N 174 
LEU HB2  H  N N 175 
LEU HB3  H  N N 176 
LEU HG   H  N N 177 
LEU HD11 H  N N 178 
LEU HD12 H  N N 179 
LEU HD13 H  N N 180 
LEU HD21 H  N N 181 
LEU HD22 H  N N 182 
LEU HD23 H  N N 183 
LEU HXT  H  N N 184 
LYS N    N  N N 185 
LYS CA   C  N S 186 
LYS C    C  N N 187 
LYS O    O  N N 188 
LYS CB   C  N N 189 
LYS CG   C  N N 190 
LYS CD   C  N N 191 
LYS CE   C  N N 192 
LYS NZ   N  N N 193 
LYS OXT  O  N N 194 
LYS H    H  N N 195 
LYS H2   H  N N 196 
LYS HA   H  N N 197 
LYS HB2  H  N N 198 
LYS HB3  H  N N 199 
LYS HG2  H  N N 200 
LYS HG3  H  N N 201 
LYS HD2  H  N N 202 
LYS HD3  H  N N 203 
LYS HE2  H  N N 204 
LYS HE3  H  N N 205 
LYS HZ1  H  N N 206 
LYS HZ2  H  N N 207 
LYS HZ3  H  N N 208 
LYS HXT  H  N N 209 
MSE N    N  N N 210 
MSE CA   C  N S 211 
MSE C    C  N N 212 
MSE O    O  N N 213 
MSE OXT  O  N N 214 
MSE CB   C  N N 215 
MSE CG   C  N N 216 
MSE SE   SE N N 217 
MSE CE   C  N N 218 
MSE H    H  N N 219 
MSE H2   H  N N 220 
MSE HA   H  N N 221 
MSE HXT  H  N N 222 
MSE HB2  H  N N 223 
MSE HB3  H  N N 224 
MSE HG2  H  N N 225 
MSE HG3  H  N N 226 
MSE HE1  H  N N 227 
MSE HE2  H  N N 228 
MSE HE3  H  N N 229 
PG4 O1   O  N N 230 
PG4 C1   C  N N 231 
PG4 C2   C  N N 232 
PG4 O2   O  N N 233 
PG4 C3   C  N N 234 
PG4 C4   C  N N 235 
PG4 O3   O  N N 236 
PG4 C5   C  N N 237 
PG4 C6   C  N N 238 
PG4 O4   O  N N 239 
PG4 C7   C  N N 240 
PG4 C8   C  N N 241 
PG4 O5   O  N N 242 
PG4 HO1  H  N N 243 
PG4 H11  H  N N 244 
PG4 H12  H  N N 245 
PG4 H21  H  N N 246 
PG4 H22  H  N N 247 
PG4 H31  H  N N 248 
PG4 H32  H  N N 249 
PG4 H41  H  N N 250 
PG4 H42  H  N N 251 
PG4 H51  H  N N 252 
PG4 H52  H  N N 253 
PG4 H61  H  N N 254 
PG4 H62  H  N N 255 
PG4 H71  H  N N 256 
PG4 H72  H  N N 257 
PG4 H81  H  N N 258 
PG4 H82  H  N N 259 
PG4 HO5  H  N N 260 
PHE N    N  N N 261 
PHE CA   C  N S 262 
PHE C    C  N N 263 
PHE O    O  N N 264 
PHE CB   C  N N 265 
PHE CG   C  Y N 266 
PHE CD1  C  Y N 267 
PHE CD2  C  Y N 268 
PHE CE1  C  Y N 269 
PHE CE2  C  Y N 270 
PHE CZ   C  Y N 271 
PHE OXT  O  N N 272 
PHE H    H  N N 273 
PHE H2   H  N N 274 
PHE HA   H  N N 275 
PHE HB2  H  N N 276 
PHE HB3  H  N N 277 
PHE HD1  H  N N 278 
PHE HD2  H  N N 279 
PHE HE1  H  N N 280 
PHE HE2  H  N N 281 
PHE HZ   H  N N 282 
PHE HXT  H  N N 283 
PRO N    N  N N 284 
PRO CA   C  N S 285 
PRO C    C  N N 286 
PRO O    O  N N 287 
PRO CB   C  N N 288 
PRO CG   C  N N 289 
PRO CD   C  N N 290 
PRO OXT  O  N N 291 
PRO H    H  N N 292 
PRO HA   H  N N 293 
PRO HB2  H  N N 294 
PRO HB3  H  N N 295 
PRO HG2  H  N N 296 
PRO HG3  H  N N 297 
PRO HD2  H  N N 298 
PRO HD3  H  N N 299 
PRO HXT  H  N N 300 
SER N    N  N N 301 
SER CA   C  N S 302 
SER C    C  N N 303 
SER O    O  N N 304 
SER CB   C  N N 305 
SER OG   O  N N 306 
SER OXT  O  N N 307 
SER H    H  N N 308 
SER H2   H  N N 309 
SER HA   H  N N 310 
SER HB2  H  N N 311 
SER HB3  H  N N 312 
SER HG   H  N N 313 
SER HXT  H  N N 314 
THR N    N  N N 315 
THR CA   C  N S 316 
THR C    C  N N 317 
THR O    O  N N 318 
THR CB   C  N R 319 
THR OG1  O  N N 320 
THR CG2  C  N N 321 
THR OXT  O  N N 322 
THR H    H  N N 323 
THR H2   H  N N 324 
THR HA   H  N N 325 
THR HB   H  N N 326 
THR HG1  H  N N 327 
THR HG21 H  N N 328 
THR HG22 H  N N 329 
THR HG23 H  N N 330 
THR HXT  H  N N 331 
TRS C    C  N N 332 
TRS C1   C  N N 333 
TRS C2   C  N N 334 
TRS C3   C  N N 335 
TRS N    N  N N 336 
TRS O1   O  N N 337 
TRS O2   O  N N 338 
TRS O3   O  N N 339 
TRS H11  H  N N 340 
TRS H12  H  N N 341 
TRS H21  H  N N 342 
TRS H22  H  N N 343 
TRS H31  H  N N 344 
TRS H32  H  N N 345 
TRS HN1  H  N N 346 
TRS HN2  H  N N 347 
TRS HN3  H  N N 348 
TRS HO1  H  N N 349 
TRS HO2  H  N N 350 
TRS HO3  H  N N 351 
TYR N    N  N N 352 
TYR CA   C  N S 353 
TYR C    C  N N 354 
TYR O    O  N N 355 
TYR CB   C  N N 356 
TYR CG   C  Y N 357 
TYR CD1  C  Y N 358 
TYR CD2  C  Y N 359 
TYR CE1  C  Y N 360 
TYR CE2  C  Y N 361 
TYR CZ   C  Y N 362 
TYR OH   O  N N 363 
TYR OXT  O  N N 364 
TYR H    H  N N 365 
TYR H2   H  N N 366 
TYR HA   H  N N 367 
TYR HB2  H  N N 368 
TYR HB3  H  N N 369 
TYR HD1  H  N N 370 
TYR HD2  H  N N 371 
TYR HE1  H  N N 372 
TYR HE2  H  N N 373 
TYR HH   H  N N 374 
TYR HXT  H  N N 375 
VAL N    N  N N 376 
VAL CA   C  N S 377 
VAL C    C  N N 378 
VAL O    O  N N 379 
VAL CB   C  N N 380 
VAL CG1  C  N N 381 
VAL CG2  C  N N 382 
VAL OXT  O  N N 383 
VAL H    H  N N 384 
VAL H2   H  N N 385 
VAL HA   H  N N 386 
VAL HB   H  N N 387 
VAL HG11 H  N N 388 
VAL HG12 H  N N 389 
VAL HG13 H  N N 390 
VAL HG21 H  N N 391 
VAL HG22 H  N N 392 
VAL HG23 H  N N 393 
VAL HXT  H  N N 394 
# 
loop_
_chem_comp_bond.comp_id 
_chem_comp_bond.atom_id_1 
_chem_comp_bond.atom_id_2 
_chem_comp_bond.value_order 
_chem_comp_bond.pdbx_aromatic_flag 
_chem_comp_bond.pdbx_stereo_config 
_chem_comp_bond.pdbx_ordinal 
ALA N   CA   sing N N 1   
ALA N   H    sing N N 2   
ALA N   H2   sing N N 3   
ALA CA  C    sing N N 4   
ALA CA  CB   sing N N 5   
ALA CA  HA   sing N N 6   
ALA C   O    doub N N 7   
ALA C   OXT  sing N N 8   
ALA CB  HB1  sing N N 9   
ALA CB  HB2  sing N N 10  
ALA CB  HB3  sing N N 11  
ALA OXT HXT  sing N N 12  
ARG N   CA   sing N N 13  
ARG N   H    sing N N 14  
ARG N   H2   sing N N 15  
ARG CA  C    sing N N 16  
ARG CA  CB   sing N N 17  
ARG CA  HA   sing N N 18  
ARG C   O    doub N N 19  
ARG C   OXT  sing N N 20  
ARG CB  CG   sing N N 21  
ARG CB  HB2  sing N N 22  
ARG CB  HB3  sing N N 23  
ARG CG  CD   sing N N 24  
ARG CG  HG2  sing N N 25  
ARG CG  HG3  sing N N 26  
ARG CD  NE   sing N N 27  
ARG CD  HD2  sing N N 28  
ARG CD  HD3  sing N N 29  
ARG NE  CZ   sing N N 30  
ARG NE  HE   sing N N 31  
ARG CZ  NH1  sing N N 32  
ARG CZ  NH2  doub N N 33  
ARG NH1 HH11 sing N N 34  
ARG NH1 HH12 sing N N 35  
ARG NH2 HH21 sing N N 36  
ARG NH2 HH22 sing N N 37  
ARG OXT HXT  sing N N 38  
ASN N   CA   sing N N 39  
ASN N   H    sing N N 40  
ASN N   H2   sing N N 41  
ASN CA  C    sing N N 42  
ASN CA  CB   sing N N 43  
ASN CA  HA   sing N N 44  
ASN C   O    doub N N 45  
ASN C   OXT  sing N N 46  
ASN CB  CG   sing N N 47  
ASN CB  HB2  sing N N 48  
ASN CB  HB3  sing N N 49  
ASN CG  OD1  doub N N 50  
ASN CG  ND2  sing N N 51  
ASN ND2 HD21 sing N N 52  
ASN ND2 HD22 sing N N 53  
ASN OXT HXT  sing N N 54  
ASP N   CA   sing N N 55  
ASP N   H    sing N N 56  
ASP N   H2   sing N N 57  
ASP CA  C    sing N N 58  
ASP CA  CB   sing N N 59  
ASP CA  HA   sing N N 60  
ASP C   O    doub N N 61  
ASP C   OXT  sing N N 62  
ASP CB  CG   sing N N 63  
ASP CB  HB2  sing N N 64  
ASP CB  HB3  sing N N 65  
ASP CG  OD1  doub N N 66  
ASP CG  OD2  sing N N 67  
ASP OD2 HD2  sing N N 68  
ASP OXT HXT  sing N N 69  
CYS N   CA   sing N N 70  
CYS N   H    sing N N 71  
CYS N   H2   sing N N 72  
CYS CA  C    sing N N 73  
CYS CA  CB   sing N N 74  
CYS CA  HA   sing N N 75  
CYS C   O    doub N N 76  
CYS C   OXT  sing N N 77  
CYS CB  SG   sing N N 78  
CYS CB  HB2  sing N N 79  
CYS CB  HB3  sing N N 80  
CYS SG  HG   sing N N 81  
CYS OXT HXT  sing N N 82  
GLU N   CA   sing N N 83  
GLU N   H    sing N N 84  
GLU N   H2   sing N N 85  
GLU CA  C    sing N N 86  
GLU CA  CB   sing N N 87  
GLU CA  HA   sing N N 88  
GLU C   O    doub N N 89  
GLU C   OXT  sing N N 90  
GLU CB  CG   sing N N 91  
GLU CB  HB2  sing N N 92  
GLU CB  HB3  sing N N 93  
GLU CG  CD   sing N N 94  
GLU CG  HG2  sing N N 95  
GLU CG  HG3  sing N N 96  
GLU CD  OE1  doub N N 97  
GLU CD  OE2  sing N N 98  
GLU OE2 HE2  sing N N 99  
GLU OXT HXT  sing N N 100 
GLY N   CA   sing N N 101 
GLY N   H    sing N N 102 
GLY N   H2   sing N N 103 
GLY CA  C    sing N N 104 
GLY CA  HA2  sing N N 105 
GLY CA  HA3  sing N N 106 
GLY C   O    doub N N 107 
GLY C   OXT  sing N N 108 
GLY OXT HXT  sing N N 109 
HIS N   CA   sing N N 110 
HIS N   H    sing N N 111 
HIS N   H2   sing N N 112 
HIS CA  C    sing N N 113 
HIS CA  CB   sing N N 114 
HIS CA  HA   sing N N 115 
HIS C   O    doub N N 116 
HIS C   OXT  sing N N 117 
HIS CB  CG   sing N N 118 
HIS CB  HB2  sing N N 119 
HIS CB  HB3  sing N N 120 
HIS CG  ND1  sing Y N 121 
HIS CG  CD2  doub Y N 122 
HIS ND1 CE1  doub Y N 123 
HIS ND1 HD1  sing N N 124 
HIS CD2 NE2  sing Y N 125 
HIS CD2 HD2  sing N N 126 
HIS CE1 NE2  sing Y N 127 
HIS CE1 HE1  sing N N 128 
HIS NE2 HE2  sing N N 129 
HIS OXT HXT  sing N N 130 
HOH O   H1   sing N N 131 
HOH O   H2   sing N N 132 
ILE N   CA   sing N N 133 
ILE N   H    sing N N 134 
ILE N   H2   sing N N 135 
ILE CA  C    sing N N 136 
ILE CA  CB   sing N N 137 
ILE CA  HA   sing N N 138 
ILE C   O    doub N N 139 
ILE C   OXT  sing N N 140 
ILE CB  CG1  sing N N 141 
ILE CB  CG2  sing N N 142 
ILE CB  HB   sing N N 143 
ILE CG1 CD1  sing N N 144 
ILE CG1 HG12 sing N N 145 
ILE CG1 HG13 sing N N 146 
ILE CG2 HG21 sing N N 147 
ILE CG2 HG22 sing N N 148 
ILE CG2 HG23 sing N N 149 
ILE CD1 HD11 sing N N 150 
ILE CD1 HD12 sing N N 151 
ILE CD1 HD13 sing N N 152 
ILE OXT HXT  sing N N 153 
LEU N   CA   sing N N 154 
LEU N   H    sing N N 155 
LEU N   H2   sing N N 156 
LEU CA  C    sing N N 157 
LEU CA  CB   sing N N 158 
LEU CA  HA   sing N N 159 
LEU C   O    doub N N 160 
LEU C   OXT  sing N N 161 
LEU CB  CG   sing N N 162 
LEU CB  HB2  sing N N 163 
LEU CB  HB3  sing N N 164 
LEU CG  CD1  sing N N 165 
LEU CG  CD2  sing N N 166 
LEU CG  HG   sing N N 167 
LEU CD1 HD11 sing N N 168 
LEU CD1 HD12 sing N N 169 
LEU CD1 HD13 sing N N 170 
LEU CD2 HD21 sing N N 171 
LEU CD2 HD22 sing N N 172 
LEU CD2 HD23 sing N N 173 
LEU OXT HXT  sing N N 174 
LYS N   CA   sing N N 175 
LYS N   H    sing N N 176 
LYS N   H2   sing N N 177 
LYS CA  C    sing N N 178 
LYS CA  CB   sing N N 179 
LYS CA  HA   sing N N 180 
LYS C   O    doub N N 181 
LYS C   OXT  sing N N 182 
LYS CB  CG   sing N N 183 
LYS CB  HB2  sing N N 184 
LYS CB  HB3  sing N N 185 
LYS CG  CD   sing N N 186 
LYS CG  HG2  sing N N 187 
LYS CG  HG3  sing N N 188 
LYS CD  CE   sing N N 189 
LYS CD  HD2  sing N N 190 
LYS CD  HD3  sing N N 191 
LYS CE  NZ   sing N N 192 
LYS CE  HE2  sing N N 193 
LYS CE  HE3  sing N N 194 
LYS NZ  HZ1  sing N N 195 
LYS NZ  HZ2  sing N N 196 
LYS NZ  HZ3  sing N N 197 
LYS OXT HXT  sing N N 198 
MSE N   CA   sing N N 199 
MSE N   H    sing N N 200 
MSE N   H2   sing N N 201 
MSE CA  C    sing N N 202 
MSE CA  CB   sing N N 203 
MSE CA  HA   sing N N 204 
MSE C   O    doub N N 205 
MSE C   OXT  sing N N 206 
MSE OXT HXT  sing N N 207 
MSE CB  CG   sing N N 208 
MSE CB  HB2  sing N N 209 
MSE CB  HB3  sing N N 210 
MSE CG  SE   sing N N 211 
MSE CG  HG2  sing N N 212 
MSE CG  HG3  sing N N 213 
MSE SE  CE   sing N N 214 
MSE CE  HE1  sing N N 215 
MSE CE  HE2  sing N N 216 
MSE CE  HE3  sing N N 217 
PG4 O1  C1   sing N N 218 
PG4 O1  HO1  sing N N 219 
PG4 C1  C2   sing N N 220 
PG4 C1  H11  sing N N 221 
PG4 C1  H12  sing N N 222 
PG4 C2  O2   sing N N 223 
PG4 C2  H21  sing N N 224 
PG4 C2  H22  sing N N 225 
PG4 O2  C3   sing N N 226 
PG4 C3  C4   sing N N 227 
PG4 C3  H31  sing N N 228 
PG4 C3  H32  sing N N 229 
PG4 C4  O3   sing N N 230 
PG4 C4  H41  sing N N 231 
PG4 C4  H42  sing N N 232 
PG4 O3  C5   sing N N 233 
PG4 C5  C6   sing N N 234 
PG4 C5  H51  sing N N 235 
PG4 C5  H52  sing N N 236 
PG4 C6  O4   sing N N 237 
PG4 C6  H61  sing N N 238 
PG4 C6  H62  sing N N 239 
PG4 O4  C7   sing N N 240 
PG4 C7  C8   sing N N 241 
PG4 C7  H71  sing N N 242 
PG4 C7  H72  sing N N 243 
PG4 C8  O5   sing N N 244 
PG4 C8  H81  sing N N 245 
PG4 C8  H82  sing N N 246 
PG4 O5  HO5  sing N N 247 
PHE N   CA   sing N N 248 
PHE N   H    sing N N 249 
PHE N   H2   sing N N 250 
PHE CA  C    sing N N 251 
PHE CA  CB   sing N N 252 
PHE CA  HA   sing N N 253 
PHE C   O    doub N N 254 
PHE C   OXT  sing N N 255 
PHE CB  CG   sing N N 256 
PHE CB  HB2  sing N N 257 
PHE CB  HB3  sing N N 258 
PHE CG  CD1  doub Y N 259 
PHE CG  CD2  sing Y N 260 
PHE CD1 CE1  sing Y N 261 
PHE CD1 HD1  sing N N 262 
PHE CD2 CE2  doub Y N 263 
PHE CD2 HD2  sing N N 264 
PHE CE1 CZ   doub Y N 265 
PHE CE1 HE1  sing N N 266 
PHE CE2 CZ   sing Y N 267 
PHE CE2 HE2  sing N N 268 
PHE CZ  HZ   sing N N 269 
PHE OXT HXT  sing N N 270 
PRO N   CA   sing N N 271 
PRO N   CD   sing N N 272 
PRO N   H    sing N N 273 
PRO CA  C    sing N N 274 
PRO CA  CB   sing N N 275 
PRO CA  HA   sing N N 276 
PRO C   O    doub N N 277 
PRO C   OXT  sing N N 278 
PRO CB  CG   sing N N 279 
PRO CB  HB2  sing N N 280 
PRO CB  HB3  sing N N 281 
PRO CG  CD   sing N N 282 
PRO CG  HG2  sing N N 283 
PRO CG  HG3  sing N N 284 
PRO CD  HD2  sing N N 285 
PRO CD  HD3  sing N N 286 
PRO OXT HXT  sing N N 287 
SER N   CA   sing N N 288 
SER N   H    sing N N 289 
SER N   H2   sing N N 290 
SER CA  C    sing N N 291 
SER CA  CB   sing N N 292 
SER CA  HA   sing N N 293 
SER C   O    doub N N 294 
SER C   OXT  sing N N 295 
SER CB  OG   sing N N 296 
SER CB  HB2  sing N N 297 
SER CB  HB3  sing N N 298 
SER OG  HG   sing N N 299 
SER OXT HXT  sing N N 300 
THR N   CA   sing N N 301 
THR N   H    sing N N 302 
THR N   H2   sing N N 303 
THR CA  C    sing N N 304 
THR CA  CB   sing N N 305 
THR CA  HA   sing N N 306 
THR C   O    doub N N 307 
THR C   OXT  sing N N 308 
THR CB  OG1  sing N N 309 
THR CB  CG2  sing N N 310 
THR CB  HB   sing N N 311 
THR OG1 HG1  sing N N 312 
THR CG2 HG21 sing N N 313 
THR CG2 HG22 sing N N 314 
THR CG2 HG23 sing N N 315 
THR OXT HXT  sing N N 316 
TRS C   C1   sing N N 317 
TRS C   C2   sing N N 318 
TRS C   C3   sing N N 319 
TRS C   N    sing N N 320 
TRS C1  O1   sing N N 321 
TRS C1  H11  sing N N 322 
TRS C1  H12  sing N N 323 
TRS C2  O2   sing N N 324 
TRS C2  H21  sing N N 325 
TRS C2  H22  sing N N 326 
TRS C3  O3   sing N N 327 
TRS C3  H31  sing N N 328 
TRS C3  H32  sing N N 329 
TRS N   HN1  sing N N 330 
TRS N   HN2  sing N N 331 
TRS N   HN3  sing N N 332 
TRS O1  HO1  sing N N 333 
TRS O2  HO2  sing N N 334 
TRS O3  HO3  sing N N 335 
TYR N   CA   sing N N 336 
TYR N   H    sing N N 337 
TYR N   H2   sing N N 338 
TYR CA  C    sing N N 339 
TYR CA  CB   sing N N 340 
TYR CA  HA   sing N N 341 
TYR C   O    doub N N 342 
TYR C   OXT  sing N N 343 
TYR CB  CG   sing N N 344 
TYR CB  HB2  sing N N 345 
TYR CB  HB3  sing N N 346 
TYR CG  CD1  doub Y N 347 
TYR CG  CD2  sing Y N 348 
TYR CD1 CE1  sing Y N 349 
TYR CD1 HD1  sing N N 350 
TYR CD2 CE2  doub Y N 351 
TYR CD2 HD2  sing N N 352 
TYR CE1 CZ   doub Y N 353 
TYR CE1 HE1  sing N N 354 
TYR CE2 CZ   sing Y N 355 
TYR CE2 HE2  sing N N 356 
TYR CZ  OH   sing N N 357 
TYR OH  HH   sing N N 358 
TYR OXT HXT  sing N N 359 
VAL N   CA   sing N N 360 
VAL N   H    sing N N 361 
VAL N   H2   sing N N 362 
VAL CA  C    sing N N 363 
VAL CA  CB   sing N N 364 
VAL CA  HA   sing N N 365 
VAL C   O    doub N N 366 
VAL C   OXT  sing N N 367 
VAL CB  CG1  sing N N 368 
VAL CB  CG2  sing N N 369 
VAL CB  HB   sing N N 370 
VAL CG1 HG11 sing N N 371 
VAL CG1 HG12 sing N N 372 
VAL CG1 HG13 sing N N 373 
VAL CG2 HG21 sing N N 374 
VAL CG2 HG22 sing N N 375 
VAL CG2 HG23 sing N N 376 
VAL OXT HXT  sing N N 377 
# 
_atom_sites.entry_id                    2QTD 
_atom_sites.fract_transf_matrix[1][1]   0.00411254 
_atom_sites.fract_transf_matrix[1][2]   0.00078422 
_atom_sites.fract_transf_matrix[1][3]   -0.02756993 
_atom_sites.fract_transf_matrix[2][1]   -0.00668697 
_atom_sites.fract_transf_matrix[2][2]   -0.01716033 
_atom_sites.fract_transf_matrix[2][3]   -0.00148560 
_atom_sites.fract_transf_matrix[3][1]   -0.01628319 
_atom_sites.fract_transf_matrix[3][2]   0.00653935 
_atom_sites.fract_transf_matrix[3][3]   -0.00224292 
_atom_sites.fract_transf_vector[1]      0.404585 
_atom_sites.fract_transf_vector[2]      0.017246 
_atom_sites.fract_transf_vector[3]      -0.293468 
# 
loop_
_atom_type.symbol 
C  
N  
O  
S  
SE 
# 
loop_
_atom_site.group_PDB 
_atom_site.id 
_atom_site.type_symbol 
_atom_site.label_atom_id 
_atom_site.label_alt_id 
_atom_site.label_comp_id 
_atom_site.label_asym_id 
_atom_site.label_entity_id 
_atom_site.label_seq_id 
_atom_site.pdbx_PDB_ins_code 
_atom_site.Cartn_x 
_atom_site.Cartn_y 
_atom_site.Cartn_z 
_atom_site.occupancy 
_atom_site.B_iso_or_equiv 
_atom_site.pdbx_formal_charge 
_atom_site.auth_seq_id 
_atom_site.auth_comp_id 
_atom_site.auth_asym_id 
_atom_site.auth_atom_id 
_atom_site.pdbx_PDB_model_num 
HETATM 1   N  N   . MSE A 1 2   ? -13.326 4.839   -13.747 1.00 48.27 ? 1   MSE A N   1 
HETATM 2   C  CA  . MSE A 1 2   ? -11.909 5.275   -13.564 1.00 49.66 ? 1   MSE A CA  1 
HETATM 3   C  C   . MSE A 1 2   ? -11.547 5.350   -12.086 1.00 45.62 ? 1   MSE A C   1 
HETATM 4   O  O   . MSE A 1 2   ? -12.369 5.778   -11.270 1.00 45.43 ? 1   MSE A O   1 
HETATM 5   C  CB  . MSE A 1 2   ? -11.709 6.659   -14.145 1.00 51.11 ? 1   MSE A CB  1 
HETATM 6   C  CG  . MSE A 1 2   ? -12.358 6.892   -15.489 1.00 53.08 ? 1   MSE A CG  1 
HETATM 7   SE SE  . MSE A 1 2   ? -11.534 8.501   -16.150 0.75 57.07 ? 1   MSE A SE  1 
HETATM 8   C  CE  . MSE A 1 2   ? -9.775  7.794   -16.788 1.00 49.23 ? 1   MSE A CE  1 
ATOM   9   N  N   . ILE A 1 3   ? -10.321 4.961   -11.733 1.00 39.70 ? 2   ILE A N   1 
ATOM   10  C  CA  . ILE A 1 3   ? -9.944  5.000   -10.327 1.00 37.10 ? 2   ILE A CA  1 
ATOM   11  C  C   . ILE A 1 3   ? -9.360  6.377   -9.912  1.00 31.88 ? 2   ILE A C   1 
ATOM   12  O  O   . ILE A 1 3   ? -8.493  6.946   -10.622 1.00 31.10 ? 2   ILE A O   1 
ATOM   13  C  CB  . ILE A 1 3   ? -9.120  3.727   -9.853  1.00 37.11 ? 2   ILE A CB  1 
ATOM   14  C  CG1 . ILE A 1 3   ? -7.636  3.772   -10.147 1.00 43.33 ? 2   ILE A CG1 1 
ATOM   15  C  CG2 . ILE A 1 3   ? -9.725  2.427   -10.437 1.00 42.50 ? 2   ILE A CG2 1 
ATOM   16  C  CD1 . ILE A 1 3   ? -6.844  2.854   -9.188  1.00 32.60 ? 2   ILE A CD1 1 
ATOM   17  N  N   . ASN A 1 4   ? -9.921  6.884   -8.812  1.00 30.12 ? 3   ASN A N   1 
ATOM   18  C  CA  A ASN A 1 4   ? -9.448  8.037   -8.070  0.50 30.33 ? 3   ASN A CA  1 
ATOM   19  C  CA  B ASN A 1 4   ? -9.336  7.996   -8.072  0.50 31.39 ? 3   ASN A CA  1 
ATOM   20  C  C   . ASN A 1 4   ? -9.145  7.614   -6.613  1.00 29.96 ? 3   ASN A C   1 
ATOM   21  O  O   . ASN A 1 4   ? -10.086 7.666   -5.778  1.00 30.78 ? 3   ASN A O   1 
ATOM   22  C  CB  A ASN A 1 4   ? -10.565 9.088   -8.075  0.50 31.24 ? 3   ASN A CB  1 
ATOM   23  C  CB  B ASN A 1 4   ? -10.126 9.289   -8.139  0.50 32.61 ? 3   ASN A CB  1 
ATOM   24  C  CG  A ASN A 1 4   ? -10.964 9.516   -9.481  0.50 32.04 ? 3   ASN A CG  1 
ATOM   25  C  CG  B ASN A 1 4   ? -9.438  10.400  -7.357  0.50 33.52 ? 3   ASN A CG  1 
ATOM   26  O  OD1 A ASN A 1 4   ? -12.059 9.202   -9.969  0.50 35.61 ? 3   ASN A OD1 1 
ATOM   27  O  OD1 B ASN A 1 4   ? -8.213  10.537  -7.416  0.50 32.07 ? 3   ASN A OD1 1 
ATOM   28  N  ND2 A ASN A 1 4   ? -10.087 10.252  -10.127 0.50 26.87 ? 3   ASN A ND2 1 
ATOM   29  N  ND2 B ASN A 1 4   ? -10.211 11.172  -6.601  0.50 40.31 ? 3   ASN A ND2 1 
HETATM 30  N  N   . MSE A 1 5   ? -7.909  7.190   -6.288  1.00 27.48 ? 4   MSE A N   1 
HETATM 31  C  CA  A MSE A 1 5   ? -7.604  6.564   -4.990  0.50 27.02 ? 4   MSE A CA  1 
HETATM 32  C  CA  B MSE A 1 5   ? -7.628  6.638   -4.953  0.50 28.61 ? 4   MSE A CA  1 
HETATM 33  C  C   . MSE A 1 5   ? -6.224  6.921   -4.455  1.00 25.29 ? 4   MSE A C   1 
HETATM 34  O  O   . MSE A 1 5   ? -5.334  7.246   -5.214  1.00 24.37 ? 4   MSE A O   1 
HETATM 35  C  CB  A MSE A 1 5   ? -7.663  5.040   -5.142  0.50 28.04 ? 4   MSE A CB  1 
HETATM 36  C  CB  B MSE A 1 5   ? -7.875  5.126   -4.954  0.50 30.50 ? 4   MSE A CB  1 
HETATM 37  C  CG  A MSE A 1 5   ? -9.060  4.466   -5.404  0.50 25.15 ? 4   MSE A CG  1 
HETATM 38  C  CG  B MSE A 1 5   ? -9.360  4.748   -4.939  0.50 30.32 ? 4   MSE A CG  1 
HETATM 39  SE SE  A MSE A 1 5   ? -8.871  2.550   -5.554  0.37 28.52 ? 4   MSE A SE  1 
HETATM 40  SE SE  B MSE A 1 5   ? -9.645  2.888   -4.770  0.37 36.91 ? 4   MSE A SE  1 
HETATM 41  C  CE  A MSE A 1 5   ? -9.074  2.003   -3.701  0.50 22.28 ? 4   MSE A CE  1 
HETATM 42  C  CE  B MSE A 1 5   ? -8.793  2.390   -6.469  0.50 30.45 ? 4   MSE A CE  1 
ATOM   43  N  N   . LYS A 1 6   ? -6.057  6.788   -3.142  1.00 23.59 ? 5   LYS A N   1 
ATOM   44  C  CA  . LYS A 1 6   ? -4.769  6.899   -2.486  1.00 20.81 ? 5   LYS A CA  1 
ATOM   45  C  C   . LYS A 1 6   ? -4.388  5.470   -2.017  1.00 16.07 ? 5   LYS A C   1 
ATOM   46  O  O   . LYS A 1 6   ? -5.195  4.799   -1.390  1.00 18.40 ? 5   LYS A O   1 
ATOM   47  C  CB  . LYS A 1 6   ? -4.876  7.849   -1.282  1.00 18.40 ? 5   LYS A CB  1 
ATOM   48  C  CG  . LYS A 1 6   ? -3.589  8.113   -0.558  1.00 26.49 ? 5   LYS A CG  1 
ATOM   49  C  CD  . LYS A 1 6   ? -3.763  8.929   0.726   1.00 25.62 ? 5   LYS A CD  1 
ATOM   50  C  CE  . LYS A 1 6   ? -4.372  10.289  0.501   1.00 31.31 ? 5   LYS A CE  1 
ATOM   51  N  NZ  . LYS A 1 6   ? -4.174  11.210  1.678   1.00 26.17 ? 5   LYS A NZ  1 
ATOM   52  N  N   . VAL A 1 7   ? -3.178  5.041   -2.374  1.00 15.73 ? 6   VAL A N   1 
ATOM   53  C  CA  . VAL A 1 7   ? -2.724  3.670   -2.091  1.00 17.37 ? 6   VAL A CA  1 
ATOM   54  C  C   . VAL A 1 7   ? -1.410  3.742   -1.339  1.00 17.00 ? 6   VAL A C   1 
ATOM   55  O  O   . VAL A 1 7   ? -0.486  4.469   -1.736  1.00 16.41 ? 6   VAL A O   1 
ATOM   56  C  CB  . VAL A 1 7   ? -2.543  2.838   -3.369  1.00 17.55 ? 6   VAL A CB  1 
ATOM   57  C  CG1 . VAL A 1 7   ? -2.163  1.379   -3.009  1.00 18.36 ? 6   VAL A CG1 1 
ATOM   58  C  CG2 . VAL A 1 7   ? -3.825  2.917   -4.293  1.00 16.84 ? 6   VAL A CG2 1 
ATOM   59  N  N   . ALA A 1 8   ? -1.343  3.032   -0.235  1.00 16.86 ? 7   ALA A N   1 
ATOM   60  C  CA  . ALA A 1 8   ? -0.039  2.862   0.498   1.00 17.93 ? 7   ALA A CA  1 
ATOM   61  C  C   . ALA A 1 8   ? 0.672   1.533   0.146   1.00 21.57 ? 7   ALA A C   1 
ATOM   62  O  O   . ALA A 1 8   ? 0.082   0.459   0.209   1.00 21.13 ? 7   ALA A O   1 
ATOM   63  C  CB  . ALA A 1 8   ? -0.259  3.012   2.005   1.00 20.31 ? 7   ALA A CB  1 
ATOM   64  N  N   . ILE A 1 9   ? 1.939   1.632   -0.209  1.00 20.88 ? 8   ILE A N   1 
ATOM   65  C  CA  . ILE A 1 9   ? 2.775   0.461   -0.590  1.00 20.13 ? 8   ILE A CA  1 
ATOM   66  C  C   . ILE A 1 9   ? 3.924   0.308   0.368   1.00 19.61 ? 8   ILE A C   1 
ATOM   67  O  O   . ILE A 1 9   ? 4.709   1.257   0.579   1.00 20.49 ? 8   ILE A O   1 
ATOM   68  C  CB  . ILE A 1 9   ? 3.307   0.585   -2.034  1.00 22.88 ? 8   ILE A CB  1 
ATOM   69  C  CG1 . ILE A 1 9   ? 2.145   1.003   -2.953  1.00 23.84 ? 8   ILE A CG1 1 
ATOM   70  C  CG2 . ILE A 1 9   ? 4.043   -0.746  -2.436  1.00 22.41 ? 8   ILE A CG2 1 
ATOM   71  C  CD1 . ILE A 1 9   ? 2.429   1.151   -4.387  1.00 25.89 ? 8   ILE A CD1 1 
ATOM   72  N  N   . SER A 1 10  ? 4.098   -0.909  0.894   1.00 17.48 ? 9   SER A N   1 
ATOM   73  C  CA  . SER A 1 10  ? 5.175   -1.170  1.857   1.00 17.02 ? 9   SER A CA  1 
ATOM   74  C  C   . SER A 1 10  ? 6.488   -1.356  1.083   1.00 18.64 ? 9   SER A C   1 
ATOM   75  O  O   . SER A 1 10  ? 6.635   -2.300  0.327   1.00 19.78 ? 9   SER A O   1 
ATOM   76  C  CB  . SER A 1 10  ? 4.794   -2.409  2.634   1.00 19.44 ? 9   SER A CB  1 
ATOM   77  O  OG  . SER A 1 10  ? 4.660   -3.526  1.778   1.00 20.59 ? 9   SER A OG  1 
HETATM 78  N  N   . MSE A 1 11  ? 7.428   -0.434  1.291   1.00 18.88 ? 10  MSE A N   1 
HETATM 79  C  CA  . MSE A 1 11  ? 8.662   -0.358  0.490   1.00 20.34 ? 10  MSE A CA  1 
HETATM 80  C  C   . MSE A 1 11  ? 9.967   -0.558  1.270   1.00 21.92 ? 10  MSE A C   1 
HETATM 81  O  O   . MSE A 1 11  ? 10.166  -0.046  2.375   1.00 19.52 ? 10  MSE A O   1 
HETATM 82  C  CB  . MSE A 1 11  ? 8.751   0.993   -0.245  1.00 21.98 ? 10  MSE A CB  1 
HETATM 83  C  CG  . MSE A 1 11  ? 7.671   1.208   -1.305  1.00 20.97 ? 10  MSE A CG  1 
HETATM 84  SE SE  . MSE A 1 11  ? 7.875   -0.055  -2.776  0.75 21.34 ? 10  MSE A SE  1 
HETATM 85  C  CE  . MSE A 1 11  ? 9.744   0.291   -3.402  1.00 18.21 ? 10  MSE A CE  1 
ATOM   86  N  N   . ASP A 1 12  ? 10.882  -1.317  0.664   1.00 18.16 ? 11  ASP A N   1 
ATOM   87  C  CA  . ASP A 1 12  ? 12.324  -1.241  1.006   1.00 20.10 ? 11  ASP A CA  1 
ATOM   88  C  C   . ASP A 1 12  ? 12.988  -0.297  -0.007  1.00 20.85 ? 11  ASP A C   1 
ATOM   89  O  O   . ASP A 1 12  ? 12.355  0.141   -0.961  1.00 20.17 ? 11  ASP A O   1 
ATOM   90  C  CB  . ASP A 1 12  ? 12.979  -2.618  0.950   1.00 21.63 ? 11  ASP A CB  1 
ATOM   91  C  CG  . ASP A 1 12  ? 12.614  -3.502  2.135   1.00 26.86 ? 11  ASP A CG  1 
ATOM   92  O  OD1 . ASP A 1 12  ? 12.076  -3.031  3.163   1.00 22.88 ? 11  ASP A OD1 1 
ATOM   93  O  OD2 . ASP A 1 12  ? 12.914  -4.687  2.042   1.00 25.99 ? 11  ASP A OD2 1 
ATOM   94  N  N   . VAL A 1 13  ? 14.258  0.024   0.186   1.00 19.78 ? 12  VAL A N   1 
ATOM   95  C  CA  . VAL A 1 13  ? 14.884  1.007   -0.712  1.00 24.60 ? 12  VAL A CA  1 
ATOM   96  C  C   . VAL A 1 13  ? 14.918  0.523   -2.159  1.00 24.52 ? 12  VAL A C   1 
ATOM   97  O  O   . VAL A 1 13  ? 14.746  1.334   -3.053  1.00 26.55 ? 12  VAL A O   1 
ATOM   98  C  CB  . VAL A 1 13  ? 16.305  1.497   -0.248  1.00 23.96 ? 12  VAL A CB  1 
ATOM   99  C  CG1 . VAL A 1 13  ? 16.212  2.133   1.116   1.00 26.61 ? 12  VAL A CG1 1 
ATOM   100 C  CG2 . VAL A 1 13  ? 17.366  0.376   -0.283  1.00 23.98 ? 12  VAL A CG2 1 
ATOM   101 N  N   . ASP A 1 14  ? 15.047  -0.793  -2.359  1.00 25.35 ? 13  ASP A N   1 
ATOM   102 C  CA  . ASP A 1 14  ? 15.243  -1.415  -3.685  1.00 25.47 ? 13  ASP A CA  1 
ATOM   103 C  C   . ASP A 1 14  ? 14.045  -2.186  -4.265  1.00 26.22 ? 13  ASP A C   1 
ATOM   104 O  O   . ASP A 1 14  ? 14.080  -2.573  -5.430  1.00 27.04 ? 13  ASP A O   1 
ATOM   105 C  CB  . ASP A 1 14  ? 16.516  -2.305  -3.676  1.00 24.48 ? 13  ASP A CB  1 
ATOM   106 C  CG  . ASP A 1 14  ? 16.590  -3.291  -2.475  1.00 30.07 ? 13  ASP A CG  1 
ATOM   107 O  OD1 . ASP A 1 14  ? 15.786  -3.174  -1.519  1.00 30.98 ? 13  ASP A OD1 1 
ATOM   108 O  OD2 . ASP A 1 14  ? 17.498  -4.156  -2.466  1.00 35.95 ? 13  ASP A OD2 1 
ATOM   109 N  N   . LYS A 1 15  ? 12.969  -2.356  -3.492  1.00 24.20 ? 14  LYS A N   1 
ATOM   110 C  CA  . LYS A 1 15  ? 11.886  -3.283  -3.843  1.00 24.13 ? 14  LYS A CA  1 
ATOM   111 C  C   . LYS A 1 15  ? 10.752  -3.171  -2.838  1.00 22.30 ? 14  LYS A C   1 
ATOM   112 O  O   . LYS A 1 15  ? 10.945  -2.592  -1.760  1.00 18.42 ? 14  LYS A O   1 
ATOM   113 C  CB  . LYS A 1 15  ? 12.425  -4.722  -3.878  1.00 20.22 ? 14  LYS A CB  1 
ATOM   114 C  CG  . LYS A 1 15  ? 13.120  -5.146  -2.599  1.00 24.95 ? 14  LYS A CG  1 
ATOM   115 C  CD  . LYS A 1 15  ? 13.391  -6.653  -2.572  1.00 26.53 ? 14  LYS A CD  1 
ATOM   116 C  CE  . LYS A 1 15  ? 13.851  -7.109  -1.168  1.00 34.77 ? 14  LYS A CE  1 
ATOM   117 N  NZ  . LYS A 1 15  ? 13.565  -8.562  -0.946  1.00 40.49 ? 14  LYS A NZ  1 
ATOM   118 N  N   . ILE A 1 16  ? 9.588   -3.735  -3.191  1.00 22.11 ? 15  ILE A N   1 
ATOM   119 C  CA  . ILE A 1 16  ? 8.499   -3.944  -2.258  1.00 21.06 ? 15  ILE A CA  1 
ATOM   120 C  C   . ILE A 1 16  ? 9.053   -4.847  -1.158  1.00 21.73 ? 15  ILE A C   1 
ATOM   121 O  O   . ILE A 1 16  ? 9.769   -5.829  -1.454  1.00 15.59 ? 15  ILE A O   1 
ATOM   122 C  CB  . ILE A 1 16  ? 7.245   -4.562  -2.958  1.00 21.55 ? 15  ILE A CB  1 
ATOM   123 C  CG1 . ILE A 1 16  ? 6.682   -3.601  -4.032  1.00 24.89 ? 15  ILE A CG1 1 
ATOM   124 C  CG2 . ILE A 1 16  ? 6.141   -4.853  -1.908  1.00 17.11 ? 15  ILE A CG2 1 
ATOM   125 C  CD1 . ILE A 1 16  ? 5.507   -4.172  -4.865  1.00 24.93 ? 15  ILE A CD1 1 
ATOM   126 N  N   . SER A 1 17  ? 8.766   -4.507  0.097   1.00 19.14 ? 16  SER A N   1 
ATOM   127 C  CA  . SER A 1 17  ? 9.327   -5.205  1.238   1.00 22.46 ? 16  SER A CA  1 
ATOM   128 C  C   . SER A 1 17  ? 8.635   -6.552  1.452   1.00 21.10 ? 16  SER A C   1 
ATOM   129 O  O   . SER A 1 17  ? 7.548   -6.804  0.931   1.00 20.52 ? 16  SER A O   1 
ATOM   130 C  CB  . SER A 1 17  ? 9.155   -4.393  2.520   1.00 19.21 ? 16  SER A CB  1 
ATOM   131 O  OG  . SER A 1 17  ? 7.760   -4.209  2.746   1.00 19.14 ? 16  SER A OG  1 
ATOM   132 N  N   . ASN A 1 18  ? 9.252   -7.350  2.316   1.00 20.10 ? 17  ASN A N   1 
ATOM   133 C  CA  A ASN A 1 18  ? 8.735   -8.657  2.723   0.30 20.36 ? 17  ASN A CA  1 
ATOM   134 C  CA  B ASN A 1 18  ? 8.693   -8.665  2.664   0.70 20.63 ? 17  ASN A CA  1 
ATOM   135 C  C   . ASN A 1 18  ? 7.390   -8.579  3.445   1.00 20.50 ? 17  ASN A C   1 
ATOM   136 O  O   . ASN A 1 18  ? 6.548   -9.478  3.318   1.00 21.59 ? 17  ASN A O   1 
ATOM   137 C  CB  A ASN A 1 18  ? 9.764   -9.312  3.640   0.30 20.36 ? 17  ASN A CB  1 
ATOM   138 C  CB  B ASN A 1 18  ? 9.690   -9.491  3.471   0.70 21.65 ? 17  ASN A CB  1 
ATOM   139 C  CG  A ASN A 1 18  ? 9.299   -10.629 4.203   0.30 20.67 ? 17  ASN A CG  1 
ATOM   140 C  CG  B ASN A 1 18  ? 10.913  -9.946  2.658   0.70 23.76 ? 17  ASN A CG  1 
ATOM   141 O  OD1 A ASN A 1 18  ? 8.827   -11.496 3.470   0.30 12.54 ? 17  ASN A OD1 1 
ATOM   142 O  OD1 B ASN A 1 18  ? 10.979  -9.811  1.440   0.70 34.45 ? 17  ASN A OD1 1 
ATOM   143 N  ND2 A ASN A 1 18  ? 9.413   -10.779 5.517   0.30 16.27 ? 17  ASN A ND2 1 
ATOM   144 N  ND2 B ASN A 1 18  ? 11.891  -10.503 3.361   0.70 25.56 ? 17  ASN A ND2 1 
ATOM   145 N  N   . SER A 1 19  ? 7.227   -7.523  4.245   1.00 20.46 ? 18  SER A N   1 
ATOM   146 C  CA  . SER A 1 19  ? 5.991   -7.294  5.000   1.00 21.25 ? 18  SER A CA  1 
ATOM   147 C  C   . SER A 1 19  ? 5.678   -5.833  5.221   1.00 21.24 ? 18  SER A C   1 
ATOM   148 O  O   . SER A 1 19  ? 6.529   -4.925  5.046   1.00 19.98 ? 18  SER A O   1 
ATOM   149 C  CB  . SER A 1 19  ? 6.065   -8.050  6.341   1.00 21.98 ? 18  SER A CB  1 
ATOM   150 O  OG  . SER A 1 19  ? 6.812   -7.366  7.300   1.00 20.39 ? 18  SER A OG  1 
ATOM   151 N  N   . PHE A 1 20  ? 4.419   -5.610  5.586   1.00 19.90 ? 19  PHE A N   1 
ATOM   152 C  CA  . PHE A 1 20  ? 3.933   -4.318  6.004   1.00 24.14 ? 19  PHE A CA  1 
ATOM   153 C  C   . PHE A 1 20  ? 4.733   -3.859  7.204   1.00 18.70 ? 19  PHE A C   1 
ATOM   154 O  O   . PHE A 1 20  ? 5.024   -2.655  7.326   1.00 20.09 ? 19  PHE A O   1 
ATOM   155 C  CB  . PHE A 1 20  ? 2.424   -4.431  6.327   1.00 21.96 ? 19  PHE A CB  1 
ATOM   156 C  CG  . PHE A 1 20  ? 1.762   -3.149  6.675   1.00 23.46 ? 19  PHE A CG  1 
ATOM   157 C  CD1 . PHE A 1 20  ? 1.313   -2.311  5.670   1.00 20.41 ? 19  PHE A CD1 1 
ATOM   158 C  CD2 . PHE A 1 20  ? 1.558   -2.780  7.994   1.00 27.73 ? 19  PHE A CD2 1 
ATOM   159 C  CE1 . PHE A 1 20  ? 0.638   -1.131  5.971   1.00 29.11 ? 19  PHE A CE1 1 
ATOM   160 C  CE2 . PHE A 1 20  ? 0.920   -1.601  8.297   1.00 24.59 ? 19  PHE A CE2 1 
ATOM   161 C  CZ  . PHE A 1 20  ? 0.479   -0.766  7.292   1.00 24.66 ? 19  PHE A CZ  1 
ATOM   162 N  N   . GLU A 1 21  ? 5.105   -4.796  8.067   1.00 24.78 ? 20  GLU A N   1 
ATOM   163 C  CA  . GLU A 1 21  ? 5.768   -4.468  9.331   1.00 21.83 ? 20  GLU A CA  1 
ATOM   164 C  C   . GLU A 1 21  ? 7.260   -4.163  9.161   1.00 22.18 ? 20  GLU A C   1 
ATOM   165 O  O   . GLU A 1 21  ? 7.774   -3.302  9.851   1.00 21.84 ? 20  GLU A O   1 
ATOM   166 C  CB  . GLU A 1 21  ? 5.544   -5.573  10.374  1.00 23.40 ? 20  GLU A CB  1 
ATOM   167 C  CG  . GLU A 1 21  ? 4.075   -5.722  10.794  1.00 26.74 ? 20  GLU A CG  1 
ATOM   168 C  CD  . GLU A 1 21  ? 3.193   -6.407  9.751   1.00 23.20 ? 20  GLU A CD  1 
ATOM   169 O  OE1 . GLU A 1 21  ? 3.694   -7.184  8.933   1.00 23.80 ? 20  GLU A OE1 1 
ATOM   170 O  OE2 . GLU A 1 21  ? 1.982   -6.129  9.723   1.00 27.40 ? 20  GLU A OE2 1 
ATOM   171 N  N   . ASP A 1 22  ? 7.945   -4.860  8.248   1.00 19.78 ? 21  ASP A N   1 
ATOM   172 C  CA  . ASP A 1 22  ? 9.393   -4.778  8.130   1.00 24.03 ? 21  ASP A CA  1 
ATOM   173 C  C   . ASP A 1 22  ? 9.895   -3.682  7.181   1.00 22.62 ? 21  ASP A C   1 
ATOM   174 O  O   . ASP A 1 22  ? 11.109  -3.444  7.099   1.00 22.78 ? 21  ASP A O   1 
ATOM   175 C  CB  . ASP A 1 22  ? 9.973   -6.171  7.793   1.00 26.65 ? 21  ASP A CB  1 
ATOM   176 C  CG  . ASP A 1 22  ? 10.246  -6.411  6.304   1.00 31.57 ? 21  ASP A CG  1 
ATOM   177 O  OD1 . ASP A 1 22  ? 9.437   -6.101  5.447   1.00 24.95 ? 21  ASP A OD1 1 
ATOM   178 O  OD2 . ASP A 1 22  ? 11.309  -6.981  5.985   1.00 41.42 ? 21  ASP A OD2 1 
ATOM   179 N  N   . CYS A 1 23  ? 8.976   -3.016  6.479   1.00 20.33 ? 22  CYS A N   1 
ATOM   180 C  CA  . CYS A 1 23  ? 9.389   -2.052  5.450   1.00 17.97 ? 22  CYS A CA  1 
ATOM   181 C  C   . CYS A 1 23  ? 10.216  -0.887  6.000   1.00 18.43 ? 22  CYS A C   1 
ATOM   182 O  O   . CYS A 1 23  ? 10.188  -0.574  7.203   1.00 15.19 ? 22  CYS A O   1 
ATOM   183 C  CB  . CYS A 1 23  ? 8.212   -1.551  4.631   1.00 18.49 ? 22  CYS A CB  1 
ATOM   184 S  SG  . CYS A 1 23  ? 7.010   -0.523  5.445   1.00 19.61 ? 22  CYS A SG  1 
ATOM   185 N  N   . LYS A 1 24  ? 11.021  -0.313  5.123   1.00 17.74 ? 23  LYS A N   1 
ATOM   186 C  CA  . LYS A 1 24  ? 11.725  0.945   5.460   1.00 18.60 ? 23  LYS A CA  1 
ATOM   187 C  C   . LYS A 1 24  ? 10.774  2.116   5.474   1.00 19.52 ? 23  LYS A C   1 
ATOM   188 O  O   . LYS A 1 24  ? 10.838  2.987   6.358   1.00 19.28 ? 23  LYS A O   1 
ATOM   189 C  CB  . LYS A 1 24  ? 12.915  1.158   4.498   1.00 18.41 ? 23  LYS A CB  1 
ATOM   190 C  CG  . LYS A 1 24  ? 13.705  2.465   4.694   1.00 18.46 ? 23  LYS A CG  1 
ATOM   191 C  CD  . LYS A 1 24  ? 14.426  2.496   6.065   1.00 17.37 ? 23  LYS A CD  1 
ATOM   192 C  CE  . LYS A 1 24  ? 14.992  3.895   6.433   1.00 15.87 ? 23  LYS A CE  1 
ATOM   193 N  NZ  . LYS A 1 24  ? 15.793  3.813   7.696   1.00 16.76 ? 23  LYS A NZ  1 
ATOM   194 N  N   . TYR A 1 25  ? 9.864   2.153   4.493   1.00 18.60 ? 24  TYR A N   1 
ATOM   195 C  CA  . TYR A 1 25  ? 8.909   3.268   4.350   1.00 19.86 ? 24  TYR A CA  1 
ATOM   196 C  C   . TYR A 1 25  ? 7.670   2.806   3.626   1.00 21.20 ? 24  TYR A C   1 
ATOM   197 O  O   . TYR A 1 25  ? 7.701   1.747   2.981   1.00 18.15 ? 24  TYR A O   1 
ATOM   198 C  CB  . TYR A 1 25  ? 9.521   4.492   3.635   1.00 20.01 ? 24  TYR A CB  1 
ATOM   199 C  CG  . TYR A 1 25  ? 9.821   4.295   2.157   1.00 19.77 ? 24  TYR A CG  1 
ATOM   200 C  CD1 . TYR A 1 25  ? 10.972  3.662   1.761   1.00 18.43 ? 24  TYR A CD1 1 
ATOM   201 C  CD2 . TYR A 1 25  ? 8.985   4.769   1.160   1.00 18.92 ? 24  TYR A CD2 1 
ATOM   202 C  CE1 . TYR A 1 25  ? 11.278  3.475   0.393   1.00 20.37 ? 24  TYR A CE1 1 
ATOM   203 C  CE2 . TYR A 1 25  ? 9.287   4.577   -0.207  1.00 21.46 ? 24  TYR A CE2 1 
ATOM   204 C  CZ  . TYR A 1 25  ? 10.428  3.941   -0.571  1.00 23.11 ? 24  TYR A CZ  1 
ATOM   205 O  OH  . TYR A 1 25  ? 10.770  3.740   -1.892  1.00 23.75 ? 24  TYR A OH  1 
ATOM   206 N  N   . PHE A 1 26  ? 6.587   3.588   3.783   1.00 18.91 ? 25  PHE A N   1 
ATOM   207 C  CA  . PHE A 1 26  ? 5.337   3.487   3.044   1.00 19.34 ? 25  PHE A CA  1 
ATOM   208 C  C   . PHE A 1 26  ? 5.392   4.528   1.949   1.00 18.80 ? 25  PHE A C   1 
ATOM   209 O  O   . PHE A 1 26  ? 5.704   5.723   2.201   1.00 18.56 ? 25  PHE A O   1 
ATOM   210 C  CB  . PHE A 1 26  ? 4.127   3.739   3.932   1.00 22.77 ? 25  PHE A CB  1 
ATOM   211 C  CG  . PHE A 1 26  ? 4.117   2.900   5.167   1.00 24.52 ? 25  PHE A CG  1 
ATOM   212 C  CD1 . PHE A 1 26  ? 3.813   1.549   5.071   1.00 24.75 ? 25  PHE A CD1 1 
ATOM   213 C  CD2 . PHE A 1 26  ? 4.386   3.457   6.396   1.00 28.36 ? 25  PHE A CD2 1 
ATOM   214 C  CE1 . PHE A 1 26  ? 3.807   0.757   6.230   1.00 27.87 ? 25  PHE A CE1 1 
ATOM   215 C  CE2 . PHE A 1 26  ? 4.368   2.675   7.562   1.00 33.16 ? 25  PHE A CE2 1 
ATOM   216 C  CZ  . PHE A 1 26  ? 4.085   1.336   7.465   1.00 26.88 ? 25  PHE A CZ  1 
ATOM   217 N  N   . LEU A 1 27  ? 5.238   4.063   0.713   1.00 17.25 ? 26  LEU A N   1 
ATOM   218 C  CA  . LEU A 1 27  ? 5.032   4.934   -0.437  1.00 17.67 ? 26  LEU A CA  1 
ATOM   219 C  C   . LEU A 1 27  ? 3.529   5.238   -0.575  1.00 21.26 ? 26  LEU A C   1 
ATOM   220 O  O   . LEU A 1 27  ? 2.717   4.320   -0.809  1.00 19.57 ? 26  LEU A O   1 
ATOM   221 C  CB  . LEU A 1 27  ? 5.614   4.301   -1.697  1.00 18.12 ? 26  LEU A CB  1 
ATOM   222 C  CG  . LEU A 1 27  ? 5.477   5.112   -3.015  1.00 19.88 ? 26  LEU A CG  1 
ATOM   223 C  CD1 . LEU A 1 27  ? 6.334   6.384   -2.936  1.00 22.07 ? 26  LEU A CD1 1 
ATOM   224 C  CD2 . LEU A 1 27  ? 5.948   4.276   -4.169  1.00 21.53 ? 26  LEU A CD2 1 
ATOM   225 N  N   . ILE A 1 28  ? 3.157   6.524   -0.453  1.00 19.32 ? 27  ILE A N   1 
ATOM   226 C  CA  . ILE A 1 28  ? 1.769   6.948   -0.595  1.00 19.74 ? 27  ILE A CA  1 
ATOM   227 C  C   . ILE A 1 28  ? 1.602   7.469   -2.029  1.00 20.17 ? 27  ILE A C   1 
ATOM   228 O  O   . ILE A 1 28  ? 2.224   8.456   -2.425  1.00 22.10 ? 27  ILE A O   1 
ATOM   229 C  CB  . ILE A 1 28  ? 1.357   7.997   0.460   1.00 19.45 ? 27  ILE A CB  1 
ATOM   230 C  CG1 . ILE A 1 28  ? 1.728   7.611   1.892   1.00 22.31 ? 27  ILE A CG1 1 
ATOM   231 C  CG2 . ILE A 1 28  ? -0.112  8.313   0.366   1.00 19.44 ? 27  ILE A CG2 1 
ATOM   232 C  CD1 . ILE A 1 28  ? 1.256   6.250   2.334   1.00 19.29 ? 27  ILE A CD1 1 
ATOM   233 N  N   . VAL A 1 29  ? 0.794   6.762   -2.810  1.00 20.00 ? 28  VAL A N   1 
ATOM   234 C  CA  A VAL A 1 29  ? 0.562   7.148   -4.197  0.50 20.18 ? 28  VAL A CA  1 
ATOM   235 C  CA  B VAL A 1 29  ? 0.536   7.040   -4.223  0.50 19.67 ? 28  VAL A CA  1 
ATOM   236 C  C   . VAL A 1 29  ? -0.872  7.578   -4.388  1.00 21.16 ? 28  VAL A C   1 
ATOM   237 O  O   . VAL A 1 29  ? -1.810  6.908   -3.961  1.00 20.45 ? 28  VAL A O   1 
ATOM   238 C  CB  A VAL A 1 29  ? 0.958   6.062   -5.228  0.50 21.26 ? 28  VAL A CB  1 
ATOM   239 C  CB  B VAL A 1 29  ? 0.662   5.714   -5.012  0.50 21.08 ? 28  VAL A CB  1 
ATOM   240 C  CG1 A VAL A 1 29  ? 2.455   5.790   -5.203  0.50 21.70 ? 28  VAL A CG1 1 
ATOM   241 C  CG1 B VAL A 1 29  ? 0.471   5.903   -6.549  0.50 19.17 ? 28  VAL A CG1 1 
ATOM   242 C  CG2 A VAL A 1 29  ? 0.190   4.791   -5.025  0.50 24.00 ? 28  VAL A CG2 1 
ATOM   243 C  CG2 B VAL A 1 29  ? 2.001   5.061   -4.717  0.50 19.22 ? 28  VAL A CG2 1 
ATOM   244 N  N   . ARG A 1 30  ? -1.030  8.733   -5.044  1.00 19.78 ? 29  ARG A N   1 
ATOM   245 C  CA  . ARG A 1 30  ? -2.340  9.241   -5.452  1.00 19.19 ? 29  ARG A CA  1 
ATOM   246 C  C   . ARG A 1 30  ? -2.499  8.872   -6.913  1.00 21.09 ? 29  ARG A C   1 
ATOM   247 O  O   . ARG A 1 30  ? -1.673  9.256   -7.733  1.00 23.41 ? 29  ARG A O   1 
ATOM   248 C  CB  . ARG A 1 30  ? -2.468  10.763  -5.303  1.00 20.91 ? 29  ARG A CB  1 
ATOM   249 C  CG  . ARG A 1 30  ? -3.571  11.447  -6.085  1.00 28.09 ? 29  ARG A CG  1 
ATOM   250 C  CD  . ARG A 1 30  ? -4.928  10.978  -5.710  1.00 42.79 ? 29  ARG A CD  1 
ATOM   251 N  NE  . ARG A 1 30  ? -5.221  11.252  -4.307  1.00 49.04 ? 29  ARG A NE  1 
ATOM   252 C  CZ  . ARG A 1 30  ? -6.366  10.925  -3.698  1.00 54.71 ? 29  ARG A CZ  1 
ATOM   253 N  NH1 . ARG A 1 30  ? -7.359  10.338  -4.370  1.00 54.36 ? 29  ARG A NH1 1 
ATOM   254 N  NH2 . ARG A 1 30  ? -6.526  11.222  -2.405  1.00 57.08 ? 29  ARG A NH2 1 
ATOM   255 N  N   . ILE A 1 31  ? -3.571  8.148   -7.218  1.00 23.05 ? 30  ILE A N   1 
ATOM   256 C  CA  . ILE A 1 31  ? -3.892  7.698   -8.571  1.00 25.35 ? 30  ILE A CA  1 
ATOM   257 C  C   . ILE A 1 31  ? -5.142  8.444   -8.962  1.00 25.44 ? 30  ILE A C   1 
ATOM   258 O  O   . ILE A 1 31  ? -6.089  8.515   -8.176  1.00 26.87 ? 30  ILE A O   1 
ATOM   259 C  CB  . ILE A 1 31  ? -4.164  6.199   -8.638  1.00 23.93 ? 30  ILE A CB  1 
ATOM   260 C  CG1 . ILE A 1 31  ? -2.884  5.390   -8.352  1.00 25.68 ? 30  ILE A CG1 1 
ATOM   261 C  CG2 . ILE A 1 31  ? -4.822  5.858   -10.054 1.00 23.46 ? 30  ILE A CG2 1 
ATOM   262 C  CD1 . ILE A 1 31  ? -3.120  3.952   -7.723  1.00 27.08 ? 30  ILE A CD1 1 
ATOM   263 N  N   . ASP A 1 32  ? -5.142  9.059   -10.141 1.00 29.42 ? 31  ASP A N   1 
ATOM   264 C  CA  . ASP A 1 32  ? -6.258  9.869   -10.559 1.00 29.88 ? 31  ASP A CA  1 
ATOM   265 C  C   . ASP A 1 32  ? -6.435  9.714   -12.034 1.00 30.80 ? 31  ASP A C   1 
ATOM   266 O  O   . ASP A 1 32  ? -5.437  9.629   -12.758 1.00 30.11 ? 31  ASP A O   1 
ATOM   267 C  CB  . ASP A 1 32  ? -6.010  11.333  -10.263 1.00 34.16 ? 31  ASP A CB  1 
ATOM   268 C  CG  . ASP A 1 32  ? -7.239  12.033  -9.806  1.00 40.03 ? 31  ASP A CG  1 
ATOM   269 O  OD1 . ASP A 1 32  ? -8.340  11.701  -10.313 1.00 38.45 ? 31  ASP A OD1 1 
ATOM   270 O  OD2 . ASP A 1 32  ? -7.094  12.879  -8.888  1.00 58.04 ? 31  ASP A OD2 1 
ATOM   271 N  N   . ASP A 1 33  ? -7.695  9.621   -12.447 1.00 27.17 ? 32  ASP A N   1 
ATOM   272 C  CA  . ASP A 1 33  ? -8.053  9.264   -13.803 1.00 30.33 ? 32  ASP A CA  1 
ATOM   273 C  C   . ASP A 1 33  ? -7.135  8.159   -14.321 1.00 31.50 ? 32  ASP A C   1 
ATOM   274 O  O   . ASP A 1 33  ? -6.522  8.300   -15.378 1.00 29.31 ? 32  ASP A O   1 
ATOM   275 C  CB  . ASP A 1 33  ? -8.003  10.536  -14.668 1.00 30.82 ? 32  ASP A CB  1 
ATOM   276 C  CG  . ASP A 1 33  ? -9.147  11.500  -14.361 1.00 37.50 ? 32  ASP A CG  1 
ATOM   277 O  OD1 . ASP A 1 33  ? -10.310 11.038  -14.207 1.00 45.28 ? 32  ASP A OD1 1 
ATOM   278 O  OD2 . ASP A 1 33  ? -8.885  12.721  -14.298 1.00 42.75 ? 32  ASP A OD2 1 
ATOM   279 N  N   . ASN A 1 34  ? -7.017  7.092   -13.510 1.00 29.06 ? 33  ASN A N   1 
ATOM   280 C  CA  . ASN A 1 34  ? -6.135  5.937   -13.768 1.00 29.61 ? 33  ASN A CA  1 
ATOM   281 C  C   . ASN A 1 34  ? -4.626  6.218   -13.982 1.00 27.70 ? 33  ASN A C   1 
ATOM   282 O  O   . ASN A 1 34  ? -3.946  5.427   -14.627 1.00 25.86 ? 33  ASN A O   1 
ATOM   283 C  CB  . ASN A 1 34  ? -6.699  5.123   -14.963 1.00 29.95 ? 33  ASN A CB  1 
ATOM   284 C  CG  . ASN A 1 34  ? -8.109  4.595   -14.702 1.00 28.21 ? 33  ASN A CG  1 
ATOM   285 O  OD1 . ASN A 1 34  ? -8.394  4.082   -13.619 1.00 29.02 ? 33  ASN A OD1 1 
ATOM   286 N  ND2 . ASN A 1 34  ? -8.990  4.704   -15.704 1.00 27.17 ? 33  ASN A ND2 1 
ATOM   287 N  N   . GLU A 1 35  ? -4.109  7.333   -13.446 1.00 28.88 ? 34  GLU A N   1 
ATOM   288 C  CA  . GLU A 1 35  ? -2.701  7.700   -13.581 1.00 27.81 ? 34  GLU A CA  1 
ATOM   289 C  C   . GLU A 1 35  ? -2.154  8.044   -12.211 1.00 25.46 ? 34  GLU A C   1 
ATOM   290 O  O   . GLU A 1 35  ? -2.868  8.682   -11.458 1.00 29.70 ? 34  GLU A O   1 
ATOM   291 C  CB  . GLU A 1 35  ? -2.566  8.924   -14.475 1.00 29.15 ? 34  GLU A CB  1 
ATOM   292 C  CG  . GLU A 1 35  ? -1.117  9.327   -14.737 1.00 26.37 ? 34  GLU A CG  1 
ATOM   293 C  CD  . GLU A 1 35  ? -0.971  10.254  -15.895 1.00 28.60 ? 34  GLU A CD  1 
ATOM   294 O  OE1 . GLU A 1 35  ? -1.298  11.446  -15.741 1.00 24.78 ? 34  GLU A OE1 1 
ATOM   295 O  OE2 . GLU A 1 35  ? -0.527  9.779   -16.958 1.00 36.19 ? 34  GLU A OE2 1 
ATOM   296 N  N   . VAL A 1 36  ? -0.906  7.682   -11.923 1.00 22.61 ? 35  VAL A N   1 
ATOM   297 C  CA  . VAL A 1 36  ? -0.212  8.200   -10.731 1.00 23.39 ? 35  VAL A CA  1 
ATOM   298 C  C   . VAL A 1 36  ? 0.027   9.709   -10.826 1.00 24.35 ? 35  VAL A C   1 
ATOM   299 O  O   . VAL A 1 36  ? 0.656   10.189  -11.782 1.00 23.31 ? 35  VAL A O   1 
ATOM   300 C  CB  . VAL A 1 36  ? 1.149   7.521   -10.432 1.00 26.51 ? 35  VAL A CB  1 
ATOM   301 C  CG1 . VAL A 1 36  ? 1.764   8.132   -9.210  1.00 23.42 ? 35  VAL A CG1 1 
ATOM   302 C  CG2 . VAL A 1 36  ? 0.963   6.013   -10.117 1.00 23.70 ? 35  VAL A CG2 1 
ATOM   303 N  N   . LYS A 1 37  ? -0.499  10.450  -9.865  1.00 22.19 ? 36  LYS A N   1 
ATOM   304 C  CA  . LYS A 1 37  ? -0.383  11.914  -9.871  1.00 20.94 ? 36  LYS A CA  1 
ATOM   305 C  C   . LYS A 1 37  ? 0.669   12.432  -8.917  1.00 22.28 ? 36  LYS A C   1 
ATOM   306 O  O   . LYS A 1 37  ? 1.278   13.491  -9.163  1.00 19.57 ? 36  LYS A O   1 
ATOM   307 C  CB  . LYS A 1 37  ? -1.719  12.554  -9.535  1.00 22.82 ? 36  LYS A CB  1 
ATOM   308 C  CG  . LYS A 1 37  ? -2.828  12.339  -10.561 1.00 22.10 ? 36  LYS A CG  1 
ATOM   309 C  CD  . LYS A 1 37  ? -2.391  12.686  -11.970 1.00 22.35 ? 36  LYS A CD  1 
ATOM   310 C  CE  . LYS A 1 37  ? -3.566  12.820  -12.894 1.00 27.18 ? 36  LYS A CE  1 
ATOM   311 N  NZ  . LYS A 1 37  ? -3.176  13.148  -14.282 1.00 29.49 ? 36  LYS A NZ  1 
ATOM   312 N  N   . SER A 1 38  ? 0.875   11.732  -7.807  1.00 20.92 ? 37  SER A N   1 
ATOM   313 C  CA  . SER A 1 38  ? 1.862   12.157  -6.849  1.00 20.27 ? 37  SER A CA  1 
ATOM   314 C  C   . SER A 1 38  ? 2.307   11.014  -5.937  1.00 19.10 ? 37  SER A C   1 
ATOM   315 O  O   . SER A 1 38  ? 1.652   9.946   -5.865  1.00 19.84 ? 37  SER A O   1 
ATOM   316 C  CB  . SER A 1 38  ? 1.281   13.274  -5.979  1.00 21.29 ? 37  SER A CB  1 
ATOM   317 O  OG  . SER A 1 38  ? 0.332   12.715  -5.112  1.00 22.45 ? 37  SER A OG  1 
ATOM   318 N  N   . THR A 1 39  ? 3.421   11.252  -5.236  1.00 20.70 ? 38  THR A N   1 
ATOM   319 C  CA  . THR A 1 39  ? 4.024   10.296  -4.349  1.00 22.05 ? 38  THR A CA  1 
ATOM   320 C  C   . THR A 1 39  ? 4.551   10.994  -3.108  1.00 19.29 ? 38  THR A C   1 
ATOM   321 O  O   . THR A 1 39  ? 4.877   12.178  -3.117  1.00 19.10 ? 38  THR A O   1 
ATOM   322 C  CB  . THR A 1 39  ? 5.184   9.479   -5.014  1.00 21.81 ? 38  THR A CB  1 
ATOM   323 O  OG1 . THR A 1 39  ? 6.290   10.338  -5.290  1.00 26.29 ? 38  THR A OG1 1 
ATOM   324 C  CG2 . THR A 1 39  ? 4.663   8.742   -6.338  1.00 27.20 ? 38  THR A CG2 1 
ATOM   325 N  N   . LYS A 1 40  ? 4.649   10.235  -2.029  1.00 22.76 ? 39  LYS A N   1 
ATOM   326 C  CA  . LYS A 1 40  ? 5.142   10.719  -0.774  1.00 22.77 ? 39  LYS A CA  1 
ATOM   327 C  C   . LYS A 1 40  ? 5.730   9.525   0.044   1.00 19.27 ? 39  LYS A C   1 
ATOM   328 O  O   . LYS A 1 40  ? 5.158   8.423   0.069   1.00 18.88 ? 39  LYS A O   1 
ATOM   329 C  CB  . LYS A 1 40  ? 4.009   11.388  -0.013  1.00 22.47 ? 39  LYS A CB  1 
ATOM   330 C  CG  . LYS A 1 40  ? 4.452   12.025  1.282   1.00 29.23 ? 39  LYS A CG  1 
ATOM   331 C  CD  . LYS A 1 40  ? 3.440   12.991  1.838   1.00 28.74 ? 39  LYS A CD  1 
ATOM   332 C  CE  . LYS A 1 40  ? 2.315   12.311  2.554   1.00 23.08 ? 39  LYS A CE  1 
ATOM   333 N  NZ  . LYS A 1 40  ? 1.552   13.220  3.482   1.00 21.90 ? 39  LYS A NZ  1 
ATOM   334 N  N   . VAL A 1 41  ? 6.867   9.778   0.701   1.00 18.87 ? 40  VAL A N   1 
ATOM   335 C  CA  . VAL A 1 41  ? 7.496   8.812   1.604   1.00 20.63 ? 40  VAL A CA  1 
ATOM   336 C  C   . VAL A 1 41  ? 7.101   9.066   3.047   1.00 19.93 ? 40  VAL A C   1 
ATOM   337 O  O   . VAL A 1 41  ? 7.226   10.196  3.541   1.00 22.07 ? 40  VAL A O   1 
ATOM   338 C  CB  . VAL A 1 41  ? 8.988   8.937   1.470   1.00 20.05 ? 40  VAL A CB  1 
ATOM   339 C  CG1 . VAL A 1 41  ? 9.723   8.113   2.521   1.00 24.26 ? 40  VAL A CG1 1 
ATOM   340 C  CG2 . VAL A 1 41  ? 9.377   8.568   0.035   1.00 19.28 ? 40  VAL A CG2 1 
ATOM   341 N  N   . ILE A 1 42  ? 6.628   8.022   3.711   1.00 20.37 ? 41  ILE A N   1 
ATOM   342 C  CA  . ILE A 1 42  ? 6.402   8.041   5.168   1.00 21.64 ? 41  ILE A CA  1 
ATOM   343 C  C   . ILE A 1 42  ? 7.294   6.942   5.771   1.00 22.89 ? 41  ILE A C   1 
ATOM   344 O  O   . ILE A 1 42  ? 7.073   5.756   5.531   1.00 20.55 ? 41  ILE A O   1 
ATOM   345 C  CB  . ILE A 1 42  ? 4.912   7.846   5.563   1.00 21.58 ? 41  ILE A CB  1 
ATOM   346 C  CG1 . ILE A 1 42  ? 3.981   8.974   5.027   1.00 22.03 ? 41  ILE A CG1 1 
ATOM   347 C  CG2 . ILE A 1 42  ? 4.795   7.750   7.088   1.00 23.39 ? 41  ILE A CG2 1 
ATOM   348 C  CD1 . ILE A 1 42  ? 2.503   8.855   5.429   1.00 23.40 ? 41  ILE A CD1 1 
ATOM   349 N  N   . PHE A 1 43  ? 8.299   7.328   6.550   1.00 22.56 ? 42  PHE A N   1 
ATOM   350 C  CA  . PHE A 1 43  ? 9.174   6.300   7.165   1.00 22.31 ? 42  PHE A CA  1 
ATOM   351 C  C   . PHE A 1 43  ? 8.418   5.431   8.155   1.00 21.99 ? 42  PHE A C   1 
ATOM   352 O  O   . PHE A 1 43  ? 7.506   5.901   8.813   1.00 24.80 ? 42  PHE A O   1 
ATOM   353 C  CB  . PHE A 1 43  ? 10.440  6.934   7.744   1.00 23.52 ? 42  PHE A CB  1 
ATOM   354 C  CG  . PHE A 1 43  ? 11.384  7.413   6.680   1.00 17.87 ? 42  PHE A CG  1 
ATOM   355 C  CD1 . PHE A 1 43  ? 11.940  6.507   5.783   1.00 21.86 ? 42  PHE A CD1 1 
ATOM   356 C  CD2 . PHE A 1 43  ? 11.657  8.772   6.524   1.00 23.95 ? 42  PHE A CD2 1 
ATOM   357 C  CE1 . PHE A 1 43  ? 12.802  6.914   4.786   1.00 25.70 ? 42  PHE A CE1 1 
ATOM   358 C  CE2 . PHE A 1 43  ? 12.515  9.223   5.513   1.00 24.53 ? 42  PHE A CE2 1 
ATOM   359 C  CZ  . PHE A 1 43  ? 13.079  8.298   4.627   1.00 22.04 ? 42  PHE A CZ  1 
ATOM   360 N  N   . ASN A 1 44  ? 8.725   4.139   8.170   1.00 19.92 ? 43  ASN A N   1 
ATOM   361 C  CA  . ASN A 1 44  ? 8.082   3.177   9.062   1.00 19.06 ? 43  ASN A CA  1 
ATOM   362 C  C   . ASN A 1 44  ? 8.747   3.213   10.451  1.00 19.49 ? 43  ASN A C   1 
ATOM   363 O  O   . ASN A 1 44  ? 9.365   2.237   10.892  1.00 21.26 ? 43  ASN A O   1 
ATOM   364 C  CB  . ASN A 1 44  ? 8.179   1.785   8.454   1.00 18.84 ? 43  ASN A CB  1 
ATOM   365 C  CG  . ASN A 1 44  ? 7.421   0.745   9.241   1.00 21.81 ? 43  ASN A CG  1 
ATOM   366 O  OD1 . ASN A 1 44  ? 6.496   1.066   10.026  1.00 22.77 ? 43  ASN A OD1 1 
ATOM   367 N  ND2 . ASN A 1 44  ? 7.791   -0.505  9.031   1.00 19.91 ? 43  ASN A ND2 1 
ATOM   368 N  N   . ASP A 1 45  ? 8.610   4.348   11.133  1.00 21.92 ? 44  ASP A N   1 
ATOM   369 C  CA  . ASP A 1 45  ? 9.099   4.505   12.513  1.00 23.14 ? 44  ASP A CA  1 
ATOM   370 C  C   . ASP A 1 45  ? 7.864   4.714   13.385  1.00 26.25 ? 44  ASP A C   1 
ATOM   371 O  O   . ASP A 1 45  ? 6.753   4.594   12.879  1.00 25.15 ? 44  ASP A O   1 
ATOM   372 C  CB  . ASP A 1 45  ? 10.178  5.594   12.629  1.00 25.93 ? 44  ASP A CB  1 
ATOM   373 C  CG  . ASP A 1 45  ? 9.736   6.976   12.142  1.00 31.11 ? 44  ASP A CG  1 
ATOM   374 O  OD1 . ASP A 1 45  ? 8.537   7.226   12.021  1.00 27.55 ? 44  ASP A OD1 1 
ATOM   375 O  OD2 . ASP A 1 45  ? 10.620  7.818   11.865  1.00 35.16 ? 44  ASP A OD2 1 
ATOM   376 N  N   . GLU A 1 46  ? 8.041   4.975   14.682  1.00 28.62 ? 45  GLU A N   1 
ATOM   377 C  CA  . GLU A 1 46  ? 6.893   5.164   15.596  1.00 30.05 ? 45  GLU A CA  1 
ATOM   378 C  C   . GLU A 1 46  ? 5.908   6.246   15.096  1.00 30.80 ? 45  GLU A C   1 
ATOM   379 O  O   . GLU A 1 46  ? 4.698   6.034   15.090  1.00 33.47 ? 45  GLU A O   1 
ATOM   380 C  CB  . GLU A 1 46  ? 7.360   5.476   17.025  1.00 30.18 ? 45  GLU A CB  1 
ATOM   381 N  N   . SER A 1 47  ? 6.441   7.360   14.613  1.00 30.70 ? 46  SER A N   1 
ATOM   382 C  CA  . SER A 1 47  ? 5.622   8.464   14.102  1.00 32.19 ? 46  SER A CA  1 
ATOM   383 C  C   . SER A 1 47  ? 4.955   8.095   12.773  1.00 33.75 ? 46  SER A C   1 
ATOM   384 O  O   . SER A 1 47  ? 3.779   8.403   12.548  1.00 34.05 ? 46  SER A O   1 
ATOM   385 C  CB  . SER A 1 47  ? 6.483   9.735   13.965  1.00 33.56 ? 46  SER A CB  1 
ATOM   386 O  OG  . SER A 1 47  ? 5.802   10.789  13.283  1.00 38.37 ? 46  SER A OG  1 
ATOM   387 N  N   . GLY A 1 48  ? 5.698   7.425   11.897  1.00 33.48 ? 47  GLY A N   1 
ATOM   388 C  CA  . GLY A 1 48  ? 5.142   6.981   10.605  1.00 31.82 ? 47  GLY A CA  1 
ATOM   389 C  C   . GLY A 1 48  ? 3.996   6.010   10.712  1.00 30.51 ? 47  GLY A C   1 
ATOM   390 O  O   . GLY A 1 48  ? 3.045   6.036   9.916   1.00 32.27 ? 47  GLY A O   1 
ATOM   391 N  N   . LYS A 1 49  ? 4.066   5.159   11.734  1.00 34.03 ? 48  LYS A N   1 
ATOM   392 C  CA  . LYS A 1 49  ? 2.965   4.238   12.030  1.00 33.93 ? 48  LYS A CA  1 
ATOM   393 C  C   . LYS A 1 49  ? 1.645   4.981   12.380  1.00 33.45 ? 48  LYS A C   1 
ATOM   394 O  O   . LYS A 1 49  ? 0.579   4.562   11.953  1.00 37.49 ? 48  LYS A O   1 
ATOM   395 C  CB  . LYS A 1 49  ? 3.393   3.253   13.124  1.00 30.98 ? 48  LYS A CB  1 
ATOM   396 C  CG  . LYS A 1 49  ? 4.418   2.212   12.613  1.00 32.13 ? 48  LYS A CG  1 
ATOM   397 C  CD  . LYS A 1 49  ? 4.915   1.303   13.755  1.00 34.04 ? 48  LYS A CD  1 
ATOM   398 C  CE  . LYS A 1 49  ? 5.852   0.196   13.265  1.00 33.91 ? 48  LYS A CE  1 
ATOM   399 N  NZ  . LYS A 1 49  ? 7.180   0.712   12.831  1.00 35.13 ? 48  LYS A NZ  1 
ATOM   400 N  N   . LYS A 1 50  ? 1.747   6.109   13.090  1.00 32.93 ? 49  LYS A N   1 
ATOM   401 C  CA  . LYS A 1 50  ? 0.599   7.003   13.338  1.00 31.25 ? 49  LYS A CA  1 
ATOM   402 C  C   . LYS A 1 50  ? 0.164   7.751   12.071  1.00 29.63 ? 49  LYS A C   1 
ATOM   403 O  O   . LYS A 1 50  ? -1.036  7.863   11.777  1.00 29.23 ? 49  LYS A O   1 
ATOM   404 C  CB  . LYS A 1 50  ? 0.933   8.008   14.449  1.00 30.06 ? 49  LYS A CB  1 
ATOM   405 C  CG  . LYS A 1 50  ? 1.176   7.368   15.826  1.00 31.58 ? 49  LYS A CG  1 
ATOM   406 C  CD  . LYS A 1 50  ? 1.615   8.415   16.864  1.00 34.26 ? 49  LYS A CD  1 
ATOM   407 C  CE  . LYS A 1 50  ? 1.397   7.916   18.309  1.00 40.87 ? 49  LYS A CE  1 
ATOM   408 N  N   . SER A 1 51  ? 1.157   8.240   11.323  1.00 27.45 ? 50  SER A N   1 
ATOM   409 C  CA  A SER A 1 51  ? 0.935   9.045   10.105  0.50 26.21 ? 50  SER A CA  1 
ATOM   410 C  CA  B SER A 1 51  ? 0.929   9.049   10.122  0.50 27.06 ? 50  SER A CA  1 
ATOM   411 C  C   . SER A 1 51  ? 0.204   8.320   9.003   1.00 26.23 ? 50  SER A C   1 
ATOM   412 O  O   . SER A 1 51  ? -0.612  8.905   8.301   1.00 24.48 ? 50  SER A O   1 
ATOM   413 C  CB  A SER A 1 51  ? 2.265   9.532   9.537   0.50 25.40 ? 50  SER A CB  1 
ATOM   414 C  CB  B SER A 1 51  ? 2.259   9.566   9.583   0.50 26.53 ? 50  SER A CB  1 
ATOM   415 O  OG  A SER A 1 51  ? 2.864   10.453  10.413  0.50 25.03 ? 50  SER A OG  1 
ATOM   416 O  OG  B SER A 1 51  ? 2.035   10.385  8.457   0.50 31.48 ? 50  SER A OG  1 
ATOM   417 N  N   . ILE A 1 52  ? 0.520   7.043   8.838   1.00 28.35 ? 51  ILE A N   1 
ATOM   418 C  CA  A ILE A 1 52  ? -0.101  6.239   7.806   0.50 29.17 ? 51  ILE A CA  1 
ATOM   419 C  CA  B ILE A 1 52  ? -0.107  6.236   7.803   0.50 28.97 ? 51  ILE A CA  1 
ATOM   420 C  C   . ILE A 1 52  ? -1.620  6.146   8.070   1.00 28.00 ? 51  ILE A C   1 
ATOM   421 O  O   . ILE A 1 52  ? -2.437  6.193   7.144   1.00 28.94 ? 51  ILE A O   1 
ATOM   422 C  CB  A ILE A 1 52  ? 0.635   4.857   7.695   0.50 29.84 ? 51  ILE A CB  1 
ATOM   423 C  CB  B ILE A 1 52  ? 0.606   4.837   7.669   0.50 29.66 ? 51  ILE A CB  1 
ATOM   424 C  CG1 A ILE A 1 52  ? 0.349   4.168   6.369   0.50 31.65 ? 51  ILE A CG1 1 
ATOM   425 C  CG1 B ILE A 1 52  ? 0.216   4.119   6.377   0.50 32.64 ? 51  ILE A CG1 1 
ATOM   426 C  CG2 A ILE A 1 52  ? 0.319   3.940   8.910   0.50 31.58 ? 51  ILE A CG2 1 
ATOM   427 C  CG2 B ILE A 1 52  ? 0.357   3.940   8.908   0.50 31.11 ? 51  ILE A CG2 1 
ATOM   428 C  CD1 A ILE A 1 52  ? 0.931   2.778   6.326   0.50 30.34 ? 51  ILE A CD1 1 
ATOM   429 C  CD1 B ILE A 1 52  ? 0.855   4.692   5.163   0.50 28.91 ? 51  ILE A CD1 1 
ATOM   430 N  N   . VAL A 1 53  ? -2.016  6.076   9.335   1.00 27.40 ? 52  VAL A N   1 
ATOM   431 C  CA  . VAL A 1 53  ? -3.432  6.073   9.664   1.00 25.40 ? 52  VAL A CA  1 
ATOM   432 C  C   . VAL A 1 53  ? -4.091  7.416   9.290   1.00 25.51 ? 52  VAL A C   1 
ATOM   433 O  O   . VAL A 1 53  ? -5.203  7.430   8.763   1.00 25.90 ? 52  VAL A O   1 
ATOM   434 C  CB  . VAL A 1 53  ? -3.679  5.728   11.189  1.00 24.01 ? 52  VAL A CB  1 
ATOM   435 C  CG1 . VAL A 1 53  ? -5.159  5.836   11.553  1.00 26.00 ? 52  VAL A CG1 1 
ATOM   436 C  CG2 . VAL A 1 53  ? -3.162  4.354   11.487  1.00 27.94 ? 52  VAL A CG2 1 
ATOM   437 N  N   . LYS A 1 54  ? -3.403  8.528   9.562   1.00 26.00 ? 53  LYS A N   1 
ATOM   438 C  CA  . LYS A 1 54  ? -3.917  9.874   9.268   1.00 26.32 ? 53  LYS A CA  1 
ATOM   439 C  C   . LYS A 1 54  ? -4.108  10.178  7.756   1.00 23.65 ? 53  LYS A C   1 
ATOM   440 O  O   . LYS A 1 54  ? -4.912  11.042  7.376   1.00 22.25 ? 53  LYS A O   1 
ATOM   441 C  CB  . LYS A 1 54  ? -3.002  10.943  9.889   1.00 25.31 ? 53  LYS A CB  1 
ATOM   442 C  CG  . LYS A 1 54  ? -2.971  10.968  11.426  1.00 34.74 ? 53  LYS A CG  1 
ATOM   443 C  CD  . LYS A 1 54  ? -2.146  12.163  11.916  1.00 33.10 ? 53  LYS A CD  1 
ATOM   444 N  N   . GLU A 1 55  ? -3.359  9.483   6.901   1.00 23.32 ? 54  GLU A N   1 
ATOM   445 C  CA  . GLU A 1 55  ? -3.469  9.632   5.433   1.00 22.59 ? 54  GLU A CA  1 
ATOM   446 C  C   . GLU A 1 55  ? -4.813  9.226   4.857   1.00 21.15 ? 54  GLU A C   1 
ATOM   447 O  O   . GLU A 1 55  ? -5.202  9.708   3.796   1.00 23.07 ? 54  GLU A O   1 
ATOM   448 C  CB  . GLU A 1 55  ? -2.364  8.773   4.744   1.00 23.12 ? 54  GLU A CB  1 
ATOM   449 C  CG  . GLU A 1 55  ? -0.962  9.323   4.825   1.00 33.83 ? 54  GLU A CG  1 
ATOM   450 C  CD  . GLU A 1 55  ? -0.810  10.644  4.056   1.00 30.42 ? 54  GLU A CD  1 
ATOM   451 O  OE1 . GLU A 1 55  ? -1.384  10.810  2.927   1.00 33.00 ? 54  GLU A OE1 1 
ATOM   452 O  OE2 . GLU A 1 55  ? -0.132  11.513  4.610   1.00 25.01 ? 54  GLU A OE2 1 
ATOM   453 N  N   . ASN A 1 56  ? -5.511  8.340   5.564   1.00 21.32 ? 55  ASN A N   1 
ATOM   454 C  CA  . ASN A 1 56  ? -6.860  7.902   5.161   1.00 23.52 ? 55  ASN A CA  1 
ATOM   455 C  C   . ASN A 1 56  ? -6.828  7.297   3.736   1.00 21.66 ? 55  ASN A C   1 
ATOM   456 O  O   . ASN A 1 56  ? -7.585  7.706   2.832   1.00 20.25 ? 55  ASN A O   1 
ATOM   457 C  CB  . ASN A 1 56  ? -7.849  9.056   5.269   1.00 23.66 ? 55  ASN A CB  1 
ATOM   458 C  CG  . ASN A 1 56  ? -9.299  8.605   5.278   1.00 22.35 ? 55  ASN A CG  1 
ATOM   459 O  OD1 . ASN A 1 56  ? -9.605  7.443   5.590   1.00 26.77 ? 55  ASN A OD1 1 
ATOM   460 N  ND2 . ASN A 1 56  ? -10.218 9.535   4.970   1.00 29.56 ? 55  ASN A ND2 1 
ATOM   461 N  N   . VAL A 1 57  ? -5.918  6.349   3.554   1.00 23.74 ? 56  VAL A N   1 
ATOM   462 C  CA  . VAL A 1 57  ? -5.695  5.720   2.246   1.00 19.71 ? 56  VAL A CA  1 
ATOM   463 C  C   . VAL A 1 57  ? -6.918  4.857   1.898   1.00 20.07 ? 56  VAL A C   1 
ATOM   464 O  O   . VAL A 1 57  ? -7.721  4.480   2.776   1.00 19.04 ? 56  VAL A O   1 
ATOM   465 C  CB  . VAL A 1 57  ? -4.340  4.926   2.145   1.00 21.74 ? 56  VAL A CB  1 
ATOM   466 C  CG1 . VAL A 1 57  ? -3.141  5.839   2.504   1.00 21.11 ? 56  VAL A CG1 1 
ATOM   467 C  CG2 . VAL A 1 57  ? -4.358  3.621   2.990   1.00 21.55 ? 56  VAL A CG2 1 
ATOM   468 N  N   . ASN A 1 58  ? -7.099  4.604   0.624   1.00 20.06 ? 57  ASN A N   1 
ATOM   469 C  CA  . ASN A 1 58  ? -8.159  3.709   0.156   1.00 22.10 ? 57  ASN A CA  1 
ATOM   470 C  C   . ASN A 1 58  ? -7.721  2.230   0.187   1.00 18.77 ? 57  ASN A C   1 
ATOM   471 O  O   . ASN A 1 58  ? -8.566  1.333   0.283   1.00 22.81 ? 57  ASN A O   1 
ATOM   472 C  CB  . ASN A 1 58  ? -8.626  4.088   -1.256  1.00 22.74 ? 57  ASN A CB  1 
ATOM   473 C  CG  . ASN A 1 58  ? -9.131  5.521   -1.360  1.00 22.24 ? 57  ASN A CG  1 
ATOM   474 O  OD1 . ASN A 1 58  ? -8.386  6.440   -1.709  1.00 24.19 ? 57  ASN A OD1 1 
ATOM   475 N  ND2 . ASN A 1 58  ? -10.410 5.719   -1.030  1.00 31.67 ? 57  ASN A ND2 1 
ATOM   476 N  N   . ALA A 1 59  ? -6.436  1.957   0.069   1.00 18.82 ? 58  ALA A N   1 
ATOM   477 C  CA  . ALA A 1 59  ? -5.947  0.608   -0.176  1.00 20.52 ? 58  ALA A CA  1 
ATOM   478 C  C   . ALA A 1 59  ? -4.516  0.522   0.270   1.00 17.65 ? 58  ALA A C   1 
ATOM   479 O  O   . ALA A 1 59  ? -3.815  1.571   0.308   1.00 18.87 ? 58  ALA A O   1 
ATOM   480 C  CB  . ALA A 1 59  ? -6.058  0.289   -1.665  1.00 17.51 ? 58  ALA A CB  1 
ATOM   481 N  N   . ILE A 1 60  ? -4.075  -0.701  0.625   1.00 18.09 ? 59  ILE A N   1 
ATOM   482 C  CA  . ILE A 1 60  ? -2.682  -1.032  0.901   1.00 18.84 ? 59  ILE A CA  1 
ATOM   483 C  C   . ILE A 1 60  ? -2.237  -2.114  -0.084  1.00 21.35 ? 59  ILE A C   1 
ATOM   484 O  O   . ILE A 1 60  ? -3.034  -3.011  -0.366  1.00 22.43 ? 59  ILE A O   1 
ATOM   485 C  CB  . ILE A 1 60  ? -2.503  -1.518  2.379   1.00 18.89 ? 59  ILE A CB  1 
ATOM   486 C  CG1 . ILE A 1 60  ? -2.645  -0.375  3.366   1.00 20.28 ? 59  ILE A CG1 1 
ATOM   487 C  CG2 . ILE A 1 60  ? -1.133  -2.202  2.599   1.00 20.56 ? 59  ILE A CG2 1 
ATOM   488 C  CD1 . ILE A 1 60  ? -2.920  -0.795  4.863   1.00 20.43 ? 59  ILE A CD1 1 
ATOM   489 N  N   . ILE A 1 61  ? -0.988  -2.052  -0.557  1.00 21.36 ? 60  ILE A N   1 
ATOM   490 C  CA  . ILE A 1 61  ? -0.312  -3.124  -1.326  1.00 17.93 ? 60  ILE A CA  1 
ATOM   491 C  C   . ILE A 1 61  ? 0.855   -3.556  -0.477  1.00 18.16 ? 60  ILE A C   1 
ATOM   492 O  O   . ILE A 1 61  ? 1.677   -2.742  -0.092  1.00 19.23 ? 60  ILE A O   1 
ATOM   493 C  CB  . ILE A 1 61  ? 0.094   -2.719  -2.717  1.00 19.59 ? 60  ILE A CB  1 
ATOM   494 C  CG1 . ILE A 1 61  ? -1.104  -2.280  -3.536  1.00 19.34 ? 60  ILE A CG1 1 
ATOM   495 C  CG2 . ILE A 1 61  ? 0.841   -3.839  -3.435  1.00 20.36 ? 60  ILE A CG2 1 
ATOM   496 C  CD1 . ILE A 1 61  ? -0.677  -1.680  -4.906  1.00 21.11 ? 60  ILE A CD1 1 
ATOM   497 N  N   . CYS A 1 62  ? 0.871   -4.850  -0.151  1.00 19.12 ? 61  CYS A N   1 
ATOM   498 C  CA  . CYS A 1 62  ? 1.961   -5.477  0.584   1.00 19.70 ? 61  CYS A CA  1 
ATOM   499 C  C   . CYS A 1 62  ? 2.040   -6.974  0.246   1.00 19.61 ? 61  CYS A C   1 
ATOM   500 O  O   . CYS A 1 62  ? 1.185   -7.511  -0.407  1.00 18.88 ? 61  CYS A O   1 
ATOM   501 C  CB  . CYS A 1 62  ? 1.774   -5.277  2.089   1.00 19.97 ? 61  CYS A CB  1 
ATOM   502 S  SG  . CYS A 1 62  ? 0.285   -6.112  2.781   1.00 21.76 ? 61  CYS A SG  1 
ATOM   503 N  N   . LYS A 1 63  ? 3.125   -7.596  0.669   1.00 22.08 ? 62  LYS A N   1 
ATOM   504 C  CA  . LYS A 1 63  ? 3.333   -9.017  0.464   1.00 24.13 ? 62  LYS A CA  1 
ATOM   505 C  C   . LYS A 1 63  ? 2.814   -9.815  1.622   1.00 25.90 ? 62  LYS A C   1 
ATOM   506 O  O   . LYS A 1 63  ? 2.337   -10.924 1.416   1.00 33.39 ? 62  LYS A O   1 
ATOM   507 C  CB  . LYS A 1 63  ? 4.798   -9.322  0.237   1.00 22.05 ? 62  LYS A CB  1 
ATOM   508 C  CG  . LYS A 1 63  ? 5.374   -8.807  -1.055  1.00 25.75 ? 62  LYS A CG  1 
ATOM   509 C  CD  . LYS A 1 63  ? 6.764   -9.361  -1.243  1.00 24.51 ? 62  LYS A CD  1 
ATOM   510 C  CE  . LYS A 1 63  ? 7.501   -8.838  -2.460  1.00 28.94 ? 62  LYS A CE  1 
ATOM   511 N  NZ  . LYS A 1 63  ? 8.810   -9.546  -2.609  1.00 30.77 ? 62  LYS A NZ  1 
ATOM   512 N  N   . ASN A 1 64  ? 3.009   -9.313  2.831   1.00 23.22 ? 63  ASN A N   1 
ATOM   513 C  CA  . ASN A 1 64  ? 2.566   -9.962  4.083   1.00 24.68 ? 63  ASN A CA  1 
ATOM   514 C  C   . ASN A 1 64  ? 2.169   -8.886  5.038   1.00 23.84 ? 63  ASN A C   1 
ATOM   515 O  O   . ASN A 1 64  ? 2.658   -7.770  4.921   1.00 23.80 ? 63  ASN A O   1 
ATOM   516 C  CB  . ASN A 1 64  ? 3.681   -10.724 4.765   1.00 27.55 ? 63  ASN A CB  1 
ATOM   517 C  CG  . ASN A 1 64  ? 4.027   -12.009 4.082   1.00 29.30 ? 63  ASN A CG  1 
ATOM   518 O  OD1 . ASN A 1 64  ? 3.239   -12.960 4.088   1.00 31.89 ? 63  ASN A OD1 1 
ATOM   519 N  ND2 . ASN A 1 64  ? 5.223   -12.065 3.508   1.00 39.53 ? 63  ASN A ND2 1 
ATOM   520 N  N   . ILE A 1 65  ? 1.310   -9.223  5.995   1.00 24.62 ? 64  ILE A N   1 
ATOM   521 C  CA  . ILE A 1 65  ? 0.786   -8.253  6.981   1.00 23.43 ? 64  ILE A CA  1 
ATOM   522 C  C   . ILE A 1 65  ? 0.452   -9.100  8.221   1.00 23.70 ? 64  ILE A C   1 
ATOM   523 O  O   . ILE A 1 65  ? 0.122   -10.284 8.094   1.00 22.53 ? 64  ILE A O   1 
ATOM   524 C  CB  . ILE A 1 65  ? -0.418  -7.424  6.440   1.00 25.18 ? 64  ILE A CB  1 
ATOM   525 C  CG1 . ILE A 1 65  ? -0.839  -6.274  7.395   1.00 18.62 ? 64  ILE A CG1 1 
ATOM   526 C  CG2 . ILE A 1 65  ? -1.610  -8.349  6.027   1.00 21.12 ? 64  ILE A CG2 1 
ATOM   527 C  CD1 . ILE A 1 65  ? -1.734  -5.303  6.699   1.00 25.36 ? 64  ILE A CD1 1 
ATOM   528 N  N   . SER A 1 66  ? 0.595   -8.497  9.398   1.00 22.84 ? 65  SER A N   1 
ATOM   529 C  CA  . SER A 1 66  ? 0.369   -9.184  10.671  1.00 23.61 ? 65  SER A CA  1 
ATOM   530 C  C   . SER A 1 66  ? -1.129  -9.284  10.926  1.00 24.28 ? 65  SER A C   1 
ATOM   531 O  O   . SER A 1 66  ? -1.923  -8.488  10.417  1.00 21.40 ? 65  SER A O   1 
ATOM   532 C  CB  . SER A 1 66  ? 1.054   -8.444  11.842  1.00 22.60 ? 65  SER A CB  1 
ATOM   533 O  OG  . SER A 1 66  ? 0.401   -7.232  12.159  1.00 22.66 ? 65  SER A OG  1 
ATOM   534 N  N   . GLU A 1 67  ? -1.509  -10.241 11.753  1.00 24.83 ? 66  GLU A N   1 
ATOM   535 C  CA  . GLU A 1 67  ? -2.897  -10.366 12.155  1.00 28.56 ? 66  GLU A CA  1 
ATOM   536 C  C   . GLU A 1 67  ? -3.410  -9.082  12.794  1.00 27.47 ? 66  GLU A C   1 
ATOM   537 O  O   . GLU A 1 67  ? -4.495  -8.636  12.447  1.00 26.10 ? 66  GLU A O   1 
ATOM   538 C  CB  . GLU A 1 67  ? -3.083  -11.556 13.093  1.00 30.56 ? 66  GLU A CB  1 
ATOM   539 C  CG  . GLU A 1 67  ? -2.893  -12.895 12.419  1.00 31.80 ? 66  GLU A CG  1 
ATOM   540 C  CD  . GLU A 1 67  ? -2.999  -14.040 13.396  1.00 36.03 ? 66  GLU A CD  1 
ATOM   541 O  OE1 . GLU A 1 67  ? -3.987  -14.080 14.166  1.00 52.01 ? 66  GLU A OE1 1 
ATOM   542 O  OE2 . GLU A 1 67  ? -2.091  -14.902 13.404  1.00 52.10 ? 66  GLU A OE2 1 
ATOM   543 N  N   . GLU A 1 68  ? -2.597  -8.465  13.659  1.00 27.52 ? 67  GLU A N   1 
ATOM   544 C  CA  . GLU A 1 68  ? -2.937  -7.177  14.299  1.00 29.64 ? 67  GLU A CA  1 
ATOM   545 C  C   . GLU A 1 68  ? -3.141  -6.037  13.316  1.00 28.90 ? 67  GLU A C   1 
ATOM   546 O  O   . GLU A 1 68  ? -4.168  -5.346  13.378  1.00 30.89 ? 67  GLU A O   1 
ATOM   547 C  CB  . GLU A 1 68  ? -1.895  -6.772  15.361  1.00 31.31 ? 67  GLU A CB  1 
ATOM   548 N  N   . ASN A 1 69  ? -2.198  -5.858  12.386  1.00 28.31 ? 68  ASN A N   1 
ATOM   549 C  CA  . ASN A 1 69  ? -2.338  -4.809  11.381  1.00 25.72 ? 68  ASN A CA  1 
ATOM   550 C  C   . ASN A 1 69  ? -3.479  -5.106  10.417  1.00 24.61 ? 68  ASN A C   1 
ATOM   551 O  O   . ASN A 1 69  ? -4.217  -4.212  10.041  1.00 26.08 ? 68  ASN A O   1 
ATOM   552 C  CB  . ASN A 1 69  ? -1.012  -4.539  10.639  1.00 27.57 ? 68  ASN A CB  1 
ATOM   553 C  CG  . ASN A 1 69  ? -0.014  -3.725  11.486  1.00 31.31 ? 68  ASN A CG  1 
ATOM   554 O  OD1 . ASN A 1 69  ? -0.405  -2.817  12.214  1.00 29.81 ? 68  ASN A OD1 1 
ATOM   555 N  ND2 . ASN A 1 69  ? 1.265   -4.053  11.387  1.00 24.56 ? 68  ASN A ND2 1 
ATOM   556 N  N   . TYR A 1 70  ? -3.647  -6.363  10.034  1.00 25.20 ? 69  TYR A N   1 
ATOM   557 C  CA  . TYR A 1 70  ? -4.805  -6.743  9.233   1.00 24.86 ? 69  TYR A CA  1 
ATOM   558 C  C   . TYR A 1 70  ? -6.124  -6.398  9.940   1.00 25.51 ? 69  TYR A C   1 
ATOM   559 O  O   . TYR A 1 70  ? -6.996  -5.786  9.336   1.00 28.44 ? 69  TYR A O   1 
ATOM   560 C  CB  . TYR A 1 70  ? -4.787  -8.227  8.849   1.00 25.94 ? 69  TYR A CB  1 
ATOM   561 C  CG  . TYR A 1 70  ? -5.878  -8.539  7.845   1.00 23.22 ? 69  TYR A CG  1 
ATOM   562 C  CD1 . TYR A 1 70  ? -5.702  -8.281  6.488   1.00 21.33 ? 69  TYR A CD1 1 
ATOM   563 C  CD2 . TYR A 1 70  ? -7.096  -9.092  8.265   1.00 28.47 ? 69  TYR A CD2 1 
ATOM   564 C  CE1 . TYR A 1 70  ? -6.709  -8.556  5.572   1.00 23.19 ? 69  TYR A CE1 1 
ATOM   565 C  CE2 . TYR A 1 70  ? -8.113  -9.364  7.353   1.00 30.95 ? 69  TYR A CE2 1 
ATOM   566 C  CZ  . TYR A 1 70  ? -7.908  -9.086  6.011   1.00 23.00 ? 69  TYR A CZ  1 
ATOM   567 O  OH  . TYR A 1 70  ? -8.897  -9.366  5.112   1.00 29.19 ? 69  TYR A OH  1 
ATOM   568 N  N   . LYS A 1 71  ? -6.250  -6.783  11.205  1.00 29.02 ? 70  LYS A N   1 
ATOM   569 C  CA  . LYS A 1 71  ? -7.439  -6.443  12.009  1.00 32.30 ? 70  LYS A CA  1 
ATOM   570 C  C   . LYS A 1 71  ? -7.718  -4.933  12.023  1.00 33.34 ? 70  LYS A C   1 
ATOM   571 O  O   . LYS A 1 71  ? -8.837  -4.507  11.702  1.00 34.25 ? 70  LYS A O   1 
ATOM   572 C  CB  . LYS A 1 71  ? -7.305  -6.993  13.434  1.00 32.73 ? 70  LYS A CB  1 
ATOM   573 C  CG  . LYS A 1 71  ? -8.583  -6.916  14.247  1.00 38.21 ? 70  LYS A CG  1 
ATOM   574 N  N   . LYS A 1 72  ? -6.685  -4.145  12.325  1.00 33.94 ? 71  LYS A N   1 
ATOM   575 C  CA  . LYS A 1 72  ? -6.772  -2.673  12.400  1.00 33.83 ? 71  LYS A CA  1 
ATOM   576 C  C   . LYS A 1 72  ? -7.178  -2.016  11.065  1.00 32.44 ? 71  LYS A C   1 
ATOM   577 O  O   . LYS A 1 72  ? -8.169  -1.307  10.976  1.00 30.87 ? 71  LYS A O   1 
ATOM   578 C  CB  . LYS A 1 72  ? -5.423  -2.123  12.908  1.00 34.04 ? 71  LYS A CB  1 
ATOM   579 C  CG  . LYS A 1 72  ? -5.202  -0.621  12.768  1.00 38.74 ? 71  LYS A CG  1 
ATOM   580 C  CD  . LYS A 1 72  ? -4.030  -0.132  13.620  1.00 39.89 ? 71  LYS A CD  1 
ATOM   581 C  CE  . LYS A 1 72  ? -3.629  1.289   13.213  1.00 42.93 ? 71  LYS A CE  1 
ATOM   582 N  NZ  . LYS A 1 72  ? -2.824  2.010   14.239  1.00 48.17 ? 71  LYS A NZ  1 
ATOM   583 N  N   . PHE A 1 73  ? -6.427  -2.284  10.009  1.00 31.22 ? 72  PHE A N   1 
ATOM   584 C  CA  . PHE A 1 73  ? -6.648  -1.612  8.722   1.00 29.50 ? 72  PHE A CA  1 
ATOM   585 C  C   . PHE A 1 73  ? -7.817  -2.163  7.907   1.00 29.88 ? 72  PHE A C   1 
ATOM   586 O  O   . PHE A 1 73  ? -8.462  -1.392  7.201   1.00 30.29 ? 72  PHE A O   1 
ATOM   587 C  CB  . PHE A 1 73  ? -5.346  -1.599  7.884   1.00 31.51 ? 72  PHE A CB  1 
ATOM   588 C  CG  . PHE A 1 73  ? -4.249  -0.704  8.447   1.00 34.25 ? 72  PHE A CG  1 
ATOM   589 C  CD1 . PHE A 1 73  ? -4.209  0.643   8.133   1.00 38.42 ? 72  PHE A CD1 1 
ATOM   590 C  CD2 . PHE A 1 73  ? -3.254  -1.212  9.283   1.00 36.06 ? 72  PHE A CD2 1 
ATOM   591 C  CE1 . PHE A 1 73  ? -3.212  1.466   8.642   1.00 39.84 ? 72  PHE A CE1 1 
ATOM   592 C  CE2 . PHE A 1 73  ? -2.263  -0.400  9.793   1.00 38.32 ? 72  PHE A CE2 1 
ATOM   593 C  CZ  . PHE A 1 73  ? -2.243  0.949   9.482   1.00 33.34 ? 72  PHE A CZ  1 
ATOM   594 N  N   . SER A 1 74  ? -8.127  -3.473  8.001   1.00 29.87 ? 73  SER A N   1 
ATOM   595 C  CA  . SER A 1 74  ? -9.197  -4.051  7.168   1.00 30.22 ? 73  SER A CA  1 
ATOM   596 C  C   . SER A 1 74  ? -10.618 -3.555  7.487   1.00 29.65 ? 73  SER A C   1 
ATOM   597 O  O   . SER A 1 74  ? -11.518 -3.733  6.668   1.00 30.42 ? 73  SER A O   1 
ATOM   598 C  CB  . SER A 1 74  ? -9.153  -5.600  7.125   1.00 32.26 ? 73  SER A CB  1 
ATOM   599 O  OG  . SER A 1 74  ? -9.435  -6.166  8.388   1.00 32.75 ? 73  SER A OG  1 
ATOM   600 N  N   . LYS A 1 75  ? -10.802 -2.920  8.653   1.00 30.92 ? 74  LYS A N   1 
ATOM   601 C  CA  . LYS A 1 75  ? -12.049 -2.242  9.022   1.00 31.71 ? 74  LYS A CA  1 
ATOM   602 C  C   . LYS A 1 75  ? -12.503 -1.198  8.000   1.00 30.87 ? 74  LYS A C   1 
ATOM   603 O  O   . LYS A 1 75  ? -13.703 -1.032  7.741   1.00 29.70 ? 74  LYS A O   1 
ATOM   604 C  CB  . LYS A 1 75  ? -11.883 -1.521  10.379  1.00 32.67 ? 74  LYS A CB  1 
ATOM   605 C  CG  . LYS A 1 75  ? -11.789 -2.439  11.588  1.00 36.82 ? 74  LYS A CG  1 
ATOM   606 C  CD  . LYS A 1 75  ? -11.758 -1.669  12.914  1.00 35.21 ? 74  LYS A CD  1 
ATOM   607 C  CE  . LYS A 1 75  ? -11.463 -2.615  14.084  1.00 38.29 ? 74  LYS A CE  1 
ATOM   608 N  NZ  . LYS A 1 75  ? -11.913 -2.081  15.391  1.00 42.64 ? 74  LYS A NZ  1 
ATOM   609 N  N   . LYS A 1 76  ? -11.521 -0.463  7.486   1.00 30.81 ? 75  LYS A N   1 
ATOM   610 C  CA  . LYS A 1 76  ? -11.720 0.676   6.610   1.00 32.02 ? 75  LYS A CA  1 
ATOM   611 C  C   . LYS A 1 76  ? -11.130 0.496   5.209   1.00 32.41 ? 75  LYS A C   1 
ATOM   612 O  O   . LYS A 1 76  ? -11.710 1.014   4.254   1.00 33.55 ? 75  LYS A O   1 
ATOM   613 C  CB  . LYS A 1 76  ? -11.043 1.890   7.265   1.00 33.84 ? 75  LYS A CB  1 
ATOM   614 C  CG  . LYS A 1 76  ? -11.636 3.247   6.894   1.00 37.01 ? 75  LYS A CG  1 
ATOM   615 C  CD  . LYS A 1 76  ? -12.432 3.830   8.043   1.00 37.07 ? 75  LYS A CD  1 
ATOM   616 N  N   . ILE A 1 77  ? -10.020 -0.256  5.107   1.00 29.82 ? 76  ILE A N   1 
ATOM   617 C  CA  . ILE A 1 77  ? -9.069  -0.261  3.952   1.00 30.86 ? 76  ILE A CA  1 
ATOM   618 C  C   . ILE A 1 77  ? -9.093  -1.672  3.335   1.00 29.50 ? 76  ILE A C   1 
ATOM   619 O  O   . ILE A 1 77  ? -9.198  -2.673  4.039   1.00 29.25 ? 76  ILE A O   1 
ATOM   620 C  CB  . ILE A 1 77  ? -7.613  0.138   4.432   1.00 29.28 ? 76  ILE A CB  1 
ATOM   621 C  CG1 . ILE A 1 77  ? -7.627  1.510   5.123   1.00 37.18 ? 76  ILE A CG1 1 
ATOM   622 C  CG2 . ILE A 1 77  ? -6.514  0.169   3.325   1.00 22.65 ? 76  ILE A CG2 1 
ATOM   623 C  CD1 . ILE A 1 77  ? -6.270  1.984   5.556   1.00 32.36 ? 76  ILE A CD1 1 
ATOM   624 N  N   . GLU A 1 78  ? -9.043  -1.724  2.017   1.00 26.05 ? 77  GLU A N   1 
ATOM   625 C  CA  . GLU A 1 78  ? -8.842  -2.967  1.283   1.00 26.35 ? 77  GLU A CA  1 
ATOM   626 C  C   . GLU A 1 78  ? -7.362  -3.210  1.128   1.00 22.83 ? 77  GLU A C   1 
ATOM   627 O  O   . GLU A 1 78  ? -6.637  -2.301  0.787   1.00 23.32 ? 77  GLU A O   1 
ATOM   628 C  CB  . GLU A 1 78  ? -9.494  -2.836  -0.071  1.00 28.64 ? 77  GLU A CB  1 
ATOM   629 C  CG  . GLU A 1 78  ? -10.997 -2.595  0.071   1.00 35.58 ? 77  GLU A CG  1 
ATOM   630 C  CD  . GLU A 1 78  ? -11.656 -2.398  -1.245  1.00 50.13 ? 77  GLU A CD  1 
ATOM   631 O  OE1 . GLU A 1 78  ? -11.147 -1.547  -2.024  1.00 52.07 ? 77  GLU A OE1 1 
ATOM   632 O  OE2 . GLU A 1 78  ? -12.672 -3.097  -1.494  1.00 51.89 ? 77  GLU A OE2 1 
ATOM   633 N  N   . ILE A 1 79  ? -6.917  -4.446  1.375   1.00 19.71 ? 78  ILE A N   1 
ATOM   634 C  CA  . ILE A 1 79  ? -5.505  -4.816  1.454   1.00 20.44 ? 78  ILE A CA  1 
ATOM   635 C  C   . ILE A 1 79  ? -5.249  -5.808  0.334   1.00 18.17 ? 78  ILE A C   1 
ATOM   636 O  O   . ILE A 1 79  ? -5.901  -6.859  0.264   1.00 18.05 ? 78  ILE A O   1 
ATOM   637 C  CB  . ILE A 1 79  ? -5.112  -5.400  2.835   1.00 20.30 ? 78  ILE A CB  1 
ATOM   638 C  CG1 . ILE A 1 79  ? -5.529  -4.402  3.947   1.00 26.02 ? 78  ILE A CG1 1 
ATOM   639 C  CG2 . ILE A 1 79  ? -3.638  -5.679  2.872   1.00 20.63 ? 78  ILE A CG2 1 
ATOM   640 C  CD1 . ILE A 1 79  ? -5.274  -4.877  5.320   1.00 22.10 ? 78  ILE A CD1 1 
ATOM   641 N  N   . TYR A 1 80  ? -4.314  -5.461  -0.544  1.00 19.95 ? 79  TYR A N   1 
ATOM   642 C  CA  . TYR A 1 80  ? -4.057  -6.238  -1.769  1.00 20.79 ? 79  TYR A CA  1 
ATOM   643 C  C   . TYR A 1 80  ? -2.674  -6.844  -1.707  1.00 20.60 ? 79  TYR A C   1 
ATOM   644 O  O   . TYR A 1 80  ? -1.741  -6.258  -1.138  1.00 22.57 ? 79  TYR A O   1 
ATOM   645 C  CB  . TYR A 1 80  ? -4.157  -5.363  -2.999  1.00 20.24 ? 79  TYR A CB  1 
ATOM   646 C  CG  . TYR A 1 80  ? -5.547  -4.909  -3.286  1.00 19.11 ? 79  TYR A CG  1 
ATOM   647 C  CD1 . TYR A 1 80  ? -6.420  -5.714  -3.982  1.00 20.36 ? 79  TYR A CD1 1 
ATOM   648 C  CD2 . TYR A 1 80  ? -6.024  -3.732  -2.724  1.00 19.52 ? 79  TYR A CD2 1 
ATOM   649 C  CE1 . TYR A 1 80  ? -7.719  -5.305  -4.222  1.00 22.06 ? 79  TYR A CE1 1 
ATOM   650 C  CE2 . TYR A 1 80  ? -7.342  -3.334  -2.935  1.00 21.71 ? 79  TYR A CE2 1 
ATOM   651 C  CZ  . TYR A 1 80  ? -8.169  -4.124  -3.673  1.00 23.19 ? 79  TYR A CZ  1 
ATOM   652 O  OH  . TYR A 1 80  ? -9.477  -3.733  -3.913  1.00 22.55 ? 79  TYR A OH  1 
ATOM   653 N  N   . HIS A 1 81  ? -2.519  -8.022  -2.295  1.00 19.03 ? 80  HIS A N   1 
ATOM   654 C  CA  . HIS A 1 81  ? -1.260  -8.748  -2.263  1.00 18.12 ? 80  HIS A CA  1 
ATOM   655 C  C   . HIS A 1 81  ? -0.388  -8.402  -3.470  1.00 17.78 ? 80  HIS A C   1 
ATOM   656 O  O   . HIS A 1 81  ? -0.813  -8.530  -4.629  1.00 20.56 ? 80  HIS A O   1 
ATOM   657 C  CB  . HIS A 1 81  ? -1.525  -10.252 -2.260  1.00 19.04 ? 80  HIS A CB  1 
ATOM   658 C  CG  . HIS A 1 81  ? -0.284  -11.049 -2.004  1.00 18.63 ? 80  HIS A CG  1 
ATOM   659 N  ND1 . HIS A 1 81  ? 0.345   -11.774 -2.995  1.00 34.09 ? 80  HIS A ND1 1 
ATOM   660 C  CD2 . HIS A 1 81  ? 0.454   -11.209 -0.888  1.00 28.23 ? 80  HIS A CD2 1 
ATOM   661 C  CE1 . HIS A 1 81  ? 1.425   -12.349 -2.489  1.00 33.28 ? 80  HIS A CE1 1 
ATOM   662 N  NE2 . HIS A 1 81  ? 1.516   -12.016 -1.215  1.00 23.34 ? 80  HIS A NE2 1 
ATOM   663 N  N   . ALA A 1 82  ? 0.812   -7.901  -3.202  1.00 19.93 ? 81  ALA A N   1 
ATOM   664 C  CA  . ALA A 1 82  ? 1.800   -7.634  -4.243  1.00 20.60 ? 81  ALA A CA  1 
ATOM   665 C  C   . ALA A 1 82  ? 2.277   -8.879  -4.928  1.00 21.17 ? 81  ALA A C   1 
ATOM   666 O  O   . ALA A 1 82  ? 2.375   -9.937  -4.291  1.00 22.05 ? 81  ALA A O   1 
ATOM   667 C  CB  . ALA A 1 82  ? 2.992   -6.900  -3.680  1.00 21.44 ? 81  ALA A CB  1 
ATOM   668 N  N   . GLU A 1 83  ? 2.562   -8.750  -6.231  1.00 24.31 ? 82  GLU A N   1 
ATOM   669 C  CA  . GLU A 1 83  ? 3.089   -9.833  -7.053  1.00 25.02 ? 82  GLU A CA  1 
ATOM   670 C  C   . GLU A 1 83  ? 4.483   -9.464  -7.545  1.00 23.96 ? 82  GLU A C   1 
ATOM   671 O  O   . GLU A 1 83  ? 4.638   -8.588  -8.393  1.00 21.52 ? 82  GLU A O   1 
ATOM   672 C  CB  . GLU A 1 83  ? 2.137   -10.081 -8.217  1.00 25.37 ? 82  GLU A CB  1 
ATOM   673 C  CG  . GLU A 1 83  ? 0.735   -10.477 -7.678  1.00 26.73 ? 82  GLU A CG  1 
ATOM   674 C  CD  . GLU A 1 83  ? -0.293  -10.692 -8.761  1.00 27.26 ? 82  GLU A CD  1 
ATOM   675 O  OE1 . GLU A 1 83  ? 0.020   -10.583 -9.965  1.00 32.16 ? 82  GLU A OE1 1 
ATOM   676 O  OE2 . GLU A 1 83  ? -1.446  -10.994 -8.375  1.00 41.38 ? 82  GLU A OE2 1 
ATOM   677 N  N   . GLY A 1 84  ? 5.483   -10.111 -6.968  1.00 22.71 ? 83  GLY A N   1 
ATOM   678 C  CA  . GLY A 1 84  ? 6.871   -9.732  -7.133  1.00 24.41 ? 83  GLY A CA  1 
ATOM   679 C  C   . GLY A 1 84  ? 7.301   -8.448  -6.444  1.00 23.32 ? 83  GLY A C   1 
ATOM   680 O  O   . GLY A 1 84  ? 6.589   -7.893  -5.634  1.00 26.53 ? 83  GLY A O   1 
ATOM   681 N  N   . ASP A 1 85  ? 8.474   -7.981  -6.841  1.00 24.72 ? 84  ASP A N   1 
ATOM   682 C  CA  . ASP A 1 85  ? 9.275   -6.926  -6.156  1.00 23.15 ? 84  ASP A CA  1 
ATOM   683 C  C   . ASP A 1 85  ? 9.080   -5.504  -6.704  1.00 24.17 ? 84  ASP A C   1 
ATOM   684 O  O   . ASP A 1 85  ? 9.494   -4.520  -6.064  1.00 24.55 ? 84  ASP A O   1 
ATOM   685 C  CB  . ASP A 1 85  ? 10.792  -7.262  -6.334  1.00 20.28 ? 84  ASP A CB  1 
ATOM   686 C  CG  . ASP A 1 85  ? 11.287  -8.366  -5.425  1.00 19.08 ? 84  ASP A CG  1 
ATOM   687 O  OD1 . ASP A 1 85  ? 10.584  -8.787  -4.488  1.00 39.50 ? 84  ASP A OD1 1 
ATOM   688 O  OD2 . ASP A 1 85  ? 12.433  -8.819  -5.647  1.00 30.86 ? 84  ASP A OD2 1 
ATOM   689 N  N   . ASP A 1 86  ? 8.479   -5.373  -7.889  1.00 23.99 ? 85  ASP A N   1 
ATOM   690 C  CA  . ASP A 1 86  ? 8.547   -4.126  -8.662  1.00 21.88 ? 85  ASP A CA  1 
ATOM   691 C  C   . ASP A 1 86  ? 7.300   -3.277  -8.377  1.00 21.82 ? 85  ASP A C   1 
ATOM   692 O  O   . ASP A 1 86  ? 6.176   -3.665  -8.702  1.00 22.51 ? 85  ASP A O   1 
ATOM   693 C  CB  . ASP A 1 86  ? 8.702   -4.479  -10.153 1.00 23.28 ? 85  ASP A CB  1 
ATOM   694 C  CG  . ASP A 1 86  ? 8.926   -3.276  -11.030 1.00 25.63 ? 85  ASP A CG  1 
ATOM   695 O  OD1 . ASP A 1 86  ? 8.132   -2.333  -11.017 1.00 25.04 ? 85  ASP A OD1 1 
ATOM   696 O  OD2 . ASP A 1 86  ? 9.891   -3.312  -11.818 1.00 36.31 ? 85  ASP A OD2 1 
ATOM   697 N  N   . VAL A 1 87  ? 7.520   -2.106  -7.765  1.00 21.57 ? 86  VAL A N   1 
ATOM   698 C  CA  . VAL A 1 87  ? 6.437   -1.213  -7.387  1.00 23.90 ? 86  VAL A CA  1 
ATOM   699 C  C   . VAL A 1 87  ? 5.668   -0.656  -8.597  1.00 21.72 ? 86  VAL A C   1 
ATOM   700 O  O   . VAL A 1 87  ? 4.448   -0.550  -8.553  1.00 22.59 ? 86  VAL A O   1 
ATOM   701 C  CB  . VAL A 1 87  ? 6.910   -0.094  -6.430  1.00 25.67 ? 86  VAL A CB  1 
ATOM   702 C  CG1 . VAL A 1 87  ? 7.877   0.914   -7.106  1.00 27.93 ? 86  VAL A CG1 1 
ATOM   703 C  CG2 . VAL A 1 87  ? 5.695   0.602   -5.809  1.00 25.92 ? 86  VAL A CG2 1 
ATOM   704 N  N   . ASP A 1 88  ? 6.353   -0.354  -9.688  1.00 24.40 ? 87  ASP A N   1 
ATOM   705 C  CA  . ASP A 1 88  ? 5.627   0.198   -10.845 1.00 22.87 ? 87  ASP A CA  1 
ATOM   706 C  C   . ASP A 1 88  ? 4.741   -0.847  -11.487 1.00 22.72 ? 87  ASP A C   1 
ATOM   707 O  O   . ASP A 1 88  ? 3.585   -0.531  -11.839 1.00 22.97 ? 87  ASP A O   1 
ATOM   708 C  CB  . ASP A 1 88  ? 6.570   0.815   -11.871 1.00 24.18 ? 87  ASP A CB  1 
ATOM   709 C  CG  . ASP A 1 88  ? 7.402   1.965   -11.301 1.00 24.55 ? 87  ASP A CG  1 
ATOM   710 O  OD1 . ASP A 1 88  ? 6.879   2.754   -10.514 1.00 29.44 ? 87  ASP A OD1 1 
ATOM   711 O  OD2 . ASP A 1 88  ? 8.593   2.041   -11.667 1.00 32.48 ? 87  ASP A OD2 1 
ATOM   712 N  N   . LYS A 1 89  ? 5.269   -2.069  -11.638 1.00 22.31 ? 88  LYS A N   1 
ATOM   713 C  CA  . LYS A 1 89  ? 4.482   -3.211  -12.142 1.00 20.58 ? 88  LYS A CA  1 
ATOM   714 C  C   . LYS A 1 89  ? 3.246   -3.436  -11.296 1.00 20.62 ? 88  LYS A C   1 
ATOM   715 O  O   . LYS A 1 89  ? 2.154   -3.611  -11.818 1.00 22.58 ? 88  LYS A O   1 
ATOM   716 C  CB  . LYS A 1 89  ? 5.311   -4.496  -12.149 1.00 21.13 ? 88  LYS A CB  1 
ATOM   717 C  CG  . LYS A 1 89  ? 4.594   -5.697  -12.742 1.00 25.91 ? 88  LYS A CG  1 
ATOM   718 N  N   . ASN A 1 90  ? 3.427   -3.396  -9.981  1.00 19.82 ? 89  ASN A N   1 
ATOM   719 C  CA  . ASN A 1 90  ? 2.290   -3.533  -9.057  1.00 19.73 ? 89  ASN A CA  1 
ATOM   720 C  C   . ASN A 1 90  ? 1.232   -2.425  -9.054  1.00 20.76 ? 89  ASN A C   1 
ATOM   721 O  O   . ASN A 1 90  ? 0.057   -2.716  -8.928  1.00 20.63 ? 89  ASN A O   1 
ATOM   722 C  CB  . ASN A 1 90  ? 2.766   -3.835  -7.647  1.00 21.13 ? 89  ASN A CB  1 
ATOM   723 C  CG  . ASN A 1 90  ? 3.124   -5.309  -7.485  1.00 18.29 ? 89  ASN A CG  1 
ATOM   724 O  OD1 . ASN A 1 90  ? 2.256   -6.113  -7.121  1.00 23.33 ? 89  ASN A OD1 1 
ATOM   725 N  ND2 . ASN A 1 90  ? 4.395   -5.683  -7.798  1.00 21.73 ? 89  ASN A ND2 1 
ATOM   726 N  N   . ILE A 1 91  ? 1.662   -1.172  -9.219  1.00 20.03 ? 90  ILE A N   1 
ATOM   727 C  CA  . ILE A 1 91  ? 0.753   -0.065  -9.380  1.00 21.95 ? 90  ILE A CA  1 
ATOM   728 C  C   . ILE A 1 91  ? -0.056  -0.284  -10.646 1.00 19.69 ? 90  ILE A C   1 
ATOM   729 O  O   . ILE A 1 91  ? -1.273  -0.122  -10.617 1.00 21.05 ? 90  ILE A O   1 
ATOM   730 C  CB  . ILE A 1 91  ? 1.479   1.291   -9.388  1.00 21.63 ? 90  ILE A CB  1 
ATOM   731 C  CG1 . ILE A 1 91  ? 1.990   1.608   -7.975  1.00 21.12 ? 90  ILE A CG1 1 
ATOM   732 C  CG2 . ILE A 1 91  ? 0.537   2.369   -9.845  1.00 22.30 ? 90  ILE A CG2 1 
ATOM   733 C  CD1 . ILE A 1 91  ? 3.095   2.684   -7.916  1.00 21.49 ? 90  ILE A CD1 1 
ATOM   734 N  N   . SER A 1 92  ? 0.601   -0.672  -11.743 1.00 19.70 ? 91  SER A N   1 
ATOM   735 C  CA  A SER A 1 92  ? -0.107  -1.004  -12.989 0.50 20.88 ? 91  SER A CA  1 
ATOM   736 C  CA  B SER A 1 92  ? -0.111  -0.997  -12.983 0.50 20.59 ? 91  SER A CA  1 
ATOM   737 C  C   . SER A 1 92  ? -1.133  -2.132  -12.806 1.00 19.21 ? 91  SER A C   1 
ATOM   738 O  O   . SER A 1 92  ? -2.282  -2.017  -13.261 1.00 21.51 ? 91  SER A O   1 
ATOM   739 C  CB  A SER A 1 92  ? 0.874   -1.382  -14.114 0.50 20.03 ? 91  SER A CB  1 
ATOM   740 C  CB  B SER A 1 92  ? 0.873   -1.348  -14.109 0.50 19.61 ? 91  SER A CB  1 
ATOM   741 O  OG  A SER A 1 92  ? 1.786   -0.335  -14.381 0.50 24.49 ? 91  SER A OG  1 
ATOM   742 O  OG  B SER A 1 92  ? 0.180   -1.617  -15.313 0.50 21.43 ? 91  SER A OG  1 
ATOM   743 N  N   . LEU A 1 93  ? -0.714  -3.232  -12.168 1.00 19.90 ? 92  LEU A N   1 
ATOM   744 C  CA  . LEU A 1 93  ? -1.613  -4.363  -11.875 1.00 20.48 ? 92  LEU A CA  1 
ATOM   745 C  C   . LEU A 1 93  ? -2.807  -3.933  -11.022 1.00 17.32 ? 92  LEU A C   1 
ATOM   746 O  O   . LEU A 1 93  ? -3.938  -4.363  -11.262 1.00 21.21 ? 92  LEU A O   1 
ATOM   747 C  CB  . LEU A 1 93  ? -0.844  -5.509  -11.210 1.00 18.73 ? 92  LEU A CB  1 
ATOM   748 C  CG  . LEU A 1 93  ? 0.139   -6.294  -12.104 1.00 23.69 ? 92  LEU A CG  1 
ATOM   749 C  CD1 . LEU A 1 93  ? 1.032   -7.211  -11.227 1.00 25.22 ? 92  LEU A CD1 1 
ATOM   750 C  CD2 . LEU A 1 93  ? -0.605  -7.120  -13.146 1.00 24.70 ? 92  LEU A CD2 1 
ATOM   751 N  N   . PHE A 1 94  ? -2.556  -3.063  -10.048 1.00 20.36 ? 93  PHE A N   1 
ATOM   752 C  CA  . PHE A 1 94  ? -3.597  -2.522  -9.163  1.00 17.64 ? 93  PHE A CA  1 
ATOM   753 C  C   . PHE A 1 94  ? -4.665  -1.782  -9.980  1.00 20.20 ? 93  PHE A C   1 
ATOM   754 O  O   . PHE A 1 94  ? -5.850  -2.068  -9.906  1.00 19.64 ? 93  PHE A O   1 
ATOM   755 C  CB  . PHE A 1 94  ? -2.992  -1.614  -8.079  1.00 20.58 ? 93  PHE A CB  1 
ATOM   756 C  CG  . PHE A 1 94  ? -4.012  -0.970  -7.198  1.00 24.61 ? 93  PHE A CG  1 
ATOM   757 C  CD1 . PHE A 1 94  ? -4.566  -1.659  -6.144  1.00 23.68 ? 93  PHE A CD1 1 
ATOM   758 C  CD2 . PHE A 1 94  ? -4.508  0.293   -7.497  1.00 23.92 ? 93  PHE A CD2 1 
ATOM   759 C  CE1 . PHE A 1 94  ? -5.551  -1.085  -5.349  1.00 29.66 ? 93  PHE A CE1 1 
ATOM   760 C  CE2 . PHE A 1 94  ? -5.510  0.863   -6.717  1.00 27.26 ? 93  PHE A CE2 1 
ATOM   761 C  CZ  . PHE A 1 94  ? -6.003  0.167   -5.619  1.00 28.97 ? 93  PHE A CZ  1 
ATOM   762 N  N   . ILE A 1 95  ? -4.190  -0.854  -10.785 1.00 21.63 ? 94  ILE A N   1 
ATOM   763 C  CA  . ILE A 1 95  ? -5.075  -0.029  -11.647 1.00 22.49 ? 94  ILE A CA  1 
ATOM   764 C  C   . ILE A 1 95  ? -5.875  -0.888  -12.595 1.00 24.03 ? 94  ILE A C   1 
ATOM   765 O  O   . ILE A 1 95  ? -7.075  -0.658  -12.759 1.00 25.07 ? 94  ILE A O   1 
ATOM   766 C  CB  . ILE A 1 95  ? -4.277  1.029   -12.415 1.00 23.65 ? 94  ILE A CB  1 
ATOM   767 C  CG1 . ILE A 1 95  ? -3.748  2.065   -11.438 1.00 19.93 ? 94  ILE A CG1 1 
ATOM   768 C  CG2 . ILE A 1 95  ? -5.158  1.706   -13.497 1.00 20.44 ? 94  ILE A CG2 1 
ATOM   769 C  CD1 . ILE A 1 95  ? -2.774  3.104   -12.003 1.00 21.79 ? 94  ILE A CD1 1 
ATOM   770 N  N   . GLU A 1 96  ? -5.242  -1.929  -13.136 1.00 23.19 ? 95  GLU A N   1 
ATOM   771 C  CA  . GLU A 1 96  ? -5.889  -2.886  -14.045 1.00 26.35 ? 95  GLU A CA  1 
ATOM   772 C  C   . GLU A 1 96  ? -6.921  -3.827  -13.391 1.00 24.15 ? 95  GLU A C   1 
ATOM   773 O  O   . GLU A 1 96  ? -7.650  -4.548  -14.107 1.00 21.59 ? 95  GLU A O   1 
ATOM   774 C  CB  . GLU A 1 96  ? -4.809  -3.722  -14.761 1.00 26.63 ? 95  GLU A CB  1 
ATOM   775 C  CG  . GLU A 1 96  ? -4.000  -2.918  -15.784 1.00 31.18 ? 95  GLU A CG  1 
ATOM   776 C  CD  . GLU A 1 96  ? -2.714  -3.604  -16.268 1.00 34.76 ? 95  GLU A CD  1 
ATOM   777 O  OE1 . GLU A 1 96  ? -2.300  -4.653  -15.724 1.00 49.11 ? 95  GLU A OE1 1 
ATOM   778 O  OE2 . GLU A 1 96  ? -2.111  -3.082  -17.232 1.00 55.98 ? 95  GLU A OE2 1 
ATOM   779 N  N   . GLY A 1 97  ? -6.971  -3.846  -12.057 1.00 22.67 ? 96  GLY A N   1 
ATOM   780 C  CA  . GLY A 1 97  ? -7.877  -4.691  -11.335 1.00 21.62 ? 96  GLY A CA  1 
ATOM   781 C  C   . GLY A 1 97  ? -7.400  -6.120  -11.170 1.00 19.37 ? 96  GLY A C   1 
ATOM   782 O  O   . GLY A 1 97  ? -8.220  -6.988  -10.849 1.00 22.31 ? 96  GLY A O   1 
ATOM   783 N  N   . GLU A 1 98  ? -6.079  -6.344  -11.289 1.00 19.89 ? 97  GLU A N   1 
ATOM   784 C  CA  . GLU A 1 98  ? -5.446  -7.671  -11.353 1.00 20.90 ? 97  GLU A CA  1 
ATOM   785 C  C   . GLU A 1 98  ? -4.738  -8.210  -10.099 1.00 17.33 ? 97  GLU A C   1 
ATOM   786 O  O   . GLU A 1 98  ? -4.269  -9.349  -10.111 1.00 21.83 ? 97  GLU A O   1 
ATOM   787 C  CB  . GLU A 1 98  ? -4.493  -7.709  -12.557 1.00 20.40 ? 97  GLU A CB  1 
ATOM   788 C  CG  . GLU A 1 98  ? -5.248  -7.461  -13.855 1.00 20.89 ? 97  GLU A CG  1 
ATOM   789 C  CD  . GLU A 1 98  ? -4.465  -7.717  -15.115 1.00 30.83 ? 97  GLU A CD  1 
ATOM   790 O  OE1 . GLU A 1 98  ? -3.314  -8.197  -15.039 1.00 50.30 ? 97  GLU A OE1 1 
ATOM   791 O  OE2 . GLU A 1 98  ? -5.027  -7.427  -16.197 1.00 41.10 ? 97  GLU A OE2 1 
ATOM   792 N  N   . LEU A 1 99  ? -4.728  -7.449  -9.007  1.00 19.99 ? 98  LEU A N   1 
ATOM   793 C  CA  . LEU A 1 99  ? -4.241  -7.888  -7.674  1.00 18.29 ? 98  LEU A CA  1 
ATOM   794 C  C   . LEU A 1 99  ? -5.363  -8.475  -6.847  1.00 18.12 ? 98  LEU A C   1 
ATOM   795 O  O   . LEU A 1 99  ? -6.552  -7.995  -6.853  1.00 18.89 ? 98  LEU A O   1 
ATOM   796 C  CB  . LEU A 1 99  ? -3.575  -6.732  -6.881  1.00 18.05 ? 98  LEU A CB  1 
ATOM   797 C  CG  . LEU A 1 99  ? -2.297  -6.120  -7.454  1.00 20.27 ? 98  LEU A CG  1 
ATOM   798 C  CD1 . LEU A 1 99  ? -1.723  -5.047  -6.472  1.00 20.96 ? 98  LEU A CD1 1 
ATOM   799 C  CD2 . LEU A 1 99  ? -1.193  -7.161  -7.840  1.00 20.74 ? 98  LEU A CD2 1 
ATOM   800 N  N   . SER A 1 100 ? -4.973  -9.510  -6.128  1.00 20.70 ? 99  SER A N   1 
ATOM   801 C  CA  A SER A 1 100 ? -5.868  -10.224 -5.214  0.70 18.49 ? 99  SER A CA  1 
ATOM   802 C  CA  B SER A 1 100 ? -5.868  -10.242 -5.236  0.30 19.20 ? 99  SER A CA  1 
ATOM   803 C  C   . SER A 1 100 ? -5.973  -9.521  -3.876  1.00 19.82 ? 99  SER A C   1 
ATOM   804 O  O   . SER A 1 100 ? -4.988  -8.926  -3.387  1.00 19.37 ? 99  SER A O   1 
ATOM   805 C  CB  A SER A 1 100 ? -5.341  -11.614 -5.006  0.70 19.71 ? 99  SER A CB  1 
ATOM   806 C  CB  B SER A 1 100 ? -5.381  -11.687 -5.083  0.30 19.54 ? 99  SER A CB  1 
ATOM   807 O  OG  A SER A 1 100 ? -5.408  -12.270 -6.210  0.70 17.83 ? 99  SER A OG  1 
ATOM   808 O  OG  B SER A 1 100 ? -4.290  -11.782 -4.181  0.30 19.22 ? 99  SER A OG  1 
ATOM   809 N  N   . LYS A 1 101 ? -7.172  -9.556  -3.304  1.00 18.39 ? 100 LYS A N   1 
ATOM   810 C  CA  . LYS A 1 101 ? -7.487  -8.929  -2.026  1.00 20.45 ? 100 LYS A CA  1 
ATOM   811 C  C   . LYS A 1 101 ? -7.207  -9.935  -0.916  1.00 20.46 ? 100 LYS A C   1 
ATOM   812 O  O   . LYS A 1 101 ? -7.667  -11.094 -0.965  1.00 19.90 ? 100 LYS A O   1 
ATOM   813 C  CB  . LYS A 1 101 ? -8.964  -8.461  -2.053  1.00 22.04 ? 100 LYS A CB  1 
ATOM   814 C  CG  . LYS A 1 101 ? -9.420  -7.605  -0.881  1.00 33.10 ? 100 LYS A CG  1 
ATOM   815 C  CD  . LYS A 1 101 ? -10.869 -7.126  -1.102  1.00 33.60 ? 100 LYS A CD  1 
ATOM   816 C  CE  . LYS A 1 101 ? -11.304 -6.178  -0.003  1.00 37.60 ? 100 LYS A CE  1 
ATOM   817 N  NZ  . LYS A 1 101 ? -12.677 -5.609  -0.299  1.00 43.98 ? 100 LYS A NZ  1 
ATOM   818 N  N   . ILE A 1 102 ? -6.433  -9.515  0.077   1.00 21.49 ? 101 ILE A N   1 
ATOM   819 C  CA  . ILE A 1 102 ? -6.077  -10.394 1.181   1.00 23.68 ? 101 ILE A CA  1 
ATOM   820 C  C   . ILE A 1 102 ? -7.297  -10.598 2.062   1.00 22.08 ? 101 ILE A C   1 
ATOM   821 O  O   . ILE A 1 102 ? -7.939  -9.647  2.470   1.00 22.77 ? 101 ILE A O   1 
ATOM   822 C  CB  . ILE A 1 102 ? -4.878  -9.834  1.975   1.00 21.41 ? 101 ILE A CB  1 
ATOM   823 C  CG1 . ILE A 1 102 ? -3.611  -9.804  1.105   1.00 21.04 ? 101 ILE A CG1 1 
ATOM   824 C  CG2 . ILE A 1 102 ? -4.685  -10.673 3.304   1.00 23.18 ? 101 ILE A CG2 1 
ATOM   825 C  CD1 . ILE A 1 102 ? -2.371  -9.090  1.714   1.00 28.39 ? 101 ILE A CD1 1 
ATOM   826 N  N   . SER A 1 103 ? -7.662  -11.863 2.323   1.00 26.15 ? 102 SER A N   1 
ATOM   827 C  CA  . SER A 1 103 ? -8.781  -12.199 3.233   1.00 23.91 ? 102 SER A CA  1 
ATOM   828 C  C   . SER A 1 103 ? -8.334  -12.677 4.629   1.00 23.27 ? 102 SER A C   1 
ATOM   829 O  O   . SER A 1 103 ? -9.106  -12.580 5.585   1.00 24.19 ? 102 SER A O   1 
ATOM   830 C  CB  . SER A 1 103 ? -9.664  -13.276 2.631   1.00 26.13 ? 102 SER A CB  1 
ATOM   831 O  OG  . SER A 1 103 ? -8.832  -14.233 2.074   1.00 30.08 ? 102 SER A OG  1 
ATOM   832 N  N   . ASN A 1 104 ? -7.150  -13.261 4.712   1.00 23.69 ? 103 ASN A N   1 
ATOM   833 C  CA  . ASN A 1 104 ? -6.543  -13.630 5.980   1.00 27.59 ? 103 ASN A CA  1 
ATOM   834 C  C   . ASN A 1 104 ? -5.076  -13.481 5.755   1.00 29.13 ? 103 ASN A C   1 
ATOM   835 O  O   . ASN A 1 104 ? -4.582  -13.865 4.698   1.00 31.49 ? 103 ASN A O   1 
ATOM   836 C  CB  . ASN A 1 104 ? -6.814  -15.092 6.387   1.00 28.10 ? 103 ASN A CB  1 
ATOM   837 C  CG  . ASN A 1 104 ? -8.245  -15.328 6.798   1.00 28.22 ? 103 ASN A CG  1 
ATOM   838 O  OD1 . ASN A 1 104 ? -9.017  -15.936 6.060   1.00 30.06 ? 103 ASN A OD1 1 
ATOM   839 N  ND2 . ASN A 1 104 ? -8.625  -14.791 7.948   1.00 24.57 ? 103 ASN A ND2 1 
ATOM   840 N  N   . PRO A 1 105 ? -4.358  -12.962 6.754   1.00 32.80 ? 104 PRO A N   1 
ATOM   841 C  CA  . PRO A 1 105 ? -2.928  -12.839 6.576   1.00 34.39 ? 104 PRO A CA  1 
ATOM   842 C  C   . PRO A 1 105 ? -2.212  -14.193 6.679   1.00 34.43 ? 104 PRO A C   1 
ATOM   843 O  O   . PRO A 1 105 ? -1.031  -14.266 6.347   1.00 35.99 ? 104 PRO A O   1 
ATOM   844 C  CB  . PRO A 1 105 ? -2.530  -11.894 7.706   1.00 33.67 ? 104 PRO A CB  1 
ATOM   845 C  CG  . PRO A 1 105 ? -3.530  -12.074 8.735   1.00 36.74 ? 104 PRO A CG  1 
ATOM   846 C  CD  . PRO A 1 105 ? -4.795  -12.495 8.085   1.00 35.53 ? 104 PRO A CD  1 
ATOM   847 O  OXT . PRO A 1 105 ? -2.791  -15.239 7.034   1.00 29.62 ? 104 PRO A OXT 1 
HETATM 848 C  C   . TRS B 2 .   ? -4.641  -15.743 -6.495  0.50 24.65 ? 105 TRS A C   1 
HETATM 849 C  C1  . TRS B 2 .   ? -5.358  -15.194 -5.270  0.50 25.01 ? 105 TRS A C1  1 
HETATM 850 C  C2  . TRS B 2 .   ? -3.173  -16.108 -6.201  0.50 28.12 ? 105 TRS A C2  1 
HETATM 851 C  C3  . TRS B 2 .   ? -4.776  -14.761 -7.651  0.50 24.07 ? 105 TRS A C3  1 
HETATM 852 N  N   . TRS B 2 .   ? -5.350  -16.943 -6.720  0.50 27.28 ? 105 TRS A N   1 
HETATM 853 O  O1  . TRS B 2 .   ? -6.726  -14.825 -5.273  0.50 8.61  ? 105 TRS A O1  1 
HETATM 854 O  O2  . TRS B 2 .   ? -2.458  -15.322 -5.271  0.50 35.06 ? 105 TRS A O2  1 
HETATM 855 O  O3  . TRS B 2 .   ? -4.328  -15.070 -8.946  0.50 17.11 ? 105 TRS A O3  1 
HETATM 856 C  C2  . PG4 C 3 .   ? 9.774   -5.746  12.138  0.70 45.65 ? 106 PG4 A C2  1 
HETATM 857 O  O2  . PG4 C 3 .   ? 10.989  -6.497  12.020  0.70 44.72 ? 106 PG4 A O2  1 
HETATM 858 C  C3  . PG4 C 3 .   ? 10.932  -7.613  11.111  0.70 38.55 ? 106 PG4 A C3  1 
HETATM 859 C  C4  . PG4 C 3 .   ? 12.226  -7.698  10.303  0.70 34.84 ? 106 PG4 A C4  1 
HETATM 860 O  O3  . PG4 C 3 .   ? 12.643  -6.373  9.983   0.70 28.80 ? 106 PG4 A O3  1 
HETATM 861 C  C5  . PG4 C 3 .   ? 13.819  -6.318  9.177   0.70 25.34 ? 106 PG4 A C5  1 
HETATM 862 C  C6  . PG4 C 3 .   ? 14.320  -4.889  9.093   0.70 24.68 ? 106 PG4 A C6  1 
HETATM 863 O  O4  . PG4 C 3 .   ? 14.457  -4.340  10.397  0.70 29.75 ? 106 PG4 A O4  1 
HETATM 864 C  C7  . PG4 C 3 .   ? 15.232  -3.150  10.431  0.70 31.93 ? 106 PG4 A C7  1 
HETATM 865 C  C8  . PG4 C 3 .   ? 15.228  -2.488  11.810  0.70 40.08 ? 106 PG4 A C8  1 
HETATM 866 O  O5  . PG4 C 3 .   ? 14.190  -2.959  12.665  0.70 34.10 ? 106 PG4 A O5  1 
HETATM 867 C  C4  . PG4 D 3 .   ? -6.712  13.563  -0.096  1.00 58.68 ? 107 PG4 A C4  1 
HETATM 868 O  O3  . PG4 D 3 .   ? -5.317  13.819  0.083   1.00 58.55 ? 107 PG4 A O3  1 
HETATM 869 C  C5  . PG4 D 3 .   ? -5.073  14.785  1.110   1.00 57.12 ? 107 PG4 A C5  1 
HETATM 870 C  C6  . PG4 D 3 .   ? -3.608  14.714  1.546   1.00 57.47 ? 107 PG4 A C6  1 
HETATM 871 O  O4  . PG4 D 3 .   ? -3.462  14.951  2.951   1.00 56.14 ? 107 PG4 A O4  1 
HETATM 872 C  C7  . PG4 D 3 .   ? -3.701  13.837  3.808   1.00 59.04 ? 107 PG4 A C7  1 
HETATM 873 C  C8  . PG4 D 3 .   ? -3.160  14.194  5.177   1.00 59.91 ? 107 PG4 A C8  1 
HETATM 874 O  O5  . PG4 D 3 .   ? -1.746  14.332  5.029   1.00 63.74 ? 107 PG4 A O5  1 
HETATM 875 C  C4  . PG4 E 3 .   ? -6.094  -4.696  -8.598  1.00 14.47 ? 108 PG4 A C4  1 
HETATM 876 O  O3  . PG4 E 3 .   ? -6.877  -4.604  -7.441  1.00 30.66 ? 108 PG4 A O3  1 
HETATM 877 C  C5  . PG4 E 3 .   ? -8.217  -4.146  -7.627  1.00 41.21 ? 108 PG4 A C5  1 
HETATM 878 C  C6  . PG4 E 3 .   ? -8.183  -2.626  -7.595  1.00 43.94 ? 108 PG4 A C6  1 
HETATM 879 O  O4  . PG4 E 3 .   ? -8.968  -2.050  -8.622  1.00 53.66 ? 108 PG4 A O4  1 
HETATM 880 C  C7  . PG4 E 3 .   ? -9.403  -0.728  -8.285  1.00 49.46 ? 108 PG4 A C7  1 
HETATM 881 C  C8  . PG4 E 3 .   ? -10.702 -0.760  -7.494  1.00 48.66 ? 108 PG4 A C8  1 
HETATM 882 O  O1  . PG4 F 3 .   ? -2.216  0.055   -15.723 0.50 26.46 ? 109 PG4 A O1  1 
HETATM 883 C  C1  . PG4 F 3 .   ? -1.742  1.395   -15.921 0.50 28.73 ? 109 PG4 A C1  1 
HETATM 884 C  C2  . PG4 F 3 .   ? -0.270  1.508   -15.520 0.50 31.46 ? 109 PG4 A C2  1 
HETATM 885 O  O2  . PG4 F 3 .   ? -0.059  2.726   -14.793 0.50 39.79 ? 109 PG4 A O2  1 
HETATM 886 C  C3  . PG4 F 3 .   ? 0.550   2.675   -13.499 0.50 38.26 ? 109 PG4 A C3  1 
HETATM 887 C  C4  . PG4 F 3 .   ? 1.970   3.224   -13.550 0.50 37.60 ? 109 PG4 A C4  1 
HETATM 888 O  O3  . PG4 F 3 .   ? 2.888   2.240   -13.076 0.50 27.89 ? 109 PG4 A O3  1 
HETATM 889 O  O1  . PG4 G 3 .   ? 16.188  6.955   7.671   1.00 39.76 ? 110 PG4 A O1  1 
HETATM 890 C  C1  . PG4 G 3 .   ? 14.942  7.583   8.026   1.00 37.74 ? 110 PG4 A C1  1 
HETATM 891 C  C2  . PG4 G 3 .   ? 14.235  6.923   9.208   1.00 31.91 ? 110 PG4 A C2  1 
HETATM 892 O  O2  . PG4 G 3 .   ? 13.727  5.619   8.900   1.00 37.63 ? 110 PG4 A O2  1 
HETATM 893 C  C3  . PG4 G 3 .   ? 12.969  5.075   9.980   1.00 37.97 ? 110 PG4 A C3  1 
HETATM 894 C  C4  . PG4 G 3 .   ? 12.625  3.615   9.732   1.00 36.26 ? 110 PG4 A C4  1 
HETATM 895 O  O3  . PG4 G 3 .   ? 13.819  2.843   9.529   1.00 42.89 ? 110 PG4 A O3  1 
HETATM 896 C  C5  . PG4 G 3 .   ? 14.006  1.776   10.460  1.00 46.24 ? 110 PG4 A C5  1 
HETATM 897 C  C6  . PG4 G 3 .   ? 15.241  0.936   10.135  1.00 46.59 ? 110 PG4 A C6  1 
HETATM 898 O  O4  . PG4 G 3 .   ? 16.047  1.566   9.146   1.00 44.87 ? 110 PG4 A O4  1 
HETATM 899 C  C7  . PG4 G 3 .   ? 17.189  0.804   8.783   1.00 40.66 ? 110 PG4 A C7  1 
HETATM 900 C  C8  . PG4 G 3 .   ? 18.367  1.721   8.545   1.00 43.32 ? 110 PG4 A C8  1 
HETATM 901 O  O5  . PG4 G 3 .   ? 18.309  2.105   7.175   1.00 36.30 ? 110 PG4 A O5  1 
HETATM 902 O  O1  . PG4 H 3 .   ? 15.787  5.623   2.050   1.00 59.06 ? 111 PG4 A O1  1 
HETATM 903 C  C1  . PG4 H 3 .   ? 14.459  6.052   1.699   1.00 57.70 ? 111 PG4 A C1  1 
HETATM 904 C  C2  . PG4 H 3 .   ? 14.334  6.333   0.207   1.00 54.11 ? 111 PG4 A C2  1 
HETATM 905 O  O2  . PG4 H 3 .   ? 13.286  7.260   -0.084  1.00 55.14 ? 111 PG4 A O2  1 
HETATM 906 C  C3  . PG4 H 3 .   ? 13.638  8.630   0.158   1.00 55.09 ? 111 PG4 A C3  1 
HETATM 907 O  O1  . PG4 I 3 .   ? 5.987   5.125   -8.141  0.50 37.04 ? 112 PG4 A O1  1 
HETATM 908 C  C1  . PG4 I 3 .   ? 7.243   5.758   -8.339  0.50 28.24 ? 112 PG4 A C1  1 
HETATM 909 C  C2  . PG4 I 3 .   ? 8.331   4.804   -7.875  0.50 31.66 ? 112 PG4 A C2  1 
HETATM 910 O  O2  . PG4 I 3 .   ? 8.650   5.179   -6.543  0.50 35.18 ? 112 PG4 A O2  1 
HETATM 911 C  C3  . PG4 I 3 .   ? 9.710   4.444   -5.944  0.50 33.65 ? 112 PG4 A C3  1 
HETATM 912 C  C4  . PG4 I 3 .   ? 10.112  5.143   -4.654  0.50 39.62 ? 112 PG4 A C4  1 
HETATM 913 O  O3  . PG4 I 3 .   ? 10.141  6.556   -4.829  0.50 40.23 ? 112 PG4 A O3  1 
HETATM 914 C  C5  . PG4 I 3 .   ? 10.530  7.258   -3.647  0.50 38.18 ? 112 PG4 A C5  1 
HETATM 915 O  O   . HOH J 4 .   ? 5.205   -6.215  2.139   1.00 20.13 ? 113 HOH A O   1 
HETATM 916 O  O   . HOH J 4 .   ? -2.222  -10.304 -5.923  1.00 18.80 ? 114 HOH A O   1 
HETATM 917 O  O   . HOH J 4 .   ? 4.729   -1.064  9.763   1.00 24.58 ? 115 HOH A O   1 
HETATM 918 O  O   . HOH J 4 .   ? -4.826  5.204   6.040   1.00 21.74 ? 116 HOH A O   1 
HETATM 919 O  O   . HOH J 4 .   ? 8.215   12.274  0.164   1.00 33.93 ? 117 HOH A O   1 
HETATM 920 O  O   . HOH J 4 .   ? 8.448   9.970   7.433   1.00 28.65 ? 118 HOH A O   1 
HETATM 921 O  O   . HOH J 4 .   ? -8.692  -6.788  2.194   1.00 31.13 ? 119 HOH A O   1 
HETATM 922 O  O   . HOH J 4 .   ? -2.245  -10.685 -11.348 1.00 30.69 ? 120 HOH A O   1 
HETATM 923 O  O   . HOH J 4 .   ? 5.937   12.461  4.733   1.00 26.79 ? 121 HOH A O   1 
HETATM 924 O  O   . HOH J 4 .   ? 6.893   -7.266  -9.549  1.00 30.13 ? 122 HOH A O   1 
HETATM 925 O  O   . HOH J 4 .   ? 10.138  -1.706  -6.716  1.00 31.35 ? 123 HOH A O   1 
HETATM 926 O  O   . HOH J 4 .   ? -10.542 -11.534 -0.173  1.00 27.40 ? 124 HOH A O   1 
HETATM 927 O  O   . HOH J 4 .   ? -2.434  -13.536 3.077   1.00 38.38 ? 125 HOH A O   1 
HETATM 928 O  O   . HOH J 4 .   ? 0.287   -12.034 5.398   1.00 34.95 ? 126 HOH A O   1 
HETATM 929 O  O   . HOH J 4 .   ? 4.474   -9.456  -11.348 1.00 42.47 ? 127 HOH A O   1 
HETATM 930 O  O   . HOH J 4 .   ? 7.948   11.170  -2.891  1.00 37.23 ? 128 HOH A O   1 
HETATM 931 O  O   . HOH J 4 .   ? 6.358   11.905  7.263   1.00 46.16 ? 129 HOH A O   1 
HETATM 932 O  O   . HOH J 4 .   ? -3.809  -12.137 -8.495  1.00 27.50 ? 130 HOH A O   1 
HETATM 933 O  O   . HOH J 4 .   ? 10.623  -8.222  -0.870  1.00 36.96 ? 131 HOH A O   1 
HETATM 934 O  O   . HOH J 4 .   ? 7.388   -8.596  9.833   1.00 43.40 ? 132 HOH A O   1 
HETATM 935 O  O   . HOH J 4 .   ? -9.395  -8.097  -5.876  1.00 32.55 ? 133 HOH A O   1 
HETATM 936 O  O   . HOH J 4 .   ? -9.727  14.102  -16.606 1.00 43.05 ? 134 HOH A O   1 
HETATM 937 O  O   . HOH J 4 .   ? 1.019   -0.447  12.589  1.00 48.86 ? 135 HOH A O   1 
HETATM 938 O  O   . HOH J 4 .   ? 15.546  -0.927  2.514   1.00 35.39 ? 136 HOH A O   1 
HETATM 939 O  O   . HOH J 4 .   ? 11.744  -6.711  3.279   1.00 37.40 ? 137 HOH A O   1 
HETATM 940 O  O   . HOH J 4 .   ? 4.685   -9.662  9.310   1.00 46.51 ? 138 HOH A O   1 
HETATM 941 O  O   . HOH J 4 .   ? 10.855  11.888  -0.422  1.00 40.92 ? 139 HOH A O   1 
HETATM 942 O  O   . HOH J 4 .   ? 7.978   8.905   9.885   1.00 44.35 ? 140 HOH A O   1 
HETATM 943 O  O   . HOH J 4 .   ? 5.552   10.548  10.175  1.00 40.53 ? 141 HOH A O   1 
HETATM 944 O  O   . HOH J 4 .   ? -2.980  7.978   13.899  1.00 43.11 ? 142 HOH A O   1 
HETATM 945 O  O   . HOH J 4 .   ? 0.077   11.711  7.190   1.00 36.00 ? 143 HOH A O   1 
HETATM 946 O  O   . HOH J 4 .   ? -10.216 -5.394  4.037   1.00 42.61 ? 144 HOH A O   1 
HETATM 947 O  O   . HOH J 4 .   ? 1.865   -10.727 -11.766 1.00 36.51 ? 145 HOH A O   1 
HETATM 948 O  O   . HOH J 4 .   ? 9.048   -9.410  8.037   1.00 50.07 ? 146 HOH A O   1 
HETATM 949 O  O   . HOH J 4 .   ? -0.580  -2.594  15.063  1.00 47.01 ? 147 HOH A O   1 
HETATM 950 O  O   . HOH J 4 .   ? 11.916  -1.138  9.119   1.00 33.77 ? 148 HOH A O   1 
HETATM 951 O  O   . HOH J 4 .   ? 9.377   8.257   15.247  1.00 46.31 ? 149 HOH A O   1 
HETATM 952 O  O   . HOH J 4 .   ? 0.219   1.728   11.854  1.00 52.15 ? 150 HOH A O   1 
HETATM 953 O  O   . HOH J 4 .   ? -8.748  4.791   5.281   1.00 26.34 ? 151 HOH A O   1 
HETATM 954 O  O   . HOH J 4 .   ? 10.419  2.593   -9.140  1.00 56.65 ? 152 HOH A O   1 
HETATM 955 O  O   . HOH J 4 .   ? -2.148  -10.498 -13.880 1.00 35.35 ? 153 HOH A O   1 
HETATM 956 O  O   . HOH J 4 .   ? -7.019  4.436   7.473   1.00 52.66 ? 154 HOH A O   1 
HETATM 957 O  O   . HOH J 4 .   ? -11.206 -3.862  -9.192  1.00 40.95 ? 155 HOH A O   1 
HETATM 958 O  O   . HOH J 4 .   ? 11.895  11.196  2.034   1.00 54.60 ? 156 HOH A O   1 
HETATM 959 O  O   . HOH J 4 .   ? -4.564  -15.781 9.064   1.00 42.40 ? 157 HOH A O   1 
HETATM 960 O  O   . HOH J 4 .   ? 5.491   -1.679  -15.122 1.00 52.03 ? 158 HOH A O   1 
HETATM 961 O  O   . HOH J 4 .   ? 8.119   -2.023  -14.449 1.00 46.21 ? 159 HOH A O   1 
HETATM 962 O  O   . HOH J 4 .   ? -7.616  10.191  1.783   1.00 36.72 ? 160 HOH A O   1 
HETATM 963 O  O   . HOH J 4 .   ? -0.169  -9.711  14.953  1.00 47.44 ? 161 HOH A O   1 
HETATM 964 O  O   . HOH J 4 .   ? -11.049 -5.968  11.779  1.00 54.48 ? 162 HOH A O   1 
HETATM 965 O  O   . HOH J 4 .   ? 4.721   -11.539 -4.098  1.00 44.76 ? 163 HOH A O   1 
HETATM 966 O  O   . HOH J 4 .   ? 16.904  -2.678  0.967   1.00 44.07 ? 164 HOH A O   1 
HETATM 967 O  O   . HOH J 4 .   ? 3.540   -2.028  11.963  1.00 50.19 ? 165 HOH A O   1 
HETATM 968 O  O   . HOH J 4 .   ? 14.053  -1.482  7.195   1.00 40.61 ? 166 HOH A O   1 
HETATM 969 O  O   . HOH J 4 .   ? -1.145  -12.807 -5.272  1.00 46.35 ? 167 HOH A O   1 
HETATM 970 O  O   . HOH J 4 .   ? 7.700   -2.270  12.523  1.00 47.29 ? 168 HOH A O   1 
HETATM 971 O  O   . HOH J 4 .   ? 11.205  -0.280  11.563  1.00 60.28 ? 169 HOH A O   1 
HETATM 972 O  O   . HOH J 4 .   ? 13.194  -3.989  5.543   1.00 39.57 ? 170 HOH A O   1 
HETATM 973 O  O   . HOH J 4 .   ? -7.033  2.856   9.590   1.00 46.74 ? 171 HOH A O   1 
HETATM 974 O  O   . HOH J 4 .   ? -7.094  2.696   12.073  1.00 47.42 ? 172 HOH A O   1 
HETATM 975 O  O   . HOH J 4 .   ? -8.886  8.981   -1.984  1.00 44.61 ? 173 HOH A O   1 
HETATM 976 O  O   . HOH J 4 .   ? 8.207   -11.952 -3.995  1.00 45.63 ? 174 HOH A O   1 
HETATM 977 O  O   . HOH J 4 .   ? -1.637  4.643   -15.676 1.00 44.17 ? 175 HOH A O   1 
HETATM 978 O  O   . HOH J 4 .   ? 9.922   11.830  4.185   1.00 48.94 ? 176 HOH A O   1 
HETATM 979 O  O   . HOH J 4 .   ? -0.861  -11.335 3.381   1.00 41.00 ? 177 HOH A O   1 
# 
